data_2CCQ
# 
_entry.id   2CCQ 
# 
_audit_conform.dict_name       mmcif_pdbx.dic 
_audit_conform.dict_version    5.391 
_audit_conform.dict_location   http://mmcif.pdb.org/dictionaries/ascii/mmcif_pdbx.dic 
# 
loop_
_database_2.database_id 
_database_2.database_code 
_database_2.pdbx_database_accession 
_database_2.pdbx_DOI 
PDB   2CCQ         pdb_00002ccq 10.2210/pdb2ccq/pdb 
PDBE  EBI-27257    ?            ?                   
WWPDB D_1290027257 ?            ?                   
# 
loop_
_pdbx_audit_revision_history.ordinal 
_pdbx_audit_revision_history.data_content_type 
_pdbx_audit_revision_history.major_revision 
_pdbx_audit_revision_history.minor_revision 
_pdbx_audit_revision_history.revision_date 
1 'Structure model' 1 0 2006-06-28 
2 'Structure model' 1 1 2011-05-08 
3 'Structure model' 1 2 2011-07-13 
4 'Structure model' 1 3 2018-01-24 
5 'Structure model' 1 4 2024-05-08 
# 
_pdbx_audit_revision_details.ordinal             1 
_pdbx_audit_revision_details.revision_ordinal    1 
_pdbx_audit_revision_details.data_content_type   'Structure model' 
_pdbx_audit_revision_details.provider            repository 
_pdbx_audit_revision_details.type                'Initial release' 
_pdbx_audit_revision_details.description         ? 
_pdbx_audit_revision_details.details             ? 
# 
loop_
_pdbx_audit_revision_group.ordinal 
_pdbx_audit_revision_group.revision_ordinal 
_pdbx_audit_revision_group.data_content_type 
_pdbx_audit_revision_group.group 
1 2 'Structure model' 'Version format compliance' 
2 3 'Structure model' 'Version format compliance' 
3 4 'Structure model' 'Source and taxonomy'       
4 5 'Structure model' 'Data collection'           
5 5 'Structure model' 'Database references'       
6 5 'Structure model' Other                       
# 
loop_
_pdbx_audit_revision_category.ordinal 
_pdbx_audit_revision_category.revision_ordinal 
_pdbx_audit_revision_category.data_content_type 
_pdbx_audit_revision_category.category 
1 4 'Structure model' entity_src_gen       
2 5 'Structure model' chem_comp_atom       
3 5 'Structure model' chem_comp_bond       
4 5 'Structure model' database_2           
5 5 'Structure model' pdbx_database_status 
# 
loop_
_pdbx_audit_revision_item.ordinal 
_pdbx_audit_revision_item.revision_ordinal 
_pdbx_audit_revision_item.data_content_type 
_pdbx_audit_revision_item.item 
1 4 'Structure model' '_entity_src_gen.pdbx_host_org_ncbi_taxonomy_id' 
2 4 'Structure model' '_entity_src_gen.pdbx_host_org_scientific_name'  
3 4 'Structure model' '_entity_src_gen.pdbx_host_org_strain'           
4 4 'Structure model' '_entity_src_gen.pdbx_host_org_variant'          
5 5 'Structure model' '_database_2.pdbx_DOI'                           
6 5 'Structure model' '_database_2.pdbx_database_accession'            
7 5 'Structure model' '_pdbx_database_status.status_code_sf'           
# 
_pdbx_database_status.status_code                     REL 
_pdbx_database_status.entry_id                        2CCQ 
_pdbx_database_status.deposit_site                    PDBE 
_pdbx_database_status.process_site                    PDBE 
_pdbx_database_status.SG_entry                        . 
_pdbx_database_status.recvd_initial_deposition_date   2006-01-17 
_pdbx_database_status.pdb_format_compatible           Y 
_pdbx_database_status.status_code_sf                  REL 
_pdbx_database_status.status_code_mr                  ? 
_pdbx_database_status.status_code_cs                  ? 
_pdbx_database_status.methods_development_category    ? 
_pdbx_database_status.status_code_nmr_data            ? 
# 
_pdbx_database_related.db_name        PDB 
_pdbx_database_related.db_id          2CM0 
_pdbx_database_related.content_type   unspecified 
_pdbx_database_related.details        'THE PUB DOMAIN FUNCTIONS AS A P97 BINDING MODULE IN HUMAN PEPTIDE N-GLYCANASE' 
# 
loop_
_audit_author.name 
_audit_author.pdbx_ordinal 
'Allen, M.D.'    1 
'Buchberger, A.' 2 
'Bycroft, M.'    3 
# 
_citation.id                        primary 
_citation.title                     'The Pub Domain Functions as a P97 Binding Module in Human Peptide N-Glycanase.' 
_citation.journal_abbrev            J.Biol.Chem. 
_citation.journal_volume            281 
_citation.page_first                25502 
_citation.page_last                 ? 
_citation.year                      2006 
_citation.journal_id_ASTM           JBCHA3 
_citation.country                   US 
_citation.journal_id_ISSN           0021-9258 
_citation.journal_id_CSD            0071 
_citation.book_publisher            ? 
_citation.pdbx_database_id_PubMed   16807242 
_citation.pdbx_database_id_DOI      10.1074/JBC.M601173200 
# 
loop_
_citation_author.citation_id 
_citation_author.name 
_citation_author.ordinal 
_citation_author.identifier_ORCID 
primary 'Allen, M.D.'    1 ? 
primary 'Buchberger, A.' 2 ? 
primary 'Bycroft, M.'    3 ? 
# 
loop_
_entity.id 
_entity.type 
_entity.src_method 
_entity.pdbx_description 
_entity.formula_weight 
_entity.pdbx_number_of_molecules 
_entity.pdbx_ec 
_entity.pdbx_mutation 
_entity.pdbx_fragment 
_entity.details 
1 polymer     man 'PEPTIDE N-GLYCANASE HOMOLOG' 11108.675 1   ? ? 'N-TERMINAL, RESIDUES 8-106' ? 
2 non-polymer syn GLYCEROL                      92.094    3   ? ? ?                            ? 
3 water       nat water                         18.015    134 ? ? ?                            ? 
# 
_entity_name_com.entity_id   1 
_entity_name_com.name        P97 
# 
_entity_poly.entity_id                      1 
_entity_poly.type                           'polypeptide(L)' 
_entity_poly.nstd_linkage                   no 
_entity_poly.nstd_monomer                   no 
_entity_poly.pdbx_seq_one_letter_code       
;GSASPAVAELCQNTPETFLEASKLLLTYADNILRNPNDEKYRSIRIGNTAFSTRLLPVRGAVECLFEMGFEEGETHLIFP
KKASVEQLQKIRDLIAIER
;
_entity_poly.pdbx_seq_one_letter_code_can   
;GSASPAVAELCQNTPETFLEASKLLLTYADNILRNPNDEKYRSIRIGNTAFSTRLLPVRGAVECLFEMGFEEGETHLIFP
KKASVEQLQKIRDLIAIER
;
_entity_poly.pdbx_strand_id                 A 
_entity_poly.pdbx_target_identifier         ? 
# 
loop_
_pdbx_entity_nonpoly.entity_id 
_pdbx_entity_nonpoly.name 
_pdbx_entity_nonpoly.comp_id 
2 GLYCEROL GOL 
3 water    HOH 
# 
loop_
_entity_poly_seq.entity_id 
_entity_poly_seq.num 
_entity_poly_seq.mon_id 
_entity_poly_seq.hetero 
1 1  GLY n 
1 2  SER n 
1 3  ALA n 
1 4  SER n 
1 5  PRO n 
1 6  ALA n 
1 7  VAL n 
1 8  ALA n 
1 9  GLU n 
1 10 LEU n 
1 11 CYS n 
1 12 GLN n 
1 13 ASN n 
1 14 THR n 
1 15 PRO n 
1 16 GLU n 
1 17 THR n 
1 18 PHE n 
1 19 LEU n 
1 20 GLU n 
1 21 ALA n 
1 22 SER n 
1 23 LYS n 
1 24 LEU n 
1 25 LEU n 
1 26 LEU n 
1 27 THR n 
1 28 TYR n 
1 29 ALA n 
1 30 ASP n 
1 31 ASN n 
1 32 ILE n 
1 33 LEU n 
1 34 ARG n 
1 35 ASN n 
1 36 PRO n 
1 37 ASN n 
1 38 ASP n 
1 39 GLU n 
1 40 LYS n 
1 41 TYR n 
1 42 ARG n 
1 43 SER n 
1 44 ILE n 
1 45 ARG n 
1 46 ILE n 
1 47 GLY n 
1 48 ASN n 
1 49 THR n 
1 50 ALA n 
1 51 PHE n 
1 52 SER n 
1 53 THR n 
1 54 ARG n 
1 55 LEU n 
1 56 LEU n 
1 57 PRO n 
1 58 VAL n 
1 59 ARG n 
1 60 GLY n 
1 61 ALA n 
1 62 VAL n 
1 63 GLU n 
1 64 CYS n 
1 65 LEU n 
1 66 PHE n 
1 67 GLU n 
1 68 MET n 
1 69 GLY n 
1 70 PHE n 
1 71 GLU n 
1 72 GLU n 
1 73 GLY n 
1 74 GLU n 
1 75 THR n 
1 76 HIS n 
1 77 LEU n 
1 78 ILE n 
1 79 PHE n 
1 80 PRO n 
1 81 LYS n 
1 82 LYS n 
1 83 ALA n 
1 84 SER n 
1 85 VAL n 
1 86 GLU n 
1 87 GLN n 
1 88 LEU n 
1 89 GLN n 
1 90 LYS n 
1 91 ILE n 
1 92 ARG n 
1 93 ASP n 
1 94 LEU n 
1 95 ILE n 
1 96 ALA n 
1 97 ILE n 
1 98 GLU n 
1 99 ARG n 
# 
_entity_src_gen.entity_id                          1 
_entity_src_gen.pdbx_src_id                        1 
_entity_src_gen.pdbx_alt_source_flag               sample 
_entity_src_gen.pdbx_seq_type                      ? 
_entity_src_gen.pdbx_beg_seq_num                   ? 
_entity_src_gen.pdbx_end_seq_num                   ? 
_entity_src_gen.gene_src_common_name               HUMAN 
_entity_src_gen.gene_src_genus                     ? 
_entity_src_gen.pdbx_gene_src_gene                 ? 
_entity_src_gen.gene_src_species                   ? 
_entity_src_gen.gene_src_strain                    ? 
_entity_src_gen.gene_src_tissue                    ? 
_entity_src_gen.gene_src_tissue_fraction           ? 
_entity_src_gen.gene_src_details                   ? 
_entity_src_gen.pdbx_gene_src_fragment             ? 
_entity_src_gen.pdbx_gene_src_scientific_name      'HOMO SAPIENS' 
_entity_src_gen.pdbx_gene_src_ncbi_taxonomy_id     9606 
_entity_src_gen.pdbx_gene_src_variant              ? 
_entity_src_gen.pdbx_gene_src_cell_line            ? 
_entity_src_gen.pdbx_gene_src_atcc                 ? 
_entity_src_gen.pdbx_gene_src_organ                ? 
_entity_src_gen.pdbx_gene_src_organelle            ? 
_entity_src_gen.pdbx_gene_src_cell                 ? 
_entity_src_gen.pdbx_gene_src_cellular_location    ? 
_entity_src_gen.host_org_common_name               ? 
_entity_src_gen.pdbx_host_org_scientific_name      'ESCHERICHIA COLI BL21(DE3)' 
_entity_src_gen.pdbx_host_org_ncbi_taxonomy_id     469008 
_entity_src_gen.host_org_genus                     ? 
_entity_src_gen.pdbx_host_org_gene                 ? 
_entity_src_gen.pdbx_host_org_organ                ? 
_entity_src_gen.host_org_species                   ? 
_entity_src_gen.pdbx_host_org_tissue               ? 
_entity_src_gen.pdbx_host_org_tissue_fraction      ? 
_entity_src_gen.pdbx_host_org_strain               ? 
_entity_src_gen.pdbx_host_org_variant              C41 
_entity_src_gen.pdbx_host_org_cell_line            ? 
_entity_src_gen.pdbx_host_org_atcc                 ? 
_entity_src_gen.pdbx_host_org_culture_collection   ? 
_entity_src_gen.pdbx_host_org_cell                 ? 
_entity_src_gen.pdbx_host_org_organelle            ? 
_entity_src_gen.pdbx_host_org_cellular_location    ? 
_entity_src_gen.pdbx_host_org_vector_type          ? 
_entity_src_gen.pdbx_host_org_vector               PRSETA 
_entity_src_gen.host_org_details                   ? 
_entity_src_gen.expression_system_id               ? 
_entity_src_gen.plasmid_name                       ? 
_entity_src_gen.plasmid_details                    ? 
_entity_src_gen.pdbx_description                   ? 
# 
loop_
_chem_comp.id 
_chem_comp.type 
_chem_comp.mon_nstd_flag 
_chem_comp.name 
_chem_comp.pdbx_synonyms 
_chem_comp.formula 
_chem_comp.formula_weight 
ALA 'L-peptide linking' y ALANINE         ?                               'C3 H7 N O2'     89.093  
ARG 'L-peptide linking' y ARGININE        ?                               'C6 H15 N4 O2 1' 175.209 
ASN 'L-peptide linking' y ASPARAGINE      ?                               'C4 H8 N2 O3'    132.118 
ASP 'L-peptide linking' y 'ASPARTIC ACID' ?                               'C4 H7 N O4'     133.103 
CYS 'L-peptide linking' y CYSTEINE        ?                               'C3 H7 N O2 S'   121.158 
GLN 'L-peptide linking' y GLUTAMINE       ?                               'C5 H10 N2 O3'   146.144 
GLU 'L-peptide linking' y 'GLUTAMIC ACID' ?                               'C5 H9 N O4'     147.129 
GLY 'peptide linking'   y GLYCINE         ?                               'C2 H5 N O2'     75.067  
GOL non-polymer         . GLYCEROL        'GLYCERIN; PROPANE-1,2,3-TRIOL' 'C3 H8 O3'       92.094  
HIS 'L-peptide linking' y HISTIDINE       ?                               'C6 H10 N3 O2 1' 156.162 
HOH non-polymer         . WATER           ?                               'H2 O'           18.015  
ILE 'L-peptide linking' y ISOLEUCINE      ?                               'C6 H13 N O2'    131.173 
LEU 'L-peptide linking' y LEUCINE         ?                               'C6 H13 N O2'    131.173 
LYS 'L-peptide linking' y LYSINE          ?                               'C6 H15 N2 O2 1' 147.195 
MET 'L-peptide linking' y METHIONINE      ?                               'C5 H11 N O2 S'  149.211 
PHE 'L-peptide linking' y PHENYLALANINE   ?                               'C9 H11 N O2'    165.189 
PRO 'L-peptide linking' y PROLINE         ?                               'C5 H9 N O2'     115.130 
SER 'L-peptide linking' y SERINE          ?                               'C3 H7 N O3'     105.093 
THR 'L-peptide linking' y THREONINE       ?                               'C4 H9 N O3'     119.119 
TYR 'L-peptide linking' y TYROSINE        ?                               'C9 H11 N O3'    181.189 
VAL 'L-peptide linking' y VALINE          ?                               'C5 H11 N O2'    117.146 
# 
loop_
_pdbx_poly_seq_scheme.asym_id 
_pdbx_poly_seq_scheme.entity_id 
_pdbx_poly_seq_scheme.seq_id 
_pdbx_poly_seq_scheme.mon_id 
_pdbx_poly_seq_scheme.ndb_seq_num 
_pdbx_poly_seq_scheme.pdb_seq_num 
_pdbx_poly_seq_scheme.auth_seq_num 
_pdbx_poly_seq_scheme.pdb_mon_id 
_pdbx_poly_seq_scheme.auth_mon_id 
_pdbx_poly_seq_scheme.pdb_strand_id 
_pdbx_poly_seq_scheme.pdb_ins_code 
_pdbx_poly_seq_scheme.hetero 
A 1 1  GLY 1  11  11  GLY GLY A . n 
A 1 2  SER 2  12  12  SER SER A . n 
A 1 3  ALA 3  13  13  ALA ALA A . n 
A 1 4  SER 4  14  14  SER SER A . n 
A 1 5  PRO 5  15  15  PRO PRO A . n 
A 1 6  ALA 6  16  16  ALA ALA A . n 
A 1 7  VAL 7  17  17  VAL VAL A . n 
A 1 8  ALA 8  18  18  ALA ALA A . n 
A 1 9  GLU 9  19  19  GLU GLU A . n 
A 1 10 LEU 10 20  20  LEU LEU A . n 
A 1 11 CYS 11 21  21  CYS CYS A . n 
A 1 12 GLN 12 22  22  GLN GLN A . n 
A 1 13 ASN 13 23  23  ASN ASN A . n 
A 1 14 THR 14 24  24  THR THR A . n 
A 1 15 PRO 15 25  25  PRO PRO A . n 
A 1 16 GLU 16 26  26  GLU GLU A . n 
A 1 17 THR 17 27  27  THR THR A . n 
A 1 18 PHE 18 28  28  PHE PHE A . n 
A 1 19 LEU 19 29  29  LEU LEU A . n 
A 1 20 GLU 20 30  30  GLU GLU A . n 
A 1 21 ALA 21 31  31  ALA ALA A . n 
A 1 22 SER 22 32  32  SER SER A . n 
A 1 23 LYS 23 33  33  LYS LYS A . n 
A 1 24 LEU 24 34  34  LEU LEU A . n 
A 1 25 LEU 25 35  35  LEU LEU A . n 
A 1 26 LEU 26 36  36  LEU LEU A . n 
A 1 27 THR 27 37  37  THR THR A . n 
A 1 28 TYR 28 38  38  TYR TYR A . n 
A 1 29 ALA 29 39  39  ALA ALA A . n 
A 1 30 ASP 30 40  40  ASP ASP A . n 
A 1 31 ASN 31 41  41  ASN ASN A . n 
A 1 32 ILE 32 42  42  ILE ILE A . n 
A 1 33 LEU 33 43  43  LEU LEU A . n 
A 1 34 ARG 34 44  44  ARG ARG A . n 
A 1 35 ASN 35 45  45  ASN ASN A . n 
A 1 36 PRO 36 46  46  PRO PRO A . n 
A 1 37 ASN 37 47  47  ASN ASN A . n 
A 1 38 ASP 38 48  48  ASP ASP A . n 
A 1 39 GLU 39 49  49  GLU GLU A . n 
A 1 40 LYS 40 50  50  LYS LYS A . n 
A 1 41 TYR 41 51  51  TYR TYR A . n 
A 1 42 ARG 42 52  52  ARG ARG A . n 
A 1 43 SER 43 53  53  SER SER A . n 
A 1 44 ILE 44 54  54  ILE ILE A . n 
A 1 45 ARG 45 55  55  ARG ARG A . n 
A 1 46 ILE 46 56  56  ILE ILE A . n 
A 1 47 GLY 47 57  57  GLY GLY A . n 
A 1 48 ASN 48 58  58  ASN ASN A . n 
A 1 49 THR 49 59  59  THR THR A . n 
A 1 50 ALA 50 60  60  ALA ALA A . n 
A 1 51 PHE 51 61  61  PHE PHE A . n 
A 1 52 SER 52 62  62  SER SER A . n 
A 1 53 THR 53 63  63  THR THR A . n 
A 1 54 ARG 54 64  64  ARG ARG A . n 
A 1 55 LEU 55 65  65  LEU LEU A . n 
A 1 56 LEU 56 66  66  LEU LEU A . n 
A 1 57 PRO 57 67  67  PRO PRO A . n 
A 1 58 VAL 58 68  68  VAL VAL A . n 
A 1 59 ARG 59 69  69  ARG ARG A . n 
A 1 60 GLY 60 70  70  GLY GLY A . n 
A 1 61 ALA 61 71  71  ALA ALA A . n 
A 1 62 VAL 62 72  72  VAL VAL A . n 
A 1 63 GLU 63 73  73  GLU GLU A . n 
A 1 64 CYS 64 74  74  CYS CYS A . n 
A 1 65 LEU 65 75  75  LEU LEU A . n 
A 1 66 PHE 66 76  76  PHE PHE A . n 
A 1 67 GLU 67 77  77  GLU GLU A . n 
A 1 68 MET 68 78  78  MET MET A . n 
A 1 69 GLY 69 79  79  GLY GLY A . n 
A 1 70 PHE 70 80  80  PHE PHE A . n 
A 1 71 GLU 71 81  81  GLU GLU A . n 
A 1 72 GLU 72 82  82  GLU GLU A . n 
A 1 73 GLY 73 83  83  GLY GLY A . n 
A 1 74 GLU 74 84  84  GLU GLU A . n 
A 1 75 THR 75 85  85  THR THR A . n 
A 1 76 HIS 76 86  86  HIS HIS A . n 
A 1 77 LEU 77 87  87  LEU LEU A . n 
A 1 78 ILE 78 88  88  ILE ILE A . n 
A 1 79 PHE 79 89  89  PHE PHE A . n 
A 1 80 PRO 80 90  90  PRO PRO A . n 
A 1 81 LYS 81 91  91  LYS LYS A . n 
A 1 82 LYS 82 92  92  LYS LYS A . n 
A 1 83 ALA 83 93  93  ALA ALA A . n 
A 1 84 SER 84 94  94  SER SER A . n 
A 1 85 VAL 85 95  95  VAL VAL A . n 
A 1 86 GLU 86 96  96  GLU GLU A . n 
A 1 87 GLN 87 97  97  GLN GLN A . n 
A 1 88 LEU 88 98  98  LEU LEU A . n 
A 1 89 GLN 89 99  99  GLN GLN A . n 
A 1 90 LYS 90 100 100 LYS LYS A . n 
A 1 91 ILE 91 101 101 ILE ILE A . n 
A 1 92 ARG 92 102 102 ARG ARG A . n 
A 1 93 ASP 93 103 103 ASP ASP A . n 
A 1 94 LEU 94 104 104 LEU LEU A . n 
A 1 95 ILE 95 105 105 ILE ILE A . n 
A 1 96 ALA 96 106 106 ALA ALA A . n 
A 1 97 ILE 97 107 107 ILE ILE A . n 
A 1 98 GLU 98 108 108 GLU GLU A . n 
A 1 99 ARG 99 109 109 ARG ARG A . n 
# 
loop_
_pdbx_nonpoly_scheme.asym_id 
_pdbx_nonpoly_scheme.entity_id 
_pdbx_nonpoly_scheme.mon_id 
_pdbx_nonpoly_scheme.ndb_seq_num 
_pdbx_nonpoly_scheme.pdb_seq_num 
_pdbx_nonpoly_scheme.auth_seq_num 
_pdbx_nonpoly_scheme.pdb_mon_id 
_pdbx_nonpoly_scheme.auth_mon_id 
_pdbx_nonpoly_scheme.pdb_strand_id 
_pdbx_nonpoly_scheme.pdb_ins_code 
B 2 GOL 1   1110 1110 GOL GOL A . 
C 2 GOL 1   1111 1111 GOL GOL A . 
D 2 GOL 1   1112 1112 GOL GOL A . 
E 3 HOH 1   2001 2001 HOH HOH A . 
E 3 HOH 2   2002 2002 HOH HOH A . 
E 3 HOH 3   2003 2003 HOH HOH A . 
E 3 HOH 4   2004 2004 HOH HOH A . 
E 3 HOH 5   2005 2005 HOH HOH A . 
E 3 HOH 6   2006 2006 HOH HOH A . 
E 3 HOH 7   2007 2007 HOH HOH A . 
E 3 HOH 8   2008 2008 HOH HOH A . 
E 3 HOH 9   2009 2009 HOH HOH A . 
E 3 HOH 10  2010 2010 HOH HOH A . 
E 3 HOH 11  2011 2011 HOH HOH A . 
E 3 HOH 12  2012 2012 HOH HOH A . 
E 3 HOH 13  2013 2013 HOH HOH A . 
E 3 HOH 14  2014 2014 HOH HOH A . 
E 3 HOH 15  2015 2015 HOH HOH A . 
E 3 HOH 16  2016 2016 HOH HOH A . 
E 3 HOH 17  2017 2017 HOH HOH A . 
E 3 HOH 18  2018 2018 HOH HOH A . 
E 3 HOH 19  2019 2019 HOH HOH A . 
E 3 HOH 20  2020 2020 HOH HOH A . 
E 3 HOH 21  2021 2021 HOH HOH A . 
E 3 HOH 22  2022 2022 HOH HOH A . 
E 3 HOH 23  2023 2023 HOH HOH A . 
E 3 HOH 24  2024 2024 HOH HOH A . 
E 3 HOH 25  2025 2025 HOH HOH A . 
E 3 HOH 26  2026 2026 HOH HOH A . 
E 3 HOH 27  2027 2027 HOH HOH A . 
E 3 HOH 28  2028 2028 HOH HOH A . 
E 3 HOH 29  2029 2029 HOH HOH A . 
E 3 HOH 30  2030 2030 HOH HOH A . 
E 3 HOH 31  2031 2031 HOH HOH A . 
E 3 HOH 32  2032 2032 HOH HOH A . 
E 3 HOH 33  2033 2033 HOH HOH A . 
E 3 HOH 34  2034 2034 HOH HOH A . 
E 3 HOH 35  2035 2035 HOH HOH A . 
E 3 HOH 36  2036 2036 HOH HOH A . 
E 3 HOH 37  2037 2037 HOH HOH A . 
E 3 HOH 38  2038 2038 HOH HOH A . 
E 3 HOH 39  2039 2039 HOH HOH A . 
E 3 HOH 40  2040 2040 HOH HOH A . 
E 3 HOH 41  2041 2041 HOH HOH A . 
E 3 HOH 42  2042 2042 HOH HOH A . 
E 3 HOH 43  2043 2043 HOH HOH A . 
E 3 HOH 44  2044 2044 HOH HOH A . 
E 3 HOH 45  2045 2045 HOH HOH A . 
E 3 HOH 46  2046 2046 HOH HOH A . 
E 3 HOH 47  2047 2047 HOH HOH A . 
E 3 HOH 48  2048 2048 HOH HOH A . 
E 3 HOH 49  2049 2049 HOH HOH A . 
E 3 HOH 50  2050 2050 HOH HOH A . 
E 3 HOH 51  2051 2051 HOH HOH A . 
E 3 HOH 52  2052 2052 HOH HOH A . 
E 3 HOH 53  2053 2053 HOH HOH A . 
E 3 HOH 54  2054 2054 HOH HOH A . 
E 3 HOH 55  2055 2055 HOH HOH A . 
E 3 HOH 56  2056 2056 HOH HOH A . 
E 3 HOH 57  2057 2057 HOH HOH A . 
E 3 HOH 58  2058 2058 HOH HOH A . 
E 3 HOH 59  2059 2059 HOH HOH A . 
E 3 HOH 60  2060 2060 HOH HOH A . 
E 3 HOH 61  2061 2061 HOH HOH A . 
E 3 HOH 62  2062 2062 HOH HOH A . 
E 3 HOH 63  2063 2063 HOH HOH A . 
E 3 HOH 64  2064 2064 HOH HOH A . 
E 3 HOH 65  2065 2065 HOH HOH A . 
E 3 HOH 66  2066 2066 HOH HOH A . 
E 3 HOH 67  2067 2067 HOH HOH A . 
E 3 HOH 68  2068 2068 HOH HOH A . 
E 3 HOH 69  2069 2069 HOH HOH A . 
E 3 HOH 70  2070 2070 HOH HOH A . 
E 3 HOH 71  2071 2071 HOH HOH A . 
E 3 HOH 72  2072 2072 HOH HOH A . 
E 3 HOH 73  2073 2073 HOH HOH A . 
E 3 HOH 74  2074 2074 HOH HOH A . 
E 3 HOH 75  2075 2075 HOH HOH A . 
E 3 HOH 76  2076 2076 HOH HOH A . 
E 3 HOH 77  2077 2077 HOH HOH A . 
E 3 HOH 78  2078 2078 HOH HOH A . 
E 3 HOH 79  2079 2079 HOH HOH A . 
E 3 HOH 80  2080 2080 HOH HOH A . 
E 3 HOH 81  2081 2081 HOH HOH A . 
E 3 HOH 82  2082 2082 HOH HOH A . 
E 3 HOH 83  2083 2083 HOH HOH A . 
E 3 HOH 84  2084 2084 HOH HOH A . 
E 3 HOH 85  2085 2085 HOH HOH A . 
E 3 HOH 86  2086 2086 HOH HOH A . 
E 3 HOH 87  2087 2087 HOH HOH A . 
E 3 HOH 88  2088 2088 HOH HOH A . 
E 3 HOH 89  2089 2089 HOH HOH A . 
E 3 HOH 90  2090 2090 HOH HOH A . 
E 3 HOH 91  2091 2091 HOH HOH A . 
E 3 HOH 92  2092 2092 HOH HOH A . 
E 3 HOH 93  2093 2093 HOH HOH A . 
E 3 HOH 94  2094 2094 HOH HOH A . 
E 3 HOH 95  2095 2095 HOH HOH A . 
E 3 HOH 96  2096 2096 HOH HOH A . 
E 3 HOH 97  2097 2097 HOH HOH A . 
E 3 HOH 98  2098 2098 HOH HOH A . 
E 3 HOH 99  2099 2099 HOH HOH A . 
E 3 HOH 100 2100 2100 HOH HOH A . 
E 3 HOH 101 2101 2101 HOH HOH A . 
E 3 HOH 102 2102 2102 HOH HOH A . 
E 3 HOH 103 2103 2103 HOH HOH A . 
E 3 HOH 104 2104 2104 HOH HOH A . 
E 3 HOH 105 2105 2105 HOH HOH A . 
E 3 HOH 106 2106 2106 HOH HOH A . 
E 3 HOH 107 2107 2107 HOH HOH A . 
E 3 HOH 108 2108 2108 HOH HOH A . 
E 3 HOH 109 2109 2109 HOH HOH A . 
E 3 HOH 110 2110 2110 HOH HOH A . 
E 3 HOH 111 2111 2111 HOH HOH A . 
E 3 HOH 112 2112 2112 HOH HOH A . 
E 3 HOH 113 2113 2113 HOH HOH A . 
E 3 HOH 114 2114 2114 HOH HOH A . 
E 3 HOH 115 2115 2115 HOH HOH A . 
E 3 HOH 116 2116 2116 HOH HOH A . 
E 3 HOH 117 2117 2117 HOH HOH A . 
E 3 HOH 118 2118 2118 HOH HOH A . 
E 3 HOH 119 2119 2119 HOH HOH A . 
E 3 HOH 120 2120 2120 HOH HOH A . 
E 3 HOH 121 2121 2121 HOH HOH A . 
E 3 HOH 122 2122 2122 HOH HOH A . 
E 3 HOH 123 2123 2123 HOH HOH A . 
E 3 HOH 124 2124 2124 HOH HOH A . 
E 3 HOH 125 2125 2125 HOH HOH A . 
E 3 HOH 126 2126 2126 HOH HOH A . 
E 3 HOH 127 2127 2127 HOH HOH A . 
E 3 HOH 128 2128 2128 HOH HOH A . 
E 3 HOH 129 2129 2129 HOH HOH A . 
E 3 HOH 130 2130 2130 HOH HOH A . 
E 3 HOH 131 2131 2131 HOH HOH A . 
E 3 HOH 132 2132 2132 HOH HOH A . 
E 3 HOH 133 2133 2133 HOH HOH A . 
E 3 HOH 134 2134 2134 HOH HOH A . 
# 
loop_
_software.name 
_software.classification 
_software.version 
_software.citation_id 
_software.pdbx_ordinal 
CNS    refinement       1.1 ? 1 
MOSFLM 'data reduction' .   ? 2 
SCALA  'data scaling'   .   ? 3 
MOLREP phasing          .   ? 4 
# 
_cell.entry_id           2CCQ 
_cell.length_a           73.516 
_cell.length_b           73.516 
_cell.length_c           33.001 
_cell.angle_alpha        90.00 
_cell.angle_beta         90.00 
_cell.angle_gamma        120.00 
_cell.Z_PDB              6 
_cell.pdbx_unique_axis   ? 
# 
_symmetry.entry_id                         2CCQ 
_symmetry.space_group_name_H-M             'P 65' 
_symmetry.pdbx_full_space_group_name_H-M   ? 
_symmetry.cell_setting                     ? 
_symmetry.Int_Tables_number                170 
# 
_exptl.entry_id          2CCQ 
_exptl.method            'X-RAY DIFFRACTION' 
_exptl.crystals_number   1 
# 
_exptl_crystal.id                    1 
_exptl_crystal.density_meas          ? 
_exptl_crystal.density_Matthews      2.31 
_exptl_crystal.density_percent_sol   47 
_exptl_crystal.description           'NATIVE STRUCTURE WAS SOLVED USING A SEMET STRUCTURE OF THE DOMAIN - DATA UNPUBLISHED' 
# 
_exptl_crystal_grow.crystal_id      1 
_exptl_crystal_grow.method          ? 
_exptl_crystal_grow.temp            ? 
_exptl_crystal_grow.temp_details    ? 
_exptl_crystal_grow.pH              8.50 
_exptl_crystal_grow.pdbx_pH_range   ? 
_exptl_crystal_grow.pdbx_details    '0.2 M SODIUM ACETATE, 0.1 M TRIS (PH 8.5), 30% PEG 4000' 
# 
_diffrn.id                     1 
_diffrn.ambient_temp           100.0 
_diffrn.ambient_temp_details   ? 
_diffrn.crystal_id             1 
# 
_diffrn_detector.diffrn_id              1 
_diffrn_detector.detector               CCD 
_diffrn_detector.type                   'ADSC CCD' 
_diffrn_detector.pdbx_collection_date   2004-09-14 
_diffrn_detector.details                ? 
# 
_diffrn_radiation.diffrn_id                        1 
_diffrn_radiation.wavelength_id                    1 
_diffrn_radiation.pdbx_monochromatic_or_laue_m_l   M 
_diffrn_radiation.monochromator                    ? 
_diffrn_radiation.pdbx_diffrn_protocol             'SINGLE WAVELENGTH' 
_diffrn_radiation.pdbx_scattering_type             x-ray 
# 
_diffrn_radiation_wavelength.id           1 
_diffrn_radiation_wavelength.wavelength   0.979 
_diffrn_radiation_wavelength.wt           1.0 
# 
_diffrn_source.diffrn_id                   1 
_diffrn_source.source                      SYNCHROTRON 
_diffrn_source.type                        'SRS BEAMLINE PX14.2' 
_diffrn_source.pdbx_synchrotron_site       SRS 
_diffrn_source.pdbx_synchrotron_beamline   PX14.2 
_diffrn_source.pdbx_wavelength             0.979 
_diffrn_source.pdbx_wavelength_list        ? 
# 
_reflns.pdbx_diffrn_id               1 
_reflns.pdbx_ordinal                 1 
_reflns.entry_id                     2CCQ 
_reflns.observed_criterion_sigma_I   2.000 
_reflns.observed_criterion_sigma_F   ? 
_reflns.d_resolution_low             33.000 
_reflns.d_resolution_high            1.600 
_reflns.number_obs                   13734 
_reflns.number_all                   ? 
_reflns.percent_possible_obs         99.5 
_reflns.pdbx_Rmerge_I_obs            0.07000 
_reflns.pdbx_Rsym_value              ? 
_reflns.pdbx_netI_over_sigmaI        18.4000 
_reflns.B_iso_Wilson_estimate        ? 
_reflns.pdbx_redundancy              5.900 
# 
_reflns_shell.pdbx_diffrn_id         1 
_reflns_shell.pdbx_ordinal           1 
_reflns_shell.d_res_high             1.60 
_reflns_shell.d_res_low              1.68 
_reflns_shell.percent_possible_all   97.2 
_reflns_shell.Rmerge_I_obs           0.17000 
_reflns_shell.pdbx_Rsym_value        ? 
_reflns_shell.meanI_over_sigI_obs    6.700 
_reflns_shell.pdbx_redundancy        5.70 
# 
_refine.pdbx_refine_id                           'X-RAY DIFFRACTION' 
_refine.entry_id                                 2CCQ 
_refine.pdbx_diffrn_id                           1 
_refine.pdbx_TLS_residual_ADP_flag               ? 
_refine.ls_number_reflns_obs                     13624 
_refine.ls_number_reflns_all                     ? 
_refine.pdbx_ls_sigma_I                          ? 
_refine.pdbx_ls_sigma_F                          0.0 
_refine.pdbx_data_cutoff_high_absF               10000 
_refine.pdbx_data_cutoff_low_absF                ? 
_refine.pdbx_data_cutoff_high_rms_absF           ? 
_refine.ls_d_res_low                             33.0 
_refine.ls_d_res_high                            1.6 
_refine.ls_percent_reflns_obs                    99.8 
_refine.ls_R_factor_obs                          0.1932 
_refine.ls_R_factor_all                          ? 
_refine.ls_R_factor_R_work                       0.1932 
_refine.ls_R_factor_R_free                       0.2065 
_refine.ls_R_factor_R_free_error                 ? 
_refine.ls_R_factor_R_free_error_details         ? 
_refine.ls_percent_reflns_R_free                 5.0 
_refine.ls_number_reflns_R_free                  679 
_refine.ls_number_parameters                     ? 
_refine.ls_number_restraints                     ? 
_refine.occupancy_min                            ? 
_refine.occupancy_max                            ? 
_refine.correlation_coeff_Fo_to_Fc               ? 
_refine.correlation_coeff_Fo_to_Fc_free          ? 
_refine.B_iso_mean                               ? 
_refine.aniso_B[1][1]                            -3.525 
_refine.aniso_B[2][2]                            -3.525 
_refine.aniso_B[3][3]                            7.049 
_refine.aniso_B[1][2]                            -2.835 
_refine.aniso_B[1][3]                            0.000 
_refine.aniso_B[2][3]                            0.000 
_refine.solvent_model_details                    'DENSITY MODIFICATION' 
_refine.solvent_model_param_ksol                 0.400978 
_refine.solvent_model_param_bsol                 63.2506 
_refine.pdbx_solvent_vdw_probe_radii             ? 
_refine.pdbx_solvent_ion_probe_radii             ? 
_refine.pdbx_solvent_shrinkage_radii             ? 
_refine.pdbx_ls_cross_valid_method               THROUGHOUT 
_refine.details                                  ? 
_refine.pdbx_starting_model                      ? 
_refine.pdbx_method_to_determine_struct          'MOLECULAR REPLACEMENT' 
_refine.pdbx_isotropic_thermal_model             ? 
_refine.pdbx_stereochemistry_target_values       ? 
_refine.pdbx_stereochem_target_val_spec_case     ? 
_refine.pdbx_R_Free_selection_details            RANDOM 
_refine.pdbx_overall_ESU_R                       ? 
_refine.pdbx_overall_ESU_R_Free                  ? 
_refine.overall_SU_ML                            ? 
_refine.pdbx_overall_phase_error                 ? 
_refine.overall_SU_B                             ? 
_refine.overall_SU_R_Cruickshank_DPI             ? 
_refine.pdbx_overall_SU_R_free_Cruickshank_DPI   ? 
_refine.pdbx_overall_SU_R_Blow_DPI               ? 
_refine.pdbx_overall_SU_R_free_Blow_DPI          ? 
# 
_refine_hist.pdbx_refine_id                   'X-RAY DIFFRACTION' 
_refine_hist.cycle_id                         LAST 
_refine_hist.pdbx_number_atoms_protein        780 
_refine_hist.pdbx_number_atoms_nucleic_acid   0 
_refine_hist.pdbx_number_atoms_ligand         18 
_refine_hist.number_atoms_solvent             134 
_refine_hist.number_atoms_total               932 
_refine_hist.d_res_high                       1.6 
_refine_hist.d_res_low                        33.0 
# 
loop_
_refine_ls_restr.type 
_refine_ls_restr.dev_ideal 
_refine_ls_restr.dev_ideal_target 
_refine_ls_restr.weight 
_refine_ls_restr.number 
_refine_ls_restr.pdbx_refine_id 
_refine_ls_restr.pdbx_restraint_function 
c_bond_d                0.005 ? ? ? 'X-RAY DIFFRACTION' ? 
c_bond_d_na             ?     ? ? ? 'X-RAY DIFFRACTION' ? 
c_bond_d_prot           ?     ? ? ? 'X-RAY DIFFRACTION' ? 
c_angle_d               ?     ? ? ? 'X-RAY DIFFRACTION' ? 
c_angle_d_na            ?     ? ? ? 'X-RAY DIFFRACTION' ? 
c_angle_d_prot          ?     ? ? ? 'X-RAY DIFFRACTION' ? 
c_angle_deg             0.559 ? ? ? 'X-RAY DIFFRACTION' ? 
c_angle_deg_na          ?     ? ? ? 'X-RAY DIFFRACTION' ? 
c_angle_deg_prot        ?     ? ? ? 'X-RAY DIFFRACTION' ? 
c_dihedral_angle_d      ?     ? ? ? 'X-RAY DIFFRACTION' ? 
c_dihedral_angle_d_na   ?     ? ? ? 'X-RAY DIFFRACTION' ? 
c_dihedral_angle_d_prot ?     ? ? ? 'X-RAY DIFFRACTION' ? 
c_improper_angle_d      ?     ? ? ? 'X-RAY DIFFRACTION' ? 
c_improper_angle_d_na   ?     ? ? ? 'X-RAY DIFFRACTION' ? 
c_improper_angle_d_prot ?     ? ? ? 'X-RAY DIFFRACTION' ? 
c_mcbond_it             ?     ? ? ? 'X-RAY DIFFRACTION' ? 
c_mcangle_it            ?     ? ? ? 'X-RAY DIFFRACTION' ? 
c_scbond_it             ?     ? ? ? 'X-RAY DIFFRACTION' ? 
c_scangle_it            ?     ? ? ? 'X-RAY DIFFRACTION' ? 
# 
loop_
_pdbx_xplor_file.pdbx_refine_id 
_pdbx_xplor_file.serial_no 
_pdbx_xplor_file.param_file 
_pdbx_xplor_file.topol_file 
'X-RAY DIFFRACTION' 1 PROTEIN_REP.PARAM ? 
'X-RAY DIFFRACTION' 2 WATER_REP.PARAM   ? 
'X-RAY DIFFRACTION' 3 ION.PARAM         ? 
'X-RAY DIFFRACTION' 4 BME.PAR           ? 
'X-RAY DIFFRACTION' 5 GOL.PAR           ? 
# 
_struct.entry_id                  2CCQ 
_struct.title                     'The PUB domain functions as a p97 binding module in human peptide N-glycanase.' 
_struct.pdbx_model_details        ? 
_struct.pdbx_CASP_flag            ? 
_struct.pdbx_model_type_details   ? 
# 
_struct_keywords.entry_id        2CCQ 
_struct_keywords.pdbx_keywords   GLYCOPROTEIN 
_struct_keywords.text            'GLYCOPROTEIN, GLYCANASE HOMOLOG' 
# 
loop_
_struct_asym.id 
_struct_asym.pdbx_blank_PDB_chainid_flag 
_struct_asym.pdbx_modified 
_struct_asym.entity_id 
_struct_asym.details 
A N N 1 ? 
B N N 2 ? 
C N N 2 ? 
D N N 2 ? 
E N N 3 ? 
# 
_struct_ref.id                         1 
_struct_ref.db_name                    UNP 
_struct_ref.db_code                    Q9BVR8_HUMAN 
_struct_ref.entity_id                  1 
_struct_ref.pdbx_seq_one_letter_code   ? 
_struct_ref.pdbx_align_begin           ? 
_struct_ref.pdbx_db_accession          Q9BVR8 
_struct_ref.pdbx_db_isoform            ? 
# 
_struct_ref_seq.align_id                      1 
_struct_ref_seq.ref_id                        1 
_struct_ref_seq.pdbx_PDB_id_code              2CCQ 
_struct_ref_seq.pdbx_strand_id                A 
_struct_ref_seq.seq_align_beg                 1 
_struct_ref_seq.pdbx_seq_align_beg_ins_code   ? 
_struct_ref_seq.seq_align_end                 99 
_struct_ref_seq.pdbx_seq_align_end_ins_code   ? 
_struct_ref_seq.pdbx_db_accession             Q9BVR8 
_struct_ref_seq.db_align_beg                  8 
_struct_ref_seq.pdbx_db_align_beg_ins_code    ? 
_struct_ref_seq.db_align_end                  106 
_struct_ref_seq.pdbx_db_align_end_ins_code    ? 
_struct_ref_seq.pdbx_auth_seq_align_beg       11 
_struct_ref_seq.pdbx_auth_seq_align_end       109 
# 
_pdbx_struct_assembly.id                   1 
_pdbx_struct_assembly.details              author_and_software_defined_assembly 
_pdbx_struct_assembly.method_details       PQS 
_pdbx_struct_assembly.oligomeric_details   monomeric 
_pdbx_struct_assembly.oligomeric_count     1 
# 
_pdbx_struct_assembly_gen.assembly_id       1 
_pdbx_struct_assembly_gen.oper_expression   1 
_pdbx_struct_assembly_gen.asym_id_list      A,B,C,D,E 
# 
_pdbx_struct_oper_list.id                   1 
_pdbx_struct_oper_list.type                 'identity operation' 
_pdbx_struct_oper_list.name                 1_555 
_pdbx_struct_oper_list.symmetry_operation   x,y,z 
_pdbx_struct_oper_list.matrix[1][1]         1.0000000000 
_pdbx_struct_oper_list.matrix[1][2]         0.0000000000 
_pdbx_struct_oper_list.matrix[1][3]         0.0000000000 
_pdbx_struct_oper_list.vector[1]            0.0000000000 
_pdbx_struct_oper_list.matrix[2][1]         0.0000000000 
_pdbx_struct_oper_list.matrix[2][2]         1.0000000000 
_pdbx_struct_oper_list.matrix[2][3]         0.0000000000 
_pdbx_struct_oper_list.vector[2]            0.0000000000 
_pdbx_struct_oper_list.matrix[3][1]         0.0000000000 
_pdbx_struct_oper_list.matrix[3][2]         0.0000000000 
_pdbx_struct_oper_list.matrix[3][3]         1.0000000000 
_pdbx_struct_oper_list.vector[3]            0.0000000000 
# 
_struct_biol.id   1 
# 
loop_
_struct_conf.conf_type_id 
_struct_conf.id 
_struct_conf.pdbx_PDB_helix_id 
_struct_conf.beg_label_comp_id 
_struct_conf.beg_label_asym_id 
_struct_conf.beg_label_seq_id 
_struct_conf.pdbx_beg_PDB_ins_code 
_struct_conf.end_label_comp_id 
_struct_conf.end_label_asym_id 
_struct_conf.end_label_seq_id 
_struct_conf.pdbx_end_PDB_ins_code 
_struct_conf.beg_auth_comp_id 
_struct_conf.beg_auth_asym_id 
_struct_conf.beg_auth_seq_id 
_struct_conf.end_auth_comp_id 
_struct_conf.end_auth_asym_id 
_struct_conf.end_auth_seq_id 
_struct_conf.pdbx_PDB_helix_class 
_struct_conf.details 
_struct_conf.pdbx_PDB_helix_length 
HELX_P HELX_P1 1 SER A 4  ? CYS A 11 ? SER A 14 CYS A 21  1 ? 8  
HELX_P HELX_P2 2 THR A 14 ? ASN A 35 ? THR A 24 ASN A 45  1 ? 22 
HELX_P HELX_P3 3 ASP A 38 ? TYR A 41 ? ASP A 48 TYR A 51  5 ? 4  
HELX_P HELX_P4 4 ASN A 48 ? LEU A 55 ? ASN A 58 LEU A 65  1 ? 8  
HELX_P HELX_P5 5 GLY A 60 ? GLY A 69 ? GLY A 70 GLY A 79  1 ? 10 
HELX_P HELX_P6 6 SER A 84 ? ILE A 97 ? SER A 94 ILE A 107 1 ? 14 
# 
_struct_conf_type.id          HELX_P 
_struct_conf_type.criteria    ? 
_struct_conf_type.reference   ? 
# 
_struct_sheet.id               AA 
_struct_sheet.type             ? 
_struct_sheet.number_strands   3 
_struct_sheet.details          ? 
# 
loop_
_struct_sheet_order.sheet_id 
_struct_sheet_order.range_id_1 
_struct_sheet_order.range_id_2 
_struct_sheet_order.offset 
_struct_sheet_order.sense 
AA 1 2 ? anti-parallel 
AA 2 3 ? anti-parallel 
# 
loop_
_struct_sheet_range.sheet_id 
_struct_sheet_range.id 
_struct_sheet_range.beg_label_comp_id 
_struct_sheet_range.beg_label_asym_id 
_struct_sheet_range.beg_label_seq_id 
_struct_sheet_range.pdbx_beg_PDB_ins_code 
_struct_sheet_range.end_label_comp_id 
_struct_sheet_range.end_label_asym_id 
_struct_sheet_range.end_label_seq_id 
_struct_sheet_range.pdbx_end_PDB_ins_code 
_struct_sheet_range.beg_auth_comp_id 
_struct_sheet_range.beg_auth_asym_id 
_struct_sheet_range.beg_auth_seq_id 
_struct_sheet_range.end_auth_comp_id 
_struct_sheet_range.end_auth_asym_id 
_struct_sheet_range.end_auth_seq_id 
AA 1 SER A 43 ? ARG A 45 ? SER A 53 ARG A 55 
AA 2 HIS A 76 ? ILE A 78 ? HIS A 86 ILE A 88 
AA 3 GLU A 71 ? GLU A 72 ? GLU A 81 GLU A 82 
# 
loop_
_pdbx_struct_sheet_hbond.sheet_id 
_pdbx_struct_sheet_hbond.range_id_1 
_pdbx_struct_sheet_hbond.range_id_2 
_pdbx_struct_sheet_hbond.range_1_label_atom_id 
_pdbx_struct_sheet_hbond.range_1_label_comp_id 
_pdbx_struct_sheet_hbond.range_1_label_asym_id 
_pdbx_struct_sheet_hbond.range_1_label_seq_id 
_pdbx_struct_sheet_hbond.range_1_PDB_ins_code 
_pdbx_struct_sheet_hbond.range_1_auth_atom_id 
_pdbx_struct_sheet_hbond.range_1_auth_comp_id 
_pdbx_struct_sheet_hbond.range_1_auth_asym_id 
_pdbx_struct_sheet_hbond.range_1_auth_seq_id 
_pdbx_struct_sheet_hbond.range_2_label_atom_id 
_pdbx_struct_sheet_hbond.range_2_label_comp_id 
_pdbx_struct_sheet_hbond.range_2_label_asym_id 
_pdbx_struct_sheet_hbond.range_2_label_seq_id 
_pdbx_struct_sheet_hbond.range_2_PDB_ins_code 
_pdbx_struct_sheet_hbond.range_2_auth_atom_id 
_pdbx_struct_sheet_hbond.range_2_auth_comp_id 
_pdbx_struct_sheet_hbond.range_2_auth_asym_id 
_pdbx_struct_sheet_hbond.range_2_auth_seq_id 
AA 1 2 N ILE A 44 ? N ILE A 54 O LEU A 77 ? O LEU A 87 
AA 2 3 N ILE A 78 ? N ILE A 88 O GLU A 71 ? O GLU A 81 
# 
loop_
_struct_site.id 
_struct_site.pdbx_evidence_code 
_struct_site.pdbx_auth_asym_id 
_struct_site.pdbx_auth_comp_id 
_struct_site.pdbx_auth_seq_id 
_struct_site.pdbx_auth_ins_code 
_struct_site.pdbx_num_residues 
_struct_site.details 
AC1 Software ? ? ? ? 4 'BINDING SITE FOR RESIDUE GOL A1110' 
AC2 Software ? ? ? ? 7 'BINDING SITE FOR RESIDUE GOL A1111' 
AC3 Software ? ? ? ? 9 'BINDING SITE FOR RESIDUE GOL A1112' 
# 
loop_
_struct_site_gen.id 
_struct_site_gen.site_id 
_struct_site_gen.pdbx_num_res 
_struct_site_gen.label_comp_id 
_struct_site_gen.label_asym_id 
_struct_site_gen.label_seq_id 
_struct_site_gen.pdbx_auth_ins_code 
_struct_site_gen.auth_comp_id 
_struct_site_gen.auth_asym_id 
_struct_site_gen.auth_seq_id 
_struct_site_gen.label_atom_id 
_struct_site_gen.label_alt_id 
_struct_site_gen.symmetry 
_struct_site_gen.details 
1  AC1 4 CYS A 11 ? CYS A 21   . ? 1_555 ? 
2  AC1 4 GLU A 71 ? GLU A 81   . ? 1_555 ? 
3  AC1 4 GLU A 98 ? GLU A 108  . ? 1_555 ? 
4  AC1 4 HOH E .  ? HOH A 2131 . ? 1_555 ? 
5  AC2 7 ALA A 50 ? ALA A 60   . ? 1_555 ? 
6  AC2 7 GLU A 63 ? GLU A 73   . ? 1_555 ? 
7  AC2 7 PHE A 66 ? PHE A 76   . ? 1_555 ? 
8  AC2 7 HOH E .  ? HOH A 2030 . ? 1_555 ? 
9  AC2 7 HOH E .  ? HOH A 2073 . ? 1_555 ? 
10 AC2 7 HOH E .  ? HOH A 2084 . ? 1_555 ? 
11 AC2 7 HOH E .  ? HOH A 2132 . ? 1_555 ? 
12 AC3 9 GLU A 20 ? GLU A 30   . ? 1_555 ? 
13 AC3 9 THR A 53 ? THR A 63   . ? 1_555 ? 
14 AC3 9 ARG A 54 ? ARG A 64   . ? 1_555 ? 
15 AC3 9 LEU A 56 ? LEU A 66   . ? 1_555 ? 
16 AC3 9 VAL A 58 ? VAL A 68   . ? 1_555 ? 
17 AC3 9 ARG A 59 ? ARG A 69   . ? 1_555 ? 
18 AC3 9 HOH E .  ? HOH A 2021 . ? 1_555 ? 
19 AC3 9 HOH E .  ? HOH A 2023 . ? 1_555 ? 
20 AC3 9 HOH E .  ? HOH A 2134 . ? 1_555 ? 
# 
loop_
_pdbx_validate_torsion.id 
_pdbx_validate_torsion.PDB_model_num 
_pdbx_validate_torsion.auth_comp_id 
_pdbx_validate_torsion.auth_asym_id 
_pdbx_validate_torsion.auth_seq_id 
_pdbx_validate_torsion.PDB_ins_code 
_pdbx_validate_torsion.label_alt_id 
_pdbx_validate_torsion.phi 
_pdbx_validate_torsion.psi 
1 1 SER A 12 ? ? -49.93  -19.16 
2 1 LEU A 65 ? ? -120.01 -50.10 
# 
loop_
_chem_comp_atom.comp_id 
_chem_comp_atom.atom_id 
_chem_comp_atom.type_symbol 
_chem_comp_atom.pdbx_aromatic_flag 
_chem_comp_atom.pdbx_stereo_config 
_chem_comp_atom.pdbx_ordinal 
ALA N    N N N 1   
ALA CA   C N S 2   
ALA C    C N N 3   
ALA O    O N N 4   
ALA CB   C N N 5   
ALA OXT  O N N 6   
ALA H    H N N 7   
ALA H2   H N N 8   
ALA HA   H N N 9   
ALA HB1  H N N 10  
ALA HB2  H N N 11  
ALA HB3  H N N 12  
ALA HXT  H N N 13  
ARG N    N N N 14  
ARG CA   C N S 15  
ARG C    C N N 16  
ARG O    O N N 17  
ARG CB   C N N 18  
ARG CG   C N N 19  
ARG CD   C N N 20  
ARG NE   N N N 21  
ARG CZ   C N N 22  
ARG NH1  N N N 23  
ARG NH2  N N N 24  
ARG OXT  O N N 25  
ARG H    H N N 26  
ARG H2   H N N 27  
ARG HA   H N N 28  
ARG HB2  H N N 29  
ARG HB3  H N N 30  
ARG HG2  H N N 31  
ARG HG3  H N N 32  
ARG HD2  H N N 33  
ARG HD3  H N N 34  
ARG HE   H N N 35  
ARG HH11 H N N 36  
ARG HH12 H N N 37  
ARG HH21 H N N 38  
ARG HH22 H N N 39  
ARG HXT  H N N 40  
ASN N    N N N 41  
ASN CA   C N S 42  
ASN C    C N N 43  
ASN O    O N N 44  
ASN CB   C N N 45  
ASN CG   C N N 46  
ASN OD1  O N N 47  
ASN ND2  N N N 48  
ASN OXT  O N N 49  
ASN H    H N N 50  
ASN H2   H N N 51  
ASN HA   H N N 52  
ASN HB2  H N N 53  
ASN HB3  H N N 54  
ASN HD21 H N N 55  
ASN HD22 H N N 56  
ASN HXT  H N N 57  
ASP N    N N N 58  
ASP CA   C N S 59  
ASP C    C N N 60  
ASP O    O N N 61  
ASP CB   C N N 62  
ASP CG   C N N 63  
ASP OD1  O N N 64  
ASP OD2  O N N 65  
ASP OXT  O N N 66  
ASP H    H N N 67  
ASP H2   H N N 68  
ASP HA   H N N 69  
ASP HB2  H N N 70  
ASP HB3  H N N 71  
ASP HD2  H N N 72  
ASP HXT  H N N 73  
CYS N    N N N 74  
CYS CA   C N R 75  
CYS C    C N N 76  
CYS O    O N N 77  
CYS CB   C N N 78  
CYS SG   S N N 79  
CYS OXT  O N N 80  
CYS H    H N N 81  
CYS H2   H N N 82  
CYS HA   H N N 83  
CYS HB2  H N N 84  
CYS HB3  H N N 85  
CYS HG   H N N 86  
CYS HXT  H N N 87  
GLN N    N N N 88  
GLN CA   C N S 89  
GLN C    C N N 90  
GLN O    O N N 91  
GLN CB   C N N 92  
GLN CG   C N N 93  
GLN CD   C N N 94  
GLN OE1  O N N 95  
GLN NE2  N N N 96  
GLN OXT  O N N 97  
GLN H    H N N 98  
GLN H2   H N N 99  
GLN HA   H N N 100 
GLN HB2  H N N 101 
GLN HB3  H N N 102 
GLN HG2  H N N 103 
GLN HG3  H N N 104 
GLN HE21 H N N 105 
GLN HE22 H N N 106 
GLN HXT  H N N 107 
GLU N    N N N 108 
GLU CA   C N S 109 
GLU C    C N N 110 
GLU O    O N N 111 
GLU CB   C N N 112 
GLU CG   C N N 113 
GLU CD   C N N 114 
GLU OE1  O N N 115 
GLU OE2  O N N 116 
GLU OXT  O N N 117 
GLU H    H N N 118 
GLU H2   H N N 119 
GLU HA   H N N 120 
GLU HB2  H N N 121 
GLU HB3  H N N 122 
GLU HG2  H N N 123 
GLU HG3  H N N 124 
GLU HE2  H N N 125 
GLU HXT  H N N 126 
GLY N    N N N 127 
GLY CA   C N N 128 
GLY C    C N N 129 
GLY O    O N N 130 
GLY OXT  O N N 131 
GLY H    H N N 132 
GLY H2   H N N 133 
GLY HA2  H N N 134 
GLY HA3  H N N 135 
GLY HXT  H N N 136 
GOL C1   C N N 137 
GOL O1   O N N 138 
GOL C2   C N N 139 
GOL O2   O N N 140 
GOL C3   C N N 141 
GOL O3   O N N 142 
GOL H11  H N N 143 
GOL H12  H N N 144 
GOL HO1  H N N 145 
GOL H2   H N N 146 
GOL HO2  H N N 147 
GOL H31  H N N 148 
GOL H32  H N N 149 
GOL HO3  H N N 150 
HIS N    N N N 151 
HIS CA   C N S 152 
HIS C    C N N 153 
HIS O    O N N 154 
HIS CB   C N N 155 
HIS CG   C Y N 156 
HIS ND1  N Y N 157 
HIS CD2  C Y N 158 
HIS CE1  C Y N 159 
HIS NE2  N Y N 160 
HIS OXT  O N N 161 
HIS H    H N N 162 
HIS H2   H N N 163 
HIS HA   H N N 164 
HIS HB2  H N N 165 
HIS HB3  H N N 166 
HIS HD1  H N N 167 
HIS HD2  H N N 168 
HIS HE1  H N N 169 
HIS HE2  H N N 170 
HIS HXT  H N N 171 
HOH O    O N N 172 
HOH H1   H N N 173 
HOH H2   H N N 174 
ILE N    N N N 175 
ILE CA   C N S 176 
ILE C    C N N 177 
ILE O    O N N 178 
ILE CB   C N S 179 
ILE CG1  C N N 180 
ILE CG2  C N N 181 
ILE CD1  C N N 182 
ILE OXT  O N N 183 
ILE H    H N N 184 
ILE H2   H N N 185 
ILE HA   H N N 186 
ILE HB   H N N 187 
ILE HG12 H N N 188 
ILE HG13 H N N 189 
ILE HG21 H N N 190 
ILE HG22 H N N 191 
ILE HG23 H N N 192 
ILE HD11 H N N 193 
ILE HD12 H N N 194 
ILE HD13 H N N 195 
ILE HXT  H N N 196 
LEU N    N N N 197 
LEU CA   C N S 198 
LEU C    C N N 199 
LEU O    O N N 200 
LEU CB   C N N 201 
LEU CG   C N N 202 
LEU CD1  C N N 203 
LEU CD2  C N N 204 
LEU OXT  O N N 205 
LEU H    H N N 206 
LEU H2   H N N 207 
LEU HA   H N N 208 
LEU HB2  H N N 209 
LEU HB3  H N N 210 
LEU HG   H N N 211 
LEU HD11 H N N 212 
LEU HD12 H N N 213 
LEU HD13 H N N 214 
LEU HD21 H N N 215 
LEU HD22 H N N 216 
LEU HD23 H N N 217 
LEU HXT  H N N 218 
LYS N    N N N 219 
LYS CA   C N S 220 
LYS C    C N N 221 
LYS O    O N N 222 
LYS CB   C N N 223 
LYS CG   C N N 224 
LYS CD   C N N 225 
LYS CE   C N N 226 
LYS NZ   N N N 227 
LYS OXT  O N N 228 
LYS H    H N N 229 
LYS H2   H N N 230 
LYS HA   H N N 231 
LYS HB2  H N N 232 
LYS HB3  H N N 233 
LYS HG2  H N N 234 
LYS HG3  H N N 235 
LYS HD2  H N N 236 
LYS HD3  H N N 237 
LYS HE2  H N N 238 
LYS HE3  H N N 239 
LYS HZ1  H N N 240 
LYS HZ2  H N N 241 
LYS HZ3  H N N 242 
LYS HXT  H N N 243 
MET N    N N N 244 
MET CA   C N S 245 
MET C    C N N 246 
MET O    O N N 247 
MET CB   C N N 248 
MET CG   C N N 249 
MET SD   S N N 250 
MET CE   C N N 251 
MET OXT  O N N 252 
MET H    H N N 253 
MET H2   H N N 254 
MET HA   H N N 255 
MET HB2  H N N 256 
MET HB3  H N N 257 
MET HG2  H N N 258 
MET HG3  H N N 259 
MET HE1  H N N 260 
MET HE2  H N N 261 
MET HE3  H N N 262 
MET HXT  H N N 263 
PHE N    N N N 264 
PHE CA   C N S 265 
PHE C    C N N 266 
PHE O    O N N 267 
PHE CB   C N N 268 
PHE CG   C Y N 269 
PHE CD1  C Y N 270 
PHE CD2  C Y N 271 
PHE CE1  C Y N 272 
PHE CE2  C Y N 273 
PHE CZ   C Y N 274 
PHE OXT  O N N 275 
PHE H    H N N 276 
PHE H2   H N N 277 
PHE HA   H N N 278 
PHE HB2  H N N 279 
PHE HB3  H N N 280 
PHE HD1  H N N 281 
PHE HD2  H N N 282 
PHE HE1  H N N 283 
PHE HE2  H N N 284 
PHE HZ   H N N 285 
PHE HXT  H N N 286 
PRO N    N N N 287 
PRO CA   C N S 288 
PRO C    C N N 289 
PRO O    O N N 290 
PRO CB   C N N 291 
PRO CG   C N N 292 
PRO CD   C N N 293 
PRO OXT  O N N 294 
PRO H    H N N 295 
PRO HA   H N N 296 
PRO HB2  H N N 297 
PRO HB3  H N N 298 
PRO HG2  H N N 299 
PRO HG3  H N N 300 
PRO HD2  H N N 301 
PRO HD3  H N N 302 
PRO HXT  H N N 303 
SER N    N N N 304 
SER CA   C N S 305 
SER C    C N N 306 
SER O    O N N 307 
SER CB   C N N 308 
SER OG   O N N 309 
SER OXT  O N N 310 
SER H    H N N 311 
SER H2   H N N 312 
SER HA   H N N 313 
SER HB2  H N N 314 
SER HB3  H N N 315 
SER HG   H N N 316 
SER HXT  H N N 317 
THR N    N N N 318 
THR CA   C N S 319 
THR C    C N N 320 
THR O    O N N 321 
THR CB   C N R 322 
THR OG1  O N N 323 
THR CG2  C N N 324 
THR OXT  O N N 325 
THR H    H N N 326 
THR H2   H N N 327 
THR HA   H N N 328 
THR HB   H N N 329 
THR HG1  H N N 330 
THR HG21 H N N 331 
THR HG22 H N N 332 
THR HG23 H N N 333 
THR HXT  H N N 334 
TYR N    N N N 335 
TYR CA   C N S 336 
TYR C    C N N 337 
TYR O    O N N 338 
TYR CB   C N N 339 
TYR CG   C Y N 340 
TYR CD1  C Y N 341 
TYR CD2  C Y N 342 
TYR CE1  C Y N 343 
TYR CE2  C Y N 344 
TYR CZ   C Y N 345 
TYR OH   O N N 346 
TYR OXT  O N N 347 
TYR H    H N N 348 
TYR H2   H N N 349 
TYR HA   H N N 350 
TYR HB2  H N N 351 
TYR HB3  H N N 352 
TYR HD1  H N N 353 
TYR HD2  H N N 354 
TYR HE1  H N N 355 
TYR HE2  H N N 356 
TYR HH   H N N 357 
TYR HXT  H N N 358 
VAL N    N N N 359 
VAL CA   C N S 360 
VAL C    C N N 361 
VAL O    O N N 362 
VAL CB   C N N 363 
VAL CG1  C N N 364 
VAL CG2  C N N 365 
VAL OXT  O N N 366 
VAL H    H N N 367 
VAL H2   H N N 368 
VAL HA   H N N 369 
VAL HB   H N N 370 
VAL HG11 H N N 371 
VAL HG12 H N N 372 
VAL HG13 H N N 373 
VAL HG21 H N N 374 
VAL HG22 H N N 375 
VAL HG23 H N N 376 
VAL HXT  H N N 377 
# 
loop_
_chem_comp_bond.comp_id 
_chem_comp_bond.atom_id_1 
_chem_comp_bond.atom_id_2 
_chem_comp_bond.value_order 
_chem_comp_bond.pdbx_aromatic_flag 
_chem_comp_bond.pdbx_stereo_config 
_chem_comp_bond.pdbx_ordinal 
ALA N   CA   sing N N 1   
ALA N   H    sing N N 2   
ALA N   H2   sing N N 3   
ALA CA  C    sing N N 4   
ALA CA  CB   sing N N 5   
ALA CA  HA   sing N N 6   
ALA C   O    doub N N 7   
ALA C   OXT  sing N N 8   
ALA CB  HB1  sing N N 9   
ALA CB  HB2  sing N N 10  
ALA CB  HB3  sing N N 11  
ALA OXT HXT  sing N N 12  
ARG N   CA   sing N N 13  
ARG N   H    sing N N 14  
ARG N   H2   sing N N 15  
ARG CA  C    sing N N 16  
ARG CA  CB   sing N N 17  
ARG CA  HA   sing N N 18  
ARG C   O    doub N N 19  
ARG C   OXT  sing N N 20  
ARG CB  CG   sing N N 21  
ARG CB  HB2  sing N N 22  
ARG CB  HB3  sing N N 23  
ARG CG  CD   sing N N 24  
ARG CG  HG2  sing N N 25  
ARG CG  HG3  sing N N 26  
ARG CD  NE   sing N N 27  
ARG CD  HD2  sing N N 28  
ARG CD  HD3  sing N N 29  
ARG NE  CZ   sing N N 30  
ARG NE  HE   sing N N 31  
ARG CZ  NH1  sing N N 32  
ARG CZ  NH2  doub N N 33  
ARG NH1 HH11 sing N N 34  
ARG NH1 HH12 sing N N 35  
ARG NH2 HH21 sing N N 36  
ARG NH2 HH22 sing N N 37  
ARG OXT HXT  sing N N 38  
ASN N   CA   sing N N 39  
ASN N   H    sing N N 40  
ASN N   H2   sing N N 41  
ASN CA  C    sing N N 42  
ASN CA  CB   sing N N 43  
ASN CA  HA   sing N N 44  
ASN C   O    doub N N 45  
ASN C   OXT  sing N N 46  
ASN CB  CG   sing N N 47  
ASN CB  HB2  sing N N 48  
ASN CB  HB3  sing N N 49  
ASN CG  OD1  doub N N 50  
ASN CG  ND2  sing N N 51  
ASN ND2 HD21 sing N N 52  
ASN ND2 HD22 sing N N 53  
ASN OXT HXT  sing N N 54  
ASP N   CA   sing N N 55  
ASP N   H    sing N N 56  
ASP N   H2   sing N N 57  
ASP CA  C    sing N N 58  
ASP CA  CB   sing N N 59  
ASP CA  HA   sing N N 60  
ASP C   O    doub N N 61  
ASP C   OXT  sing N N 62  
ASP CB  CG   sing N N 63  
ASP CB  HB2  sing N N 64  
ASP CB  HB3  sing N N 65  
ASP CG  OD1  doub N N 66  
ASP CG  OD2  sing N N 67  
ASP OD2 HD2  sing N N 68  
ASP OXT HXT  sing N N 69  
CYS N   CA   sing N N 70  
CYS N   H    sing N N 71  
CYS N   H2   sing N N 72  
CYS CA  C    sing N N 73  
CYS CA  CB   sing N N 74  
CYS CA  HA   sing N N 75  
CYS C   O    doub N N 76  
CYS C   OXT  sing N N 77  
CYS CB  SG   sing N N 78  
CYS CB  HB2  sing N N 79  
CYS CB  HB3  sing N N 80  
CYS SG  HG   sing N N 81  
CYS OXT HXT  sing N N 82  
GLN N   CA   sing N N 83  
GLN N   H    sing N N 84  
GLN N   H2   sing N N 85  
GLN CA  C    sing N N 86  
GLN CA  CB   sing N N 87  
GLN CA  HA   sing N N 88  
GLN C   O    doub N N 89  
GLN C   OXT  sing N N 90  
GLN CB  CG   sing N N 91  
GLN CB  HB2  sing N N 92  
GLN CB  HB3  sing N N 93  
GLN CG  CD   sing N N 94  
GLN CG  HG2  sing N N 95  
GLN CG  HG3  sing N N 96  
GLN CD  OE1  doub N N 97  
GLN CD  NE2  sing N N 98  
GLN NE2 HE21 sing N N 99  
GLN NE2 HE22 sing N N 100 
GLN OXT HXT  sing N N 101 
GLU N   CA   sing N N 102 
GLU N   H    sing N N 103 
GLU N   H2   sing N N 104 
GLU CA  C    sing N N 105 
GLU CA  CB   sing N N 106 
GLU CA  HA   sing N N 107 
GLU C   O    doub N N 108 
GLU C   OXT  sing N N 109 
GLU CB  CG   sing N N 110 
GLU CB  HB2  sing N N 111 
GLU CB  HB3  sing N N 112 
GLU CG  CD   sing N N 113 
GLU CG  HG2  sing N N 114 
GLU CG  HG3  sing N N 115 
GLU CD  OE1  doub N N 116 
GLU CD  OE2  sing N N 117 
GLU OE2 HE2  sing N N 118 
GLU OXT HXT  sing N N 119 
GLY N   CA   sing N N 120 
GLY N   H    sing N N 121 
GLY N   H2   sing N N 122 
GLY CA  C    sing N N 123 
GLY CA  HA2  sing N N 124 
GLY CA  HA3  sing N N 125 
GLY C   O    doub N N 126 
GLY C   OXT  sing N N 127 
GLY OXT HXT  sing N N 128 
GOL C1  O1   sing N N 129 
GOL C1  C2   sing N N 130 
GOL C1  H11  sing N N 131 
GOL C1  H12  sing N N 132 
GOL O1  HO1  sing N N 133 
GOL C2  O2   sing N N 134 
GOL C2  C3   sing N N 135 
GOL C2  H2   sing N N 136 
GOL O2  HO2  sing N N 137 
GOL C3  O3   sing N N 138 
GOL C3  H31  sing N N 139 
GOL C3  H32  sing N N 140 
GOL O3  HO3  sing N N 141 
HIS N   CA   sing N N 142 
HIS N   H    sing N N 143 
HIS N   H2   sing N N 144 
HIS CA  C    sing N N 145 
HIS CA  CB   sing N N 146 
HIS CA  HA   sing N N 147 
HIS C   O    doub N N 148 
HIS C   OXT  sing N N 149 
HIS CB  CG   sing N N 150 
HIS CB  HB2  sing N N 151 
HIS CB  HB3  sing N N 152 
HIS CG  ND1  sing Y N 153 
HIS CG  CD2  doub Y N 154 
HIS ND1 CE1  doub Y N 155 
HIS ND1 HD1  sing N N 156 
HIS CD2 NE2  sing Y N 157 
HIS CD2 HD2  sing N N 158 
HIS CE1 NE2  sing Y N 159 
HIS CE1 HE1  sing N N 160 
HIS NE2 HE2  sing N N 161 
HIS OXT HXT  sing N N 162 
HOH O   H1   sing N N 163 
HOH O   H2   sing N N 164 
ILE N   CA   sing N N 165 
ILE N   H    sing N N 166 
ILE N   H2   sing N N 167 
ILE CA  C    sing N N 168 
ILE CA  CB   sing N N 169 
ILE CA  HA   sing N N 170 
ILE C   O    doub N N 171 
ILE C   OXT  sing N N 172 
ILE CB  CG1  sing N N 173 
ILE CB  CG2  sing N N 174 
ILE CB  HB   sing N N 175 
ILE CG1 CD1  sing N N 176 
ILE CG1 HG12 sing N N 177 
ILE CG1 HG13 sing N N 178 
ILE CG2 HG21 sing N N 179 
ILE CG2 HG22 sing N N 180 
ILE CG2 HG23 sing N N 181 
ILE CD1 HD11 sing N N 182 
ILE CD1 HD12 sing N N 183 
ILE CD1 HD13 sing N N 184 
ILE OXT HXT  sing N N 185 
LEU N   CA   sing N N 186 
LEU N   H    sing N N 187 
LEU N   H2   sing N N 188 
LEU CA  C    sing N N 189 
LEU CA  CB   sing N N 190 
LEU CA  HA   sing N N 191 
LEU C   O    doub N N 192 
LEU C   OXT  sing N N 193 
LEU CB  CG   sing N N 194 
LEU CB  HB2  sing N N 195 
LEU CB  HB3  sing N N 196 
LEU CG  CD1  sing N N 197 
LEU CG  CD2  sing N N 198 
LEU CG  HG   sing N N 199 
LEU CD1 HD11 sing N N 200 
LEU CD1 HD12 sing N N 201 
LEU CD1 HD13 sing N N 202 
LEU CD2 HD21 sing N N 203 
LEU CD2 HD22 sing N N 204 
LEU CD2 HD23 sing N N 205 
LEU OXT HXT  sing N N 206 
LYS N   CA   sing N N 207 
LYS N   H    sing N N 208 
LYS N   H2   sing N N 209 
LYS CA  C    sing N N 210 
LYS CA  CB   sing N N 211 
LYS CA  HA   sing N N 212 
LYS C   O    doub N N 213 
LYS C   OXT  sing N N 214 
LYS CB  CG   sing N N 215 
LYS CB  HB2  sing N N 216 
LYS CB  HB3  sing N N 217 
LYS CG  CD   sing N N 218 
LYS CG  HG2  sing N N 219 
LYS CG  HG3  sing N N 220 
LYS CD  CE   sing N N 221 
LYS CD  HD2  sing N N 222 
LYS CD  HD3  sing N N 223 
LYS CE  NZ   sing N N 224 
LYS CE  HE2  sing N N 225 
LYS CE  HE3  sing N N 226 
LYS NZ  HZ1  sing N N 227 
LYS NZ  HZ2  sing N N 228 
LYS NZ  HZ3  sing N N 229 
LYS OXT HXT  sing N N 230 
MET N   CA   sing N N 231 
MET N   H    sing N N 232 
MET N   H2   sing N N 233 
MET CA  C    sing N N 234 
MET CA  CB   sing N N 235 
MET CA  HA   sing N N 236 
MET C   O    doub N N 237 
MET C   OXT  sing N N 238 
MET CB  CG   sing N N 239 
MET CB  HB2  sing N N 240 
MET CB  HB3  sing N N 241 
MET CG  SD   sing N N 242 
MET CG  HG2  sing N N 243 
MET CG  HG3  sing N N 244 
MET SD  CE   sing N N 245 
MET CE  HE1  sing N N 246 
MET CE  HE2  sing N N 247 
MET CE  HE3  sing N N 248 
MET OXT HXT  sing N N 249 
PHE N   CA   sing N N 250 
PHE N   H    sing N N 251 
PHE N   H2   sing N N 252 
PHE CA  C    sing N N 253 
PHE CA  CB   sing N N 254 
PHE CA  HA   sing N N 255 
PHE C   O    doub N N 256 
PHE C   OXT  sing N N 257 
PHE CB  CG   sing N N 258 
PHE CB  HB2  sing N N 259 
PHE CB  HB3  sing N N 260 
PHE CG  CD1  doub Y N 261 
PHE CG  CD2  sing Y N 262 
PHE CD1 CE1  sing Y N 263 
PHE CD1 HD1  sing N N 264 
PHE CD2 CE2  doub Y N 265 
PHE CD2 HD2  sing N N 266 
PHE CE1 CZ   doub Y N 267 
PHE CE1 HE1  sing N N 268 
PHE CE2 CZ   sing Y N 269 
PHE CE2 HE2  sing N N 270 
PHE CZ  HZ   sing N N 271 
PHE OXT HXT  sing N N 272 
PRO N   CA   sing N N 273 
PRO N   CD   sing N N 274 
PRO N   H    sing N N 275 
PRO CA  C    sing N N 276 
PRO CA  CB   sing N N 277 
PRO CA  HA   sing N N 278 
PRO C   O    doub N N 279 
PRO C   OXT  sing N N 280 
PRO CB  CG   sing N N 281 
PRO CB  HB2  sing N N 282 
PRO CB  HB3  sing N N 283 
PRO CG  CD   sing N N 284 
PRO CG  HG2  sing N N 285 
PRO CG  HG3  sing N N 286 
PRO CD  HD2  sing N N 287 
PRO CD  HD3  sing N N 288 
PRO OXT HXT  sing N N 289 
SER N   CA   sing N N 290 
SER N   H    sing N N 291 
SER N   H2   sing N N 292 
SER CA  C    sing N N 293 
SER CA  CB   sing N N 294 
SER CA  HA   sing N N 295 
SER C   O    doub N N 296 
SER C   OXT  sing N N 297 
SER CB  OG   sing N N 298 
SER CB  HB2  sing N N 299 
SER CB  HB3  sing N N 300 
SER OG  HG   sing N N 301 
SER OXT HXT  sing N N 302 
THR N   CA   sing N N 303 
THR N   H    sing N N 304 
THR N   H2   sing N N 305 
THR CA  C    sing N N 306 
THR CA  CB   sing N N 307 
THR CA  HA   sing N N 308 
THR C   O    doub N N 309 
THR C   OXT  sing N N 310 
THR CB  OG1  sing N N 311 
THR CB  CG2  sing N N 312 
THR CB  HB   sing N N 313 
THR OG1 HG1  sing N N 314 
THR CG2 HG21 sing N N 315 
THR CG2 HG22 sing N N 316 
THR CG2 HG23 sing N N 317 
THR OXT HXT  sing N N 318 
TYR N   CA   sing N N 319 
TYR N   H    sing N N 320 
TYR N   H2   sing N N 321 
TYR CA  C    sing N N 322 
TYR CA  CB   sing N N 323 
TYR CA  HA   sing N N 324 
TYR C   O    doub N N 325 
TYR C   OXT  sing N N 326 
TYR CB  CG   sing N N 327 
TYR CB  HB2  sing N N 328 
TYR CB  HB3  sing N N 329 
TYR CG  CD1  doub Y N 330 
TYR CG  CD2  sing Y N 331 
TYR CD1 CE1  sing Y N 332 
TYR CD1 HD1  sing N N 333 
TYR CD2 CE2  doub Y N 334 
TYR CD2 HD2  sing N N 335 
TYR CE1 CZ   doub Y N 336 
TYR CE1 HE1  sing N N 337 
TYR CE2 CZ   sing Y N 338 
TYR CE2 HE2  sing N N 339 
TYR CZ  OH   sing N N 340 
TYR OH  HH   sing N N 341 
TYR OXT HXT  sing N N 342 
VAL N   CA   sing N N 343 
VAL N   H    sing N N 344 
VAL N   H2   sing N N 345 
VAL CA  C    sing N N 346 
VAL CA  CB   sing N N 347 
VAL CA  HA   sing N N 348 
VAL C   O    doub N N 349 
VAL C   OXT  sing N N 350 
VAL CB  CG1  sing N N 351 
VAL CB  CG2  sing N N 352 
VAL CB  HB   sing N N 353 
VAL CG1 HG11 sing N N 354 
VAL CG1 HG12 sing N N 355 
VAL CG1 HG13 sing N N 356 
VAL CG2 HG21 sing N N 357 
VAL CG2 HG22 sing N N 358 
VAL CG2 HG23 sing N N 359 
VAL OXT HXT  sing N N 360 
# 
_atom_sites.entry_id                    2CCQ 
_atom_sites.fract_transf_matrix[1][1]   0.00766629 
_atom_sites.fract_transf_matrix[1][2]   -0.00808251 
_atom_sites.fract_transf_matrix[1][3]   0.01107181 
_atom_sites.fract_transf_matrix[2][1]   0.00232964 
_atom_sites.fract_transf_matrix[2][2]   -0.01543546 
_atom_sites.fract_transf_matrix[2][3]   -0.00174044 
_atom_sites.fract_transf_matrix[3][1]   0.02623412 
_atom_sites.fract_transf_matrix[3][2]   0.00555076 
_atom_sites.fract_transf_matrix[3][3]   -0.01411280 
_atom_sites.fract_transf_vector[1]      0.970744 
_atom_sites.fract_transf_vector[2]      0.650398 
_atom_sites.fract_transf_vector[3]      0.603019 
# 
loop_
_atom_type.symbol 
C 
N 
O 
S 
# 
loop_
_atom_site.group_PDB 
_atom_site.id 
_atom_site.type_symbol 
_atom_site.label_atom_id 
_atom_site.label_alt_id 
_atom_site.label_comp_id 
_atom_site.label_asym_id 
_atom_site.label_entity_id 
_atom_site.label_seq_id 
_atom_site.pdbx_PDB_ins_code 
_atom_site.Cartn_x 
_atom_site.Cartn_y 
_atom_site.Cartn_z 
_atom_site.occupancy 
_atom_site.B_iso_or_equiv 
_atom_site.pdbx_formal_charge 
_atom_site.auth_seq_id 
_atom_site.auth_comp_id 
_atom_site.auth_asym_id 
_atom_site.auth_atom_id 
_atom_site.pdbx_PDB_model_num 
ATOM   1   N N   . GLY A 1 1  ? -10.312 8.238   2.988   1.00 23.17 ? 11   GLY A N   1 
ATOM   2   C CA  . GLY A 1 1  ? -11.086 7.389   2.055   1.00 30.29 ? 11   GLY A CA  1 
ATOM   3   C C   . GLY A 1 1  ? -11.319 8.000   0.687   1.00 30.83 ? 11   GLY A C   1 
ATOM   4   O O   . GLY A 1 1  ? -10.393 8.121   -0.110  1.00 28.99 ? 11   GLY A O   1 
ATOM   5   N N   . SER A 1 2  ? -12.564 8.396   0.428   1.00 33.31 ? 12   SER A N   1 
ATOM   6   C CA  . SER A 1 2  ? -12.957 8.980   -0.849  1.00 33.69 ? 12   SER A CA  1 
ATOM   7   C C   . SER A 1 2  ? -12.071 10.120  -1.347  1.00 33.19 ? 12   SER A C   1 
ATOM   8   O O   . SER A 1 2  ? -12.092 10.443  -2.533  1.00 34.13 ? 12   SER A O   1 
ATOM   9   C CB  . SER A 1 2  ? -14.414 9.452   -0.781  1.00 35.92 ? 12   SER A CB  1 
ATOM   10  O OG  . SER A 1 2  ? -14.589 10.458  0.202   1.00 36.95 ? 12   SER A OG  1 
ATOM   11  N N   . ALA A 1 3  ? -11.299 10.734  -0.453  1.00 31.66 ? 13   ALA A N   1 
ATOM   12  C CA  . ALA A 1 3  ? -10.415 11.825  -0.852  1.00 30.30 ? 13   ALA A CA  1 
ATOM   13  C C   . ALA A 1 3  ? -9.316  11.274  -1.758  1.00 29.84 ? 13   ALA A C   1 
ATOM   14  O O   . ALA A 1 3  ? -8.640  12.020  -2.470  1.00 29.89 ? 13   ALA A O   1 
ATOM   15  C CB  . ALA A 1 3  ? -9.801  12.486  0.377   1.00 31.77 ? 13   ALA A CB  1 
ATOM   16  N N   . SER A 1 4  ? -9.147  9.956   -1.719  1.00 25.98 ? 14   SER A N   1 
ATOM   17  C CA  . SER A 1 4  ? -8.147  9.274   -2.531  1.00 24.18 ? 14   SER A CA  1 
ATOM   18  C C   . SER A 1 4  ? -8.819  8.364   -3.555  1.00 22.52 ? 14   SER A C   1 
ATOM   19  O O   . SER A 1 4  ? -9.637  7.515   -3.203  1.00 21.53 ? 14   SER A O   1 
ATOM   20  C CB  . SER A 1 4  ? -7.226  8.439   -1.635  1.00 22.43 ? 14   SER A CB  1 
ATOM   21  O OG  . SER A 1 4  ? -6.519  7.475   -2.398  1.00 22.69 ? 14   SER A OG  1 
ATOM   22  N N   . PRO A 1 5  ? -8.491  8.542   -4.844  1.00 22.42 ? 15   PRO A N   1 
ATOM   23  C CA  . PRO A 1 5  ? -9.076  7.718   -5.906  1.00 21.56 ? 15   PRO A CA  1 
ATOM   24  C C   . PRO A 1 5  ? -8.849  6.221   -5.678  1.00 20.83 ? 15   PRO A C   1 
ATOM   25  O O   . PRO A 1 5  ? -9.766  5.415   -5.829  1.00 18.91 ? 15   PRO A O   1 
ATOM   26  C CB  . PRO A 1 5  ? -8.371  8.227   -7.160  1.00 23.21 ? 15   PRO A CB  1 
ATOM   27  C CG  . PRO A 1 5  ? -8.169  9.675   -6.849  1.00 23.54 ? 15   PRO A CG  1 
ATOM   28  C CD  . PRO A 1 5  ? -7.686  9.638   -5.414  1.00 22.71 ? 15   PRO A CD  1 
ATOM   29  N N   . ALA A 1 6  ? -7.624  5.853   -5.314  1.00 19.95 ? 16   ALA A N   1 
ATOM   30  C CA  . ALA A 1 6  ? -7.300  4.451   -5.071  1.00 18.24 ? 16   ALA A CA  1 
ATOM   31  C C   . ALA A 1 6  ? -8.050  3.910   -3.858  1.00 17.83 ? 16   ALA A C   1 
ATOM   32  O O   . ALA A 1 6  ? -8.530  2.780   -3.878  1.00 17.47 ? 16   ALA A O   1 
ATOM   33  C CB  . ALA A 1 6  ? -5.794  4.286   -4.880  1.00 15.98 ? 16   ALA A CB  1 
ATOM   34  N N   . VAL A 1 7  ? -8.149  4.707   -2.797  1.00 19.21 ? 17   VAL A N   1 
ATOM   35  C CA  . VAL A 1 7  ? -8.869  4.254   -1.611  1.00 18.53 ? 17   VAL A CA  1 
ATOM   36  C C   . VAL A 1 7  ? -10.346 4.099   -1.958  1.00 18.87 ? 17   VAL A C   1 
ATOM   37  O O   . VAL A 1 7  ? -10.997 3.161   -1.509  1.00 16.70 ? 17   VAL A O   1 
ATOM   38  C CB  . VAL A 1 7  ? -8.720  5.239   -0.425  1.00 19.80 ? 17   VAL A CB  1 
ATOM   39  C CG1 . VAL A 1 7  ? -9.562  4.762   0.752   1.00 19.74 ? 17   VAL A CG1 1 
ATOM   40  C CG2 . VAL A 1 7  ? -7.264  5.328   -0.010  1.00 19.83 ? 17   VAL A CG2 1 
ATOM   41  N N   . ALA A 1 8  ? -10.867 5.015   -2.772  1.00 19.64 ? 18   ALA A N   1 
ATOM   42  C CA  . ALA A 1 8  ? -12.269 4.946   -3.173  1.00 20.41 ? 18   ALA A CA  1 
ATOM   43  C C   . ALA A 1 8  ? -12.516 3.622   -3.891  1.00 19.77 ? 18   ALA A C   1 
ATOM   44  O O   . ALA A 1 8  ? -13.568 3.000   -3.731  1.00 20.17 ? 18   ALA A O   1 
ATOM   45  C CB  . ALA A 1 8  ? -12.622 6.121   -4.083  1.00 20.26 ? 18   ALA A CB  1 
ATOM   46  N N   . GLU A 1 9  ? -11.539 3.199   -4.688  1.00 18.17 ? 19   GLU A N   1 
ATOM   47  C CA  . GLU A 1 9  ? -11.631 1.938   -5.413  1.00 18.76 ? 19   GLU A CA  1 
ATOM   48  C C   . GLU A 1 9  ? -11.538 0.778   -4.431  1.00 18.31 ? 19   GLU A C   1 
ATOM   49  O O   . GLU A 1 9  ? -12.272 -0.202  -4.542  1.00 17.81 ? 19   GLU A O   1 
ATOM   50  C CB  . GLU A 1 9  ? -10.498 1.828   -6.437  1.00 19.75 ? 19   GLU A CB  1 
ATOM   51  C CG  . GLU A 1 9  ? -10.695 2.687   -7.672  1.00 25.90 ? 19   GLU A CG  1 
ATOM   52  C CD  . GLU A 1 9  ? -11.925 2.274   -8.452  1.00 26.98 ? 19   GLU A CD  1 
ATOM   53  O OE1 . GLU A 1 9  ? -11.991 1.098   -8.868  1.00 28.08 ? 19   GLU A OE1 1 
ATOM   54  O OE2 . GLU A 1 9  ? -12.826 3.119   -8.644  1.00 30.52 ? 19   GLU A OE2 1 
ATOM   55  N N   . LEU A 1 10 ? -10.620 0.892   -3.473  1.00 16.59 ? 20   LEU A N   1 
ATOM   56  C CA  . LEU A 1 10 ? -10.442 -0.151  -2.473  1.00 16.87 ? 20   LEU A CA  1 
ATOM   57  C C   . LEU A 1 10 ? -11.736 -0.333  -1.684  1.00 17.48 ? 20   LEU A C   1 
ATOM   58  O O   . LEU A 1 10 ? -12.080 -1.446  -1.277  1.00 15.85 ? 20   LEU A O   1 
ATOM   59  C CB  . LEU A 1 10 ? -9.299  0.217   -1.519  1.00 16.12 ? 20   LEU A CB  1 
ATOM   60  C CG  . LEU A 1 10 ? -8.899  -0.858  -0.504  1.00 16.73 ? 20   LEU A CG  1 
ATOM   61  C CD1 . LEU A 1 10 ? -8.307  -2.052  -1.234  1.00 17.48 ? 20   LEU A CD1 1 
ATOM   62  C CD2 . LEU A 1 10 ? -7.881  -0.281  0.478   1.00 17.42 ? 20   LEU A CD2 1 
ATOM   63  N N   . CYS A 1 11 ? -12.456 0.767   -1.478  1.00 19.16 ? 21   CYS A N   1 
ATOM   64  C CA  . CYS A 1 11 ? -13.716 0.728   -0.742  1.00 21.17 ? 21   CYS A CA  1 
ATOM   65  C C   . CYS A 1 11 ? -14.790 -0.079  -1.462  1.00 21.91 ? 21   CYS A C   1 
ATOM   66  O O   . CYS A 1 11 ? -15.796 -0.453  -0.859  1.00 21.92 ? 21   CYS A O   1 
ATOM   67  C CB  . CYS A 1 11 ? -14.226 2.147   -0.481  1.00 22.32 ? 21   CYS A CB  1 
ATOM   68  S SG  . CYS A 1 11 ? -13.313 3.040   0.798   1.00 28.18 ? 21   CYS A SG  1 
ATOM   69  N N   . GLN A 1 12 ? -14.581 -0.341  -2.749  1.00 21.36 ? 22   GLN A N   1 
ATOM   70  C CA  . GLN A 1 12 ? -15.532 -1.123  -3.531  1.00 23.25 ? 22   GLN A CA  1 
ATOM   71  C C   . GLN A 1 12 ? -15.209 -2.608  -3.388  1.00 23.57 ? 22   GLN A C   1 
ATOM   72  O O   . GLN A 1 12 ? -15.044 -3.331  -4.377  1.00 26.70 ? 22   GLN A O   1 
ATOM   73  C CB  . GLN A 1 12 ? -15.483 -0.717  -5.009  1.00 24.75 ? 22   GLN A CB  1 
ATOM   74  C CG  . GLN A 1 12 ? -15.994 0.692   -5.288  1.00 27.14 ? 22   GLN A CG  1 
ATOM   75  C CD  . GLN A 1 12 ? -17.428 0.889   -4.833  1.00 28.99 ? 22   GLN A CD  1 
ATOM   76  O OE1 . GLN A 1 12 ? -18.317 0.124   -5.203  1.00 30.99 ? 22   GLN A OE1 1 
ATOM   77  N NE2 . GLN A 1 12 ? -17.659 1.918   -4.026  1.00 31.60 ? 22   GLN A NE2 1 
ATOM   78  N N   . ASN A 1 13 ? -15.096 -3.044  -2.139  1.00 20.22 ? 23   ASN A N   1 
ATOM   79  C CA  . ASN A 1 13 ? -14.808 -4.431  -1.800  1.00 19.32 ? 23   ASN A CA  1 
ATOM   80  C C   . ASN A 1 13 ? -15.667 -4.769  -0.594  1.00 18.52 ? 23   ASN A C   1 
ATOM   81  O O   . ASN A 1 13 ? -16.124 -3.873  0.111   1.00 19.85 ? 23   ASN A O   1 
ATOM   82  C CB  . ASN A 1 13 ? -13.336 -4.595  -1.399  1.00 17.10 ? 23   ASN A CB  1 
ATOM   83  C CG  . ASN A 1 13 ? -12.413 -4.762  -2.587  1.00 16.43 ? 23   ASN A CG  1 
ATOM   84  O OD1 . ASN A 1 13 ? -12.426 -5.796  -3.251  1.00 18.16 ? 23   ASN A OD1 1 
ATOM   85  N ND2 . ASN A 1 13 ? -11.602 -3.743  -2.858  1.00 17.43 ? 23   ASN A ND2 1 
ATOM   86  N N   . THR A 1 14 ? -15.889 -6.054  -0.358  1.00 18.97 ? 24   THR A N   1 
ATOM   87  C CA  . THR A 1 14 ? -16.657 -6.463  0.806   1.00 19.54 ? 24   THR A CA  1 
ATOM   88  C C   . THR A 1 14 ? -15.781 -6.172  2.028   1.00 19.08 ? 24   THR A C   1 
ATOM   89  O O   . THR A 1 14 ? -14.560 -6.068  1.908   1.00 19.45 ? 24   THR A O   1 
ATOM   90  C CB  . THR A 1 14 ? -17.009 -7.962  0.748   1.00 22.88 ? 24   THR A CB  1 
ATOM   91  O OG1 . THR A 1 14 ? -15.877 -8.704  0.278   1.00 27.42 ? 24   THR A OG1 1 
ATOM   92  C CG2 . THR A 1 14 ? -18.191 -8.192  -0.186  1.00 24.32 ? 24   THR A CG2 1 
ATOM   93  N N   . PRO A 1 15 ? -16.394 -6.025  3.210   1.00 18.23 ? 25   PRO A N   1 
ATOM   94  C CA  . PRO A 1 15 ? -15.712 -5.735  4.477   1.00 18.97 ? 25   PRO A CA  1 
ATOM   95  C C   . PRO A 1 15 ? -14.472 -6.561  4.821   1.00 17.91 ? 25   PRO A C   1 
ATOM   96  O O   . PRO A 1 15 ? -13.416 -5.999  5.119   1.00 18.09 ? 25   PRO A O   1 
ATOM   97  C CB  . PRO A 1 15 ? -16.819 -5.917  5.511   1.00 19.02 ? 25   PRO A CB  1 
ATOM   98  C CG  . PRO A 1 15 ? -18.025 -5.462  4.774   1.00 20.61 ? 25   PRO A CG  1 
ATOM   99  C CD  . PRO A 1 15 ? -17.854 -6.100  3.416   1.00 18.15 ? 25   PRO A CD  1 
ATOM   100 N N   . GLU A 1 16 ? -14.594 -7.886  4.795   1.00 18.75 ? 26   GLU A N   1 
ATOM   101 C CA  . GLU A 1 16 ? -13.458 -8.747  5.140   1.00 18.61 ? 26   GLU A CA  1 
ATOM   102 C C   . GLU A 1 16 ? -12.257 -8.525  4.231   1.00 18.49 ? 26   GLU A C   1 
ATOM   103 O O   . GLU A 1 16 ? -11.122 -8.449  4.702   1.00 19.34 ? 26   GLU A O   1 
ATOM   104 C CB  . GLU A 1 16 ? -13.861 -10.223 5.099   1.00 19.65 ? 26   GLU A CB  1 
ATOM   105 C CG  . GLU A 1 16 ? -15.082 -10.539 5.931   1.00 20.41 ? 26   GLU A CG  1 
ATOM   106 C CD  . GLU A 1 16 ? -16.308 -10.757 5.073   1.00 21.10 ? 26   GLU A CD  1 
ATOM   107 O OE1 . GLU A 1 16 ? -16.412 -10.111 4.006   1.00 21.33 ? 26   GLU A OE1 1 
ATOM   108 O OE2 . GLU A 1 16 ? -17.165 -11.565 5.469   1.00 20.46 ? 26   GLU A OE2 1 
ATOM   109 N N   . THR A 1 17 ? -12.510 -8.418  2.930   1.00 17.95 ? 27   THR A N   1 
ATOM   110 C CA  . THR A 1 17 ? -11.442 -8.197  1.966   1.00 17.12 ? 27   THR A CA  1 
ATOM   111 C C   . THR A 1 17 ? -10.832 -6.813  2.151   1.00 16.81 ? 27   THR A C   1 
ATOM   112 O O   . THR A 1 17 ? -9.611  -6.645  2.049   1.00 17.03 ? 27   THR A O   1 
ATOM   113 C CB  . THR A 1 17 ? -11.968 -8.347  0.528   1.00 18.09 ? 27   THR A CB  1 
ATOM   114 O OG1 . THR A 1 17 ? -12.284 -9.725  0.287   1.00 19.16 ? 27   THR A OG1 1 
ATOM   115 C CG2 . THR A 1 17 ? -10.928 -7.876  -0.484  1.00 17.59 ? 27   THR A CG2 1 
ATOM   116 N N   . PHE A 1 18 ? -11.673 -5.820  2.423   1.00 15.76 ? 28   PHE A N   1 
ATOM   117 C CA  . PHE A 1 18 ? -11.171 -4.467  2.631   1.00 16.89 ? 28   PHE A CA  1 
ATOM   118 C C   . PHE A 1 18 ? -10.264 -4.442  3.854   1.00 17.44 ? 28   PHE A C   1 
ATOM   119 O O   . PHE A 1 18 ? -9.177  -3.869  3.819   1.00 17.78 ? 28   PHE A O   1 
ATOM   120 C CB  . PHE A 1 18 ? -12.306 -3.467  2.865   1.00 18.18 ? 28   PHE A CB  1 
ATOM   121 C CG  . PHE A 1 18 ? -11.819 -2.058  3.083   1.00 16.18 ? 28   PHE A CG  1 
ATOM   122 C CD1 . PHE A 1 18 ? -11.611 -1.203  2.001   1.00 17.15 ? 28   PHE A CD1 1 
ATOM   123 C CD2 . PHE A 1 18 ? -11.489 -1.610  4.359   1.00 17.17 ? 28   PHE A CD2 1 
ATOM   124 C CE1 . PHE A 1 18 ? -11.079 0.074   2.186   1.00 17.81 ? 28   PHE A CE1 1 
ATOM   125 C CE2 . PHE A 1 18 ? -10.953 -0.334  4.557   1.00 18.21 ? 28   PHE A CE2 1 
ATOM   126 C CZ  . PHE A 1 18 ? -10.748 0.509   3.467   1.00 19.49 ? 28   PHE A CZ  1 
ATOM   127 N N   . LEU A 1 19 ? -10.723 -5.057  4.939   1.00 17.77 ? 29   LEU A N   1 
ATOM   128 C CA  . LEU A 1 19 ? -9.942  -5.074  6.170   1.00 16.78 ? 29   LEU A CA  1 
ATOM   129 C C   . LEU A 1 19 ? -8.626  -5.817  6.006   1.00 16.32 ? 29   LEU A C   1 
ATOM   130 O O   . LEU A 1 19 ? -7.596  -5.383  6.517   1.00 16.08 ? 29   LEU A O   1 
ATOM   131 C CB  . LEU A 1 19 ? -10.764 -5.686  7.308   1.00 17.12 ? 29   LEU A CB  1 
ATOM   132 C CG  . LEU A 1 19 ? -11.931 -4.804  7.761   1.00 18.94 ? 29   LEU A CG  1 
ATOM   133 C CD1 . LEU A 1 19 ? -12.772 -5.534  8.795   1.00 19.51 ? 29   LEU A CD1 1 
ATOM   134 C CD2 . LEU A 1 19 ? -11.383 -3.494  8.329   1.00 19.81 ? 29   LEU A CD2 1 
ATOM   135 N N   . GLU A 1 20 ? -8.656  -6.927  5.278   1.00 16.12 ? 30   GLU A N   1 
ATOM   136 C CA  . GLU A 1 20 ? -7.454  -7.721  5.054   1.00 16.67 ? 30   GLU A CA  1 
ATOM   137 C C   . GLU A 1 20 ? -6.421  -6.966  4.212   1.00 16.70 ? 30   GLU A C   1 
ATOM   138 O O   . GLU A 1 20 ? -5.240  -6.918  4.556   1.00 16.53 ? 30   GLU A O   1 
ATOM   139 C CB  . GLU A 1 20 ? -7.829  -9.039  4.374   1.00 19.35 ? 30   GLU A CB  1 
ATOM   140 C CG  . GLU A 1 20 ? -6.667  -9.976  4.125   1.00 25.28 ? 30   GLU A CG  1 
ATOM   141 C CD  . GLU A 1 20 ? -7.111  -11.279 3.491   1.00 27.62 ? 30   GLU A CD  1 
ATOM   142 O OE1 . GLU A 1 20 ? -7.744  -12.100 4.189   1.00 32.05 ? 30   GLU A OE1 1 
ATOM   143 O OE2 . GLU A 1 20 ? -6.837  -11.475 2.290   1.00 29.31 ? 30   GLU A OE2 1 
ATOM   144 N N   . ALA A 1 21 ? -6.868  -6.378  3.108   1.00 14.02 ? 31   ALA A N   1 
ATOM   145 C CA  . ALA A 1 21 ? -5.968  -5.633  2.235   1.00 13.15 ? 31   ALA A CA  1 
ATOM   146 C C   . ALA A 1 21 ? -5.462  -4.369  2.922   1.00 12.73 ? 31   ALA A C   1 
ATOM   147 O O   . ALA A 1 21 ? -4.272  -4.056  2.861   1.00 13.01 ? 31   ALA A O   1 
ATOM   148 C CB  . ALA A 1 21 ? -6.683  -5.263  0.926   1.00 12.76 ? 31   ALA A CB  1 
ATOM   149 N N   . SER A 1 22 ? -6.362  -3.640  3.577   1.00 11.89 ? 32   SER A N   1 
ATOM   150 C CA  . SER A 1 22 ? -5.954  -2.410  4.242   1.00 12.05 ? 32   SER A CA  1 
ATOM   151 C C   . SER A 1 22 ? -4.955  -2.670  5.364   1.00 12.02 ? 32   SER A C   1 
ATOM   152 O O   . SER A 1 22 ? -4.030  -1.884  5.564   1.00 11.77 ? 32   SER A O   1 
ATOM   153 C CB  . SER A 1 22 ? -7.170  -1.634  4.776   1.00 13.46 ? 32   SER A CB  1 
ATOM   154 O OG  . SER A 1 22 ? -7.935  -2.393  5.691   1.00 13.86 ? 32   SER A OG  1 
ATOM   155 N N   . LYS A 1 23 ? -5.123  -3.770  6.093   1.00 11.89 ? 33   LYS A N   1 
ATOM   156 C CA  . LYS A 1 23 ? -4.190  -4.077  7.173   1.00 11.40 ? 33   LYS A CA  1 
ATOM   157 C C   . LYS A 1 23 ? -2.777  -4.239  6.614   1.00 13.05 ? 33   LYS A C   1 
ATOM   158 O O   . LYS A 1 23 ? -1.809  -3.701  7.168   1.00 12.95 ? 33   LYS A O   1 
ATOM   159 C CB  . LYS A 1 23 ? -4.601  -5.362  7.899   1.00 14.97 ? 33   LYS A CB  1 
ATOM   160 C CG  . LYS A 1 23 ? -3.703  -5.673  9.085   1.00 18.98 ? 33   LYS A CG  1 
ATOM   161 C CD  . LYS A 1 23 ? -3.924  -7.070  9.619   1.00 24.83 ? 33   LYS A CD  1 
ATOM   162 C CE  . LYS A 1 23 ? -2.956  -7.353  10.756  1.00 29.09 ? 33   LYS A CE  1 
ATOM   163 N NZ  . LYS A 1 23 ? -2.808  -8.805  11.012  1.00 34.38 ? 33   LYS A NZ  1 
ATOM   164 N N   . LEU A 1 24 ? -2.657  -4.977  5.513   1.00 13.10 ? 34   LEU A N   1 
ATOM   165 C CA  . LEU A 1 24 ? -1.357  -5.189  4.888   1.00 12.56 ? 34   LEU A CA  1 
ATOM   166 C C   . LEU A 1 24 ? -0.803  -3.872  4.342   1.00 12.48 ? 34   LEU A C   1 
ATOM   167 O O   . LEU A 1 24 ? 0.386   -3.588  4.480   1.00 12.48 ? 34   LEU A O   1 
ATOM   168 C CB  . LEU A 1 24 ? -1.471  -6.232  3.765   1.00 13.86 ? 34   LEU A CB  1 
ATOM   169 C CG  . LEU A 1 24 ? -0.162  -6.672  3.102   1.00 15.65 ? 34   LEU A CG  1 
ATOM   170 C CD1 . LEU A 1 24 ? 0.802   -7.223  4.155   1.00 14.84 ? 34   LEU A CD1 1 
ATOM   171 C CD2 . LEU A 1 24 ? -0.463  -7.733  2.052   1.00 15.80 ? 34   LEU A CD2 1 
ATOM   172 N N   . LEU A 1 25 ? -1.659  -3.060  3.721   1.00 12.02 ? 35   LEU A N   1 
ATOM   173 C CA  . LEU A 1 25 ? -1.208  -1.778  3.191   1.00 12.42 ? 35   LEU A CA  1 
ATOM   174 C C   . LEU A 1 25 ? -0.650  -0.897  4.310   1.00 11.20 ? 35   LEU A C   1 
ATOM   175 O O   . LEU A 1 25 ? 0.383   -0.247  4.139   1.00 11.92 ? 35   LEU A O   1 
ATOM   176 C CB  . LEU A 1 25 ? -2.362  -1.054  2.487   1.00 12.35 ? 35   LEU A CB  1 
ATOM   177 C CG  . LEU A 1 25 ? -2.832  -1.677  1.171   1.00 11.65 ? 35   LEU A CG  1 
ATOM   178 C CD1 . LEU A 1 25 ? -4.152  -1.030  0.757   1.00 10.46 ? 35   LEU A CD1 1 
ATOM   179 C CD2 . LEU A 1 25 ? -1.768  -1.480  0.090   1.00 13.96 ? 35   LEU A CD2 1 
ATOM   180 N N   . LEU A 1 26 ? -1.334  -0.869  5.449   1.00 12.41 ? 36   LEU A N   1 
ATOM   181 C CA  . LEU A 1 26 ? -0.862  -0.064  6.570   1.00 12.48 ? 36   LEU A CA  1 
ATOM   182 C C   . LEU A 1 26 ? 0.464   -0.603  7.094   1.00 12.09 ? 36   LEU A C   1 
ATOM   183 O O   . LEU A 1 26 ? 1.337   0.164   7.504   1.00 12.79 ? 36   LEU A O   1 
ATOM   184 C CB  . LEU A 1 26 ? -1.892  -0.044  7.704   1.00 12.67 ? 36   LEU A CB  1 
ATOM   185 C CG  . LEU A 1 26 ? -3.242  0.621   7.414   1.00 16.36 ? 36   LEU A CG  1 
ATOM   186 C CD1 . LEU A 1 26 ? -4.027  0.722   8.710   1.00 15.29 ? 36   LEU A CD1 1 
ATOM   187 C CD2 . LEU A 1 26 ? -3.044  2.005   6.818   1.00 16.82 ? 36   LEU A CD2 1 
ATOM   188 N N   . THR A 1 27 ? 0.620   -1.923  7.080   1.00 12.20 ? 37   THR A N   1 
ATOM   189 C CA  . THR A 1 27 ? 1.864   -2.515  7.553   1.00 12.91 ? 37   THR A CA  1 
ATOM   190 C C   . THR A 1 27 ? 3.036   -2.090  6.671   1.00 12.42 ? 37   THR A C   1 
ATOM   191 O O   . THR A 1 27 ? 4.099   -1.718  7.173   1.00 12.62 ? 37   THR A O   1 
ATOM   192 C CB  . THR A 1 27 ? 1.778   -4.045  7.573   1.00 14.44 ? 37   THR A CB  1 
ATOM   193 O OG1 . THR A 1 27 ? 0.820   -4.447  8.559   1.00 16.63 ? 37   THR A OG1 1 
ATOM   194 C CG2 . THR A 1 27 ? 3.126   -4.652  7.908   1.00 15.73 ? 37   THR A CG2 1 
ATOM   195 N N   . TYR A 1 28 ? 2.847   -2.136  5.355   1.00 11.96 ? 38   TYR A N   1 
ATOM   196 C CA  . TYR A 1 28 ? 3.911   -1.736  4.442   1.00 11.67 ? 38   TYR A CA  1 
ATOM   197 C C   . TYR A 1 28 ? 4.295   -0.270  4.650   1.00 12.31 ? 38   TYR A C   1 
ATOM   198 O O   . TYR A 1 28 ? 5.480   0.076   4.690   1.00 12.94 ? 38   TYR A O   1 
ATOM   199 C CB  . TYR A 1 28 ? 3.491   -1.949  2.983   1.00 12.89 ? 38   TYR A CB  1 
ATOM   200 C CG  . TYR A 1 28 ? 3.377   -3.398  2.561   1.00 13.88 ? 38   TYR A CG  1 
ATOM   201 C CD1 . TYR A 1 28 ? 4.267   -4.360  3.038   1.00 15.78 ? 38   TYR A CD1 1 
ATOM   202 C CD2 . TYR A 1 28 ? 2.418   -3.796  1.631   1.00 15.82 ? 38   TYR A CD2 1 
ATOM   203 C CE1 . TYR A 1 28 ? 4.206   -5.682  2.596   1.00 16.68 ? 38   TYR A CE1 1 
ATOM   204 C CE2 . TYR A 1 28 ? 2.351   -5.111  1.182   1.00 16.65 ? 38   TYR A CE2 1 
ATOM   205 C CZ  . TYR A 1 28 ? 3.246   -6.047  1.665   1.00 16.88 ? 38   TYR A CZ  1 
ATOM   206 O OH  . TYR A 1 28 ? 3.188   -7.346  1.210   1.00 18.40 ? 38   TYR A OH  1 
ATOM   207 N N   . ALA A 1 29 ? 3.296   0.593   4.787   1.00 12.98 ? 39   ALA A N   1 
ATOM   208 C CA  . ALA A 1 29 ? 3.562   2.011   4.981   1.00 13.72 ? 39   ALA A CA  1 
ATOM   209 C C   . ALA A 1 29 ? 4.262   2.239   6.318   1.00 12.84 ? 39   ALA A C   1 
ATOM   210 O O   . ALA A 1 29 ? 5.275   2.936   6.392   1.00 14.39 ? 39   ALA A O   1 
ATOM   211 C CB  . ALA A 1 29 ? 2.253   2.807   4.928   1.00 12.68 ? 39   ALA A CB  1 
ATOM   212 N N   . ASP A 1 30 ? 3.728   1.631   7.374   1.00 12.64 ? 40   ASP A N   1 
ATOM   213 C CA  . ASP A 1 30 ? 4.298   1.789   8.707   1.00 13.99 ? 40   ASP A CA  1 
ATOM   214 C C   . ASP A 1 30 ? 5.737   1.301   8.843   1.00 14.03 ? 40   ASP A C   1 
ATOM   215 O O   . ASP A 1 30 ? 6.519   1.870   9.608   1.00 14.47 ? 40   ASP A O   1 
ATOM   216 C CB  . ASP A 1 30 ? 3.416   1.091   9.746   1.00 14.44 ? 40   ASP A CB  1 
ATOM   217 C CG  . ASP A 1 30 ? 2.080   1.782   9.925   1.00 19.10 ? 40   ASP A CG  1 
ATOM   218 O OD1 . ASP A 1 30 ? 1.948   2.949   9.492   1.00 19.21 ? 40   ASP A OD1 1 
ATOM   219 O OD2 . ASP A 1 30 ? 1.166   1.165   10.507  1.00 19.95 ? 40   ASP A OD2 1 
ATOM   220 N N   . ASN A 1 31 ? 6.096   0.248   8.114   1.00 13.19 ? 41   ASN A N   1 
ATOM   221 C CA  . ASN A 1 31 ? 7.461   -0.259  8.197   1.00 13.04 ? 41   ASN A CA  1 
ATOM   222 C C   . ASN A 1 31 ? 8.448   0.784   7.691   1.00 13.76 ? 41   ASN A C   1 
ATOM   223 O O   . ASN A 1 31 ? 9.509   0.988   8.288   1.00 14.77 ? 41   ASN A O   1 
ATOM   224 C CB  . ASN A 1 31 ? 7.611   -1.560  7.398   1.00 13.29 ? 41   ASN A CB  1 
ATOM   225 C CG  . ASN A 1 31 ? 6.970   -2.747  8.093   1.00 15.60 ? 41   ASN A CG  1 
ATOM   226 O OD1 . ASN A 1 31 ? 6.699   -2.707  9.291   1.00 20.22 ? 41   ASN A OD1 1 
ATOM   227 N ND2 . ASN A 1 31 ? 6.739   -3.818  7.344   1.00 20.63 ? 41   ASN A ND2 1 
ATOM   228 N N   . ILE A 1 32 ? 8.096   1.443   6.593   1.00 12.29 ? 42   ILE A N   1 
ATOM   229 C CA  . ILE A 1 32 ? 8.953   2.472   6.021   1.00 12.71 ? 42   ILE A CA  1 
ATOM   230 C C   . ILE A 1 32 ? 8.983   3.693   6.931   1.00 15.20 ? 42   ILE A C   1 
ATOM   231 O O   . ILE A 1 32 ? 10.038  4.273   7.164   1.00 15.82 ? 42   ILE A O   1 
ATOM   232 C CB  . ILE A 1 32 ? 8.457   2.899   4.620   1.00 12.65 ? 42   ILE A CB  1 
ATOM   233 C CG1 . ILE A 1 32 ? 8.619   1.736   3.638   1.00 12.37 ? 42   ILE A CG1 1 
ATOM   234 C CG2 . ILE A 1 32 ? 9.250   4.107   4.130   1.00 13.76 ? 42   ILE A CG2 1 
ATOM   235 C CD1 . ILE A 1 32 ? 7.945   1.966   2.292   1.00 13.77 ? 42   ILE A CD1 1 
ATOM   236 N N   . LEU A 1 33 ? 7.821   4.077   7.448   1.00 15.99 ? 43   LEU A N   1 
ATOM   237 C CA  . LEU A 1 33 ? 7.731   5.238   8.330   1.00 17.61 ? 43   LEU A CA  1 
ATOM   238 C C   . LEU A 1 33 ? 8.486   5.013   9.635   1.00 19.79 ? 43   LEU A C   1 
ATOM   239 O O   . LEU A 1 33 ? 8.979   5.962   10.247  1.00 21.75 ? 43   LEU A O   1 
ATOM   240 C CB  . LEU A 1 33 ? 6.263   5.568   8.609   1.00 18.30 ? 43   LEU A CB  1 
ATOM   241 C CG  . LEU A 1 33 ? 5.464   6.003   7.376   1.00 19.28 ? 43   LEU A CG  1 
ATOM   242 C CD1 . LEU A 1 33 ? 3.990   6.073   7.722   1.00 18.92 ? 43   LEU A CD1 1 
ATOM   243 C CD2 . LEU A 1 33 ? 5.962   7.361   6.875   1.00 20.40 ? 43   LEU A CD2 1 
ATOM   244 N N   . ARG A 1 34 ? 8.582   3.756   10.060  1.00 19.07 ? 44   ARG A N   1 
ATOM   245 C CA  . ARG A 1 34 ? 9.294   3.425   11.289  1.00 21.20 ? 44   ARG A CA  1 
ATOM   246 C C   . ARG A 1 34 ? 10.805  3.464   11.063  1.00 21.48 ? 44   ARG A C   1 
ATOM   247 O O   . ARG A 1 34 ? 11.557  3.902   11.934  1.00 22.47 ? 44   ARG A O   1 
ATOM   248 C CB  . ARG A 1 34 ? 8.878   2.037   11.781  1.00 24.40 ? 44   ARG A CB  1 
ATOM   249 C CG  . ARG A 1 34 ? 9.502   1.641   13.108  1.00 29.63 ? 44   ARG A CG  1 
ATOM   250 C CD  . ARG A 1 34 ? 9.070   0.244   13.544  1.00 33.06 ? 44   ARG A CD  1 
ATOM   251 N NE  . ARG A 1 34 ? 7.616   0.094   13.575  1.00 37.11 ? 44   ARG A NE  1 
ATOM   252 C CZ  . ARG A 1 34 ? 6.891   -0.398  12.574  1.00 38.68 ? 44   ARG A CZ  1 
ATOM   253 N NH1 . ARG A 1 34 ? 7.481   -0.797  11.456  1.00 38.77 ? 44   ARG A NH1 1 
ATOM   254 N NH2 . ARG A 1 34 ? 5.572   -0.486  12.689  1.00 40.03 ? 44   ARG A NH2 1 
ATOM   255 N N   . ASN A 1 35 ? 11.242  2.998   9.893   1.00 20.55 ? 45   ASN A N   1 
ATOM   256 C CA  . ASN A 1 35 ? 12.660  2.982   9.531   1.00 21.41 ? 45   ASN A CA  1 
ATOM   257 C C   . ASN A 1 35 ? 12.800  3.353   8.057   1.00 20.25 ? 45   ASN A C   1 
ATOM   258 O O   . ASN A 1 35 ? 12.943  2.482   7.196   1.00 18.48 ? 45   ASN A O   1 
ATOM   259 C CB  . ASN A 1 35 ? 13.264  1.593   9.763   1.00 25.14 ? 45   ASN A CB  1 
ATOM   260 C CG  . ASN A 1 35 ? 13.173  1.149   11.211  1.00 30.89 ? 45   ASN A CG  1 
ATOM   261 O OD1 . ASN A 1 35 ? 12.098  0.810   11.702  1.00 34.00 ? 45   ASN A OD1 1 
ATOM   262 N ND2 . ASN A 1 35 ? 14.307  1.155   11.904  1.00 34.21 ? 45   ASN A ND2 1 
ATOM   263 N N   . PRO A 1 36 ? 12.769  4.660   7.747   1.00 19.07 ? 46   PRO A N   1 
ATOM   264 C CA  . PRO A 1 36 ? 12.885  5.147   6.370   1.00 19.63 ? 46   PRO A CA  1 
ATOM   265 C C   . PRO A 1 36 ? 14.239  4.954   5.696   1.00 21.07 ? 46   PRO A C   1 
ATOM   266 O O   . PRO A 1 36 ? 14.379  5.226   4.504   1.00 19.90 ? 46   PRO A O   1 
ATOM   267 C CB  . PRO A 1 36 ? 12.514  6.624   6.499   1.00 18.62 ? 46   PRO A CB  1 
ATOM   268 C CG  . PRO A 1 36 ? 13.058  6.973   7.849   1.00 19.13 ? 46   PRO A CG  1 
ATOM   269 C CD  . PRO A 1 36 ? 12.613  5.788   8.686   1.00 19.46 ? 46   PRO A CD  1 
ATOM   270 N N   . ASN A 1 37 ? 15.227  4.480   6.447   1.00 22.26 ? 47   ASN A N   1 
ATOM   271 C CA  . ASN A 1 37 ? 16.560  4.286   5.888   1.00 26.01 ? 47   ASN A CA  1 
ATOM   272 C C   . ASN A 1 37 ? 16.936  2.822   5.665   1.00 27.28 ? 47   ASN A C   1 
ATOM   273 O O   . ASN A 1 37 ? 18.088  2.516   5.357   1.00 29.61 ? 47   ASN A O   1 
ATOM   274 C CB  . ASN A 1 37 ? 17.595  4.962   6.792   1.00 28.48 ? 47   ASN A CB  1 
ATOM   275 C CG  . ASN A 1 37 ? 17.407  6.471   6.866   1.00 31.04 ? 47   ASN A CG  1 
ATOM   276 O OD1 . ASN A 1 37 ? 17.954  7.130   7.748   1.00 34.12 ? 47   ASN A OD1 1 
ATOM   277 N ND2 . ASN A 1 37 ? 16.639  7.023   5.930   1.00 34.06 ? 47   ASN A ND2 1 
ATOM   278 N N   . ASP A 1 38 ? 15.965  1.925   5.814   1.00 26.12 ? 48   ASP A N   1 
ATOM   279 C CA  . ASP A 1 38 ? 16.197  0.493   5.619   1.00 26.13 ? 48   ASP A CA  1 
ATOM   280 C C   . ASP A 1 38 ? 15.591  0.080   4.278   1.00 25.16 ? 48   ASP A C   1 
ATOM   281 O O   . ASP A 1 38 ? 14.369  0.082   4.115   1.00 23.24 ? 48   ASP A O   1 
ATOM   282 C CB  . ASP A 1 38 ? 15.542  -0.304  6.750   1.00 28.34 ? 48   ASP A CB  1 
ATOM   283 C CG  . ASP A 1 38 ? 16.034  -1.738  6.815   1.00 31.39 ? 48   ASP A CG  1 
ATOM   284 O OD1 . ASP A 1 38 ? 16.069  -2.411  5.763   1.00 33.50 ? 48   ASP A OD1 1 
ATOM   285 O OD2 . ASP A 1 38 ? 16.380  -2.194  7.925   1.00 34.13 ? 48   ASP A OD2 1 
ATOM   286 N N   . GLU A 1 39 ? 16.442  -0.283  3.322   1.00 23.59 ? 49   GLU A N   1 
ATOM   287 C CA  . GLU A 1 39 ? 15.963  -0.664  1.994   1.00 23.37 ? 49   GLU A CA  1 
ATOM   288 C C   . GLU A 1 39 ? 15.058  -1.890  1.967   1.00 21.41 ? 49   GLU A C   1 
ATOM   289 O O   . GLU A 1 39 ? 14.270  -2.061  1.043   1.00 20.15 ? 49   GLU A O   1 
ATOM   290 C CB  . GLU A 1 39 ? 17.148  -0.860  1.041   1.00 25.84 ? 49   GLU A CB  1 
ATOM   291 C CG  . GLU A 1 39 ? 18.188  -1.854  1.505   1.00 31.03 ? 49   GLU A CG  1 
ATOM   292 C CD  . GLU A 1 39 ? 19.423  -1.846  0.619   1.00 34.14 ? 49   GLU A CD  1 
ATOM   293 O OE1 . GLU A 1 39 ? 19.269  -1.992  -0.615  1.00 34.30 ? 49   GLU A OE1 1 
ATOM   294 O OE2 . GLU A 1 39 ? 20.543  -1.692  1.156   1.00 34.71 ? 49   GLU A OE2 1 
ATOM   295 N N   . LYS A 1 40 ? 15.164  -2.737  2.983   1.00 21.33 ? 50   LYS A N   1 
ATOM   296 C CA  . LYS A 1 40 ? 14.342  -3.937  3.056   1.00 22.10 ? 50   LYS A CA  1 
ATOM   297 C C   . LYS A 1 40 ? 12.847  -3.614  2.991   1.00 20.18 ? 50   LYS A C   1 
ATOM   298 O O   . LYS A 1 40 ? 12.079  -4.306  2.325   1.00 20.01 ? 50   LYS A O   1 
ATOM   299 C CB  . LYS A 1 40 ? 14.651  -4.692  4.352   1.00 25.88 ? 50   LYS A CB  1 
ATOM   300 C CG  . LYS A 1 40 ? 13.715  -5.854  4.652   1.00 31.08 ? 50   LYS A CG  1 
ATOM   301 C CD  . LYS A 1 40 ? 14.089  -6.541  5.964   1.00 35.44 ? 50   LYS A CD  1 
ATOM   302 C CE  . LYS A 1 40 ? 14.079  -5.562  7.133   1.00 36.52 ? 50   LYS A CE  1 
ATOM   303 N NZ  . LYS A 1 40 ? 14.451  -6.214  8.421   1.00 39.38 ? 50   LYS A NZ  1 
ATOM   304 N N   . TYR A 1 41 ? 12.447  -2.552  3.680   1.00 16.56 ? 51   TYR A N   1 
ATOM   305 C CA  . TYR A 1 41 ? 11.047  -2.144  3.725   1.00 14.49 ? 51   TYR A CA  1 
ATOM   306 C C   . TYR A 1 41 ? 10.597  -1.399  2.474   1.00 12.88 ? 51   TYR A C   1 
ATOM   307 O O   . TYR A 1 41 ? 9.401   -1.169  2.279   1.00 14.39 ? 51   TYR A O   1 
ATOM   308 C CB  . TYR A 1 41 ? 10.813  -1.264  4.956   1.00 14.41 ? 51   TYR A CB  1 
ATOM   309 C CG  . TYR A 1 41 ? 11.134  -1.967  6.257   1.00 17.26 ? 51   TYR A CG  1 
ATOM   310 C CD1 . TYR A 1 41 ? 11.836  -1.318  7.270   1.00 21.65 ? 51   TYR A CD1 1 
ATOM   311 C CD2 . TYR A 1 41 ? 10.745  -3.286  6.467   1.00 17.92 ? 51   TYR A CD2 1 
ATOM   312 C CE1 . TYR A 1 41 ? 12.146  -1.972  8.462   1.00 24.18 ? 51   TYR A CE1 1 
ATOM   313 C CE2 . TYR A 1 41 ? 11.045  -3.946  7.650   1.00 21.07 ? 51   TYR A CE2 1 
ATOM   314 C CZ  . TYR A 1 41 ? 11.746  -3.286  8.642   1.00 24.73 ? 51   TYR A CZ  1 
ATOM   315 O OH  . TYR A 1 41 ? 12.049  -3.945  9.811   1.00 29.17 ? 51   TYR A OH  1 
ATOM   316 N N   . ARG A 1 42 ? 11.551  -1.033  1.626   1.00 12.25 ? 52   ARG A N   1 
ATOM   317 C CA  . ARG A 1 42 ? 11.232  -0.298  0.409   1.00 14.81 ? 52   ARG A CA  1 
ATOM   318 C C   . ARG A 1 42 ? 11.070  -1.173  -0.826  1.00 15.25 ? 52   ARG A C   1 
ATOM   319 O O   . ARG A 1 42 ? 10.985  -0.666  -1.942  1.00 16.86 ? 52   ARG A O   1 
ATOM   320 C CB  . ARG A 1 42 ? 12.287  0.783   0.165   1.00 14.07 ? 52   ARG A CB  1 
ATOM   321 C CG  . ARG A 1 42 ? 12.176  1.940   1.151   1.00 17.13 ? 52   ARG A CG  1 
ATOM   322 C CD  . ARG A 1 42 ? 13.381  2.853   1.105   1.00 17.59 ? 52   ARG A CD  1 
ATOM   323 N NE  . ARG A 1 42 ? 13.217  3.997   2.000   1.00 19.29 ? 52   ARG A NE  1 
ATOM   324 C CZ  . ARG A 1 42 ? 12.802  5.199   1.612   1.00 21.13 ? 52   ARG A CZ  1 
ATOM   325 N NH1 . ARG A 1 42 ? 12.510  5.428   0.338   1.00 18.68 ? 52   ARG A NH1 1 
ATOM   326 N NH2 . ARG A 1 42 ? 12.679  6.175   2.503   1.00 20.40 ? 52   ARG A NH2 1 
ATOM   327 N N   . SER A 1 43 ? 11.036  -2.485  -0.628  1.00 15.76 ? 53   SER A N   1 
ATOM   328 C CA  . SER A 1 43 ? 10.842  -3.402  -1.744  1.00 16.92 ? 53   SER A CA  1 
ATOM   329 C C   . SER A 1 43 ? 9.861   -4.499  -1.347  1.00 16.68 ? 53   SER A C   1 
ATOM   330 O O   . SER A 1 43 ? 9.976   -5.101  -0.276  1.00 19.43 ? 53   SER A O   1 
ATOM   331 C CB  . SER A 1 43 ? 12.175  -4.022  -2.183  1.00 19.63 ? 53   SER A CB  1 
ATOM   332 O OG  . SER A 1 43 ? 12.723  -4.827  -1.159  1.00 26.18 ? 53   SER A OG  1 
ATOM   333 N N   . ILE A 1 44 ? 8.875   -4.733  -2.204  1.00 15.23 ? 54   ILE A N   1 
ATOM   334 C CA  . ILE A 1 44 ? 7.871   -5.759  -1.959  1.00 14.49 ? 54   ILE A CA  1 
ATOM   335 C C   . ILE A 1 44 ? 7.915   -6.686  -3.161  1.00 13.97 ? 54   ILE A C   1 
ATOM   336 O O   . ILE A 1 44 ? 7.670   -6.259  -4.285  1.00 13.90 ? 54   ILE A O   1 
ATOM   337 C CB  . ILE A 1 44 ? 6.449   -5.159  -1.857  1.00 16.23 ? 54   ILE A CB  1 
ATOM   338 C CG1 . ILE A 1 44 ? 6.402   -4.105  -0.749  1.00 18.37 ? 54   ILE A CG1 1 
ATOM   339 C CG2 . ILE A 1 44 ? 5.434   -6.272  -1.580  1.00 15.84 ? 54   ILE A CG2 1 
ATOM   340 C CD1 . ILE A 1 44 ? 5.117   -3.296  -0.728  1.00 19.18 ? 54   ILE A CD1 1 
ATOM   341 N N   . ARG A 1 45 ? 8.243   -7.951  -2.934  1.00 13.45 ? 55   ARG A N   1 
ATOM   342 C CA  . ARG A 1 45 ? 8.311   -8.892  -4.037  1.00 13.70 ? 55   ARG A CA  1 
ATOM   343 C C   . ARG A 1 45 ? 6.885   -9.218  -4.477  1.00 13.67 ? 55   ARG A C   1 
ATOM   344 O O   . ARG A 1 45 ? 6.037   -9.569  -3.660  1.00 14.16 ? 55   ARG A O   1 
ATOM   345 C CB  . ARG A 1 45 ? 9.054   -10.154 -3.594  1.00 16.89 ? 55   ARG A CB  1 
ATOM   346 C CG  . ARG A 1 45 ? 9.566   -11.021 -4.733  1.00 20.33 ? 55   ARG A CG  1 
ATOM   347 C CD  . ARG A 1 45 ? 10.582  -12.023 -4.201  1.00 21.42 ? 55   ARG A CD  1 
ATOM   348 N NE  . ARG A 1 45 ? 10.026  -12.765 -3.079  1.00 24.42 ? 55   ARG A NE  1 
ATOM   349 C CZ  . ARG A 1 45 ? 9.168   -13.772 -3.205  1.00 22.50 ? 55   ARG A CZ  1 
ATOM   350 N NH1 . ARG A 1 45 ? 8.774   -14.168 -4.408  1.00 25.32 ? 55   ARG A NH1 1 
ATOM   351 N NH2 . ARG A 1 45 ? 8.683   -14.362 -2.126  1.00 24.03 ? 55   ARG A NH2 1 
ATOM   352 N N   . ILE A 1 46 ? 6.620   -9.084  -5.772  1.00 13.19 ? 56   ILE A N   1 
ATOM   353 C CA  . ILE A 1 46 ? 5.292   -9.357  -6.302  1.00 15.37 ? 56   ILE A CA  1 
ATOM   354 C C   . ILE A 1 46 ? 4.855   -10.801 -6.035  1.00 15.70 ? 56   ILE A C   1 
ATOM   355 O O   . ILE A 1 46 ? 3.667   -11.073 -5.842  1.00 16.98 ? 56   ILE A O   1 
ATOM   356 C CB  . ILE A 1 46 ? 5.256   -9.042  -7.819  1.00 15.58 ? 56   ILE A CB  1 
ATOM   357 C CG1 . ILE A 1 46 ? 5.442   -7.532  -8.013  1.00 18.07 ? 56   ILE A CG1 1 
ATOM   358 C CG2 . ILE A 1 46 ? 3.935   -9.504  -8.433  1.00 18.52 ? 56   ILE A CG2 1 
ATOM   359 C CD1 . ILE A 1 46 ? 5.687   -7.099  -9.441  1.00 17.05 ? 56   ILE A CD1 1 
ATOM   360 N N   . GLY A 1 47 ? 5.818   -11.718 -6.008  1.00 13.37 ? 57   GLY A N   1 
ATOM   361 C CA  . GLY A 1 47 ? 5.507   -13.116 -5.752  1.00 14.30 ? 57   GLY A CA  1 
ATOM   362 C C   . GLY A 1 47 ? 5.342   -13.471 -4.284  1.00 13.99 ? 57   GLY A C   1 
ATOM   363 O O   . GLY A 1 47 ? 5.075   -14.623 -3.941  1.00 14.73 ? 57   GLY A O   1 
ATOM   364 N N   . ASN A 1 48 ? 5.514   -12.484 -3.412  1.00 13.87 ? 58   ASN A N   1 
ATOM   365 C CA  . ASN A 1 48 ? 5.378   -12.683 -1.972  1.00 14.46 ? 58   ASN A CA  1 
ATOM   366 C C   . ASN A 1 48 ? 3.981   -13.234 -1.658  1.00 14.64 ? 58   ASN A C   1 
ATOM   367 O O   . ASN A 1 48 ? 2.999   -12.816 -2.268  1.00 16.04 ? 58   ASN A O   1 
ATOM   368 C CB  . ASN A 1 48 ? 5.614   -11.341 -1.264  1.00 15.73 ? 58   ASN A CB  1 
ATOM   369 C CG  . ASN A 1 48 ? 5.306   -11.385 0.213   1.00 18.60 ? 58   ASN A CG  1 
ATOM   370 O OD1 . ASN A 1 48 ? 4.177   -11.119 0.634   1.00 16.99 ? 58   ASN A OD1 1 
ATOM   371 N ND2 . ASN A 1 48 ? 6.313   -11.717 1.017   1.00 19.16 ? 58   ASN A ND2 1 
ATOM   372 N N   . THR A 1 49 ? 3.906   -14.178 -0.718  1.00 14.91 ? 59   THR A N   1 
ATOM   373 C CA  . THR A 1 49 ? 2.634   -14.793 -0.342  1.00 16.60 ? 59   THR A CA  1 
ATOM   374 C C   . THR A 1 49 ? 1.547   -13.791 0.040   1.00 16.02 ? 59   THR A C   1 
ATOM   375 O O   . THR A 1 49 ? 0.443   -13.830 -0.502  1.00 17.56 ? 59   THR A O   1 
ATOM   376 C CB  . THR A 1 49 ? 2.810   -15.802 0.833   1.00 17.31 ? 59   THR A CB  1 
ATOM   377 O OG1 . THR A 1 49 ? 3.380   -15.142 1.970   1.00 20.48 ? 59   THR A OG1 1 
ATOM   378 C CG2 . THR A 1 49 ? 3.715   -16.953 0.412   1.00 19.65 ? 59   THR A CG2 1 
ATOM   379 N N   . ALA A 1 50 ? 1.857   -12.892 0.966   1.00 15.53 ? 60   ALA A N   1 
ATOM   380 C CA  . ALA A 1 50 ? 0.874   -11.905 1.402   1.00 15.88 ? 60   ALA A CA  1 
ATOM   381 C C   . ALA A 1 50 ? 0.439   -10.972 0.274   1.00 15.98 ? 60   ALA A C   1 
ATOM   382 O O   . ALA A 1 50 ? -0.756  -10.757 0.058   1.00 17.44 ? 60   ALA A O   1 
ATOM   383 C CB  . ALA A 1 50 ? 1.432   -11.098 2.566   1.00 16.60 ? 60   ALA A CB  1 
ATOM   384 N N   . PHE A 1 51 ? 1.405   -10.415 -0.448  1.00 13.88 ? 61   PHE A N   1 
ATOM   385 C CA  . PHE A 1 51 ? 1.091   -9.498  -1.539  1.00 15.18 ? 61   PHE A CA  1 
ATOM   386 C C   . PHE A 1 51 ? 0.255   -10.144 -2.643  1.00 16.88 ? 61   PHE A C   1 
ATOM   387 O O   . PHE A 1 51 ? -0.759  -9.589  -3.069  1.00 16.21 ? 61   PHE A O   1 
ATOM   388 C CB  . PHE A 1 51 ? 2.388   -8.927  -2.139  1.00 16.11 ? 61   PHE A CB  1 
ATOM   389 C CG  . PHE A 1 51 ? 2.165   -7.989  -3.301  1.00 16.21 ? 61   PHE A CG  1 
ATOM   390 C CD1 . PHE A 1 51 ? 2.030   -8.478  -4.598  1.00 17.21 ? 61   PHE A CD1 1 
ATOM   391 C CD2 . PHE A 1 51 ? 2.071   -6.614  -3.095  1.00 18.40 ? 61   PHE A CD2 1 
ATOM   392 C CE1 . PHE A 1 51 ? 1.804   -7.614  -5.672  1.00 17.85 ? 61   PHE A CE1 1 
ATOM   393 C CE2 . PHE A 1 51 ? 1.843   -5.743  -4.164  1.00 18.65 ? 61   PHE A CE2 1 
ATOM   394 C CZ  . PHE A 1 51 ? 1.710   -6.244  -5.454  1.00 18.41 ? 61   PHE A CZ  1 
ATOM   395 N N   . SER A 1 52 ? 0.673   -11.326 -3.087  1.00 16.45 ? 62   SER A N   1 
ATOM   396 C CA  . SER A 1 52 ? -0.013  -12.021 -4.170  1.00 18.16 ? 62   SER A CA  1 
ATOM   397 C C   . SER A 1 52 ? -1.410  -12.535 -3.843  1.00 18.95 ? 62   SER A C   1 
ATOM   398 O O   . SER A 1 52 ? -2.260  -12.618 -4.730  1.00 20.00 ? 62   SER A O   1 
ATOM   399 C CB  . SER A 1 52 ? 0.850   -13.184 -4.675  1.00 18.14 ? 62   SER A CB  1 
ATOM   400 O OG  . SER A 1 52 ? 1.101   -14.125 -3.646  1.00 23.59 ? 62   SER A OG  1 
ATOM   401 N N   . THR A 1 53 ? -1.653  -12.873 -2.582  1.00 19.36 ? 63   THR A N   1 
ATOM   402 C CA  . THR A 1 53 ? -2.960  -13.396 -2.196  1.00 21.07 ? 63   THR A CA  1 
ATOM   403 C C   . THR A 1 53 ? -3.912  -12.381 -1.573  1.00 21.73 ? 63   THR A C   1 
ATOM   404 O O   . THR A 1 53 ? -5.128  -12.579 -1.607  1.00 22.03 ? 63   THR A O   1 
ATOM   405 C CB  . THR A 1 53 ? -2.826  -14.577 -1.210  1.00 22.97 ? 63   THR A CB  1 
ATOM   406 O OG1 . THR A 1 53 ? -2.239  -14.123 0.016   1.00 24.67 ? 63   THR A OG1 1 
ATOM   407 C CG2 . THR A 1 53 ? -1.964  -15.672 -1.810  1.00 23.43 ? 63   THR A CG2 1 
ATOM   408 N N   . ARG A 1 54 ? -3.378  -11.295 -1.020  1.00 19.22 ? 64   ARG A N   1 
ATOM   409 C CA  . ARG A 1 54 ? -4.231  -10.300 -0.374  1.00 19.08 ? 64   ARG A CA  1 
ATOM   410 C C   . ARG A 1 54 ? -4.353  -8.948  -1.068  1.00 18.23 ? 64   ARG A C   1 
ATOM   411 O O   . ARG A 1 54 ? -5.278  -8.187  -0.775  1.00 19.85 ? 64   ARG A O   1 
ATOM   412 C CB  . ARG A 1 54 ? -3.759  -10.058 1.058   1.00 17.91 ? 64   ARG A CB  1 
ATOM   413 C CG  . ARG A 1 54 ? -3.572  -11.310 1.885   1.00 18.00 ? 64   ARG A CG  1 
ATOM   414 C CD  . ARG A 1 54 ? -3.045  -10.922 3.246   1.00 20.75 ? 64   ARG A CD  1 
ATOM   415 N NE  . ARG A 1 54 ? -2.306  -12.004 3.882   1.00 21.82 ? 64   ARG A NE  1 
ATOM   416 C CZ  . ARG A 1 54 ? -1.515  -11.835 4.934   1.00 24.06 ? 64   ARG A CZ  1 
ATOM   417 N NH1 . ARG A 1 54 ? -1.369  -10.628 5.463   1.00 21.41 ? 64   ARG A NH1 1 
ATOM   418 N NH2 . ARG A 1 54 ? -0.860  -12.867 5.451   1.00 24.04 ? 64   ARG A NH2 1 
ATOM   419 N N   . LEU A 1 55 ? -3.434  -8.630  -1.977  1.00 17.52 ? 65   LEU A N   1 
ATOM   420 C CA  . LEU A 1 55 ? -3.492  -7.342  -2.661  1.00 16.50 ? 65   LEU A CA  1 
ATOM   421 C C   . LEU A 1 55 ? -3.629  -7.424  -4.173  1.00 19.83 ? 65   LEU A C   1 
ATOM   422 O O   . LEU A 1 55 ? -4.487  -6.770  -4.763  1.00 18.10 ? 65   LEU A O   1 
ATOM   423 C CB  . LEU A 1 55 ? -2.251  -6.502  -2.336  1.00 18.45 ? 65   LEU A CB  1 
ATOM   424 C CG  . LEU A 1 55 ? -1.972  -6.216  -0.861  1.00 16.26 ? 65   LEU A CG  1 
ATOM   425 C CD1 . LEU A 1 55 ? -0.731  -5.334  -0.740  1.00 18.02 ? 65   LEU A CD1 1 
ATOM   426 C CD2 . LEU A 1 55 ? -3.176  -5.524  -0.235  1.00 17.96 ? 65   LEU A CD2 1 
ATOM   427 N N   . LEU A 1 56 ? -2.774  -8.218  -4.803  1.00 19.94 ? 66   LEU A N   1 
ATOM   428 C CA  . LEU A 1 56 ? -2.791  -8.346  -6.253  1.00 22.17 ? 66   LEU A CA  1 
ATOM   429 C C   . LEU A 1 56 ? -4.171  -8.593  -6.871  1.00 23.70 ? 66   LEU A C   1 
ATOM   430 O O   . LEU A 1 56 ? -4.517  -7.983  -7.881  1.00 23.85 ? 66   LEU A O   1 
ATOM   431 C CB  . LEU A 1 56 ? -1.823  -9.454  -6.688  1.00 22.21 ? 66   LEU A CB  1 
ATOM   432 C CG  . LEU A 1 56 ? -1.663  -9.694  -8.191  1.00 25.14 ? 66   LEU A CG  1 
ATOM   433 C CD1 . LEU A 1 56 ? -1.172  -8.426  -8.883  1.00 23.99 ? 66   LEU A CD1 1 
ATOM   434 C CD2 . LEU A 1 56 ? -0.676  -10.832 -8.407  1.00 25.50 ? 66   LEU A CD2 1 
ATOM   435 N N   . PRO A 1 57 ? -4.980  -9.482  -6.270  1.00 24.50 ? 67   PRO A N   1 
ATOM   436 C CA  . PRO A 1 57 ? -6.307  -9.754  -6.833  1.00 25.03 ? 67   PRO A CA  1 
ATOM   437 C C   . PRO A 1 57 ? -7.433  -8.867  -6.309  1.00 24.22 ? 67   PRO A C   1 
ATOM   438 O O   . PRO A 1 57 ? -8.600  -9.082  -6.647  1.00 25.56 ? 67   PRO A O   1 
ATOM   439 C CB  . PRO A 1 57 ? -6.524  -11.212 -6.467  1.00 26.26 ? 67   PRO A CB  1 
ATOM   440 C CG  . PRO A 1 57 ? -5.940  -11.268 -5.091  1.00 26.96 ? 67   PRO A CG  1 
ATOM   441 C CD  . PRO A 1 57 ? -4.657  -10.451 -5.207  1.00 25.42 ? 67   PRO A CD  1 
ATOM   442 N N   . VAL A 1 58 ? -7.089  -7.873  -5.498  1.00 21.04 ? 68   VAL A N   1 
ATOM   443 C CA  . VAL A 1 58 ? -8.099  -6.991  -4.920  1.00 18.96 ? 68   VAL A CA  1 
ATOM   444 C C   . VAL A 1 58 ? -8.161  -5.613  -5.562  1.00 17.91 ? 68   VAL A C   1 
ATOM   445 O O   . VAL A 1 58 ? -7.167  -4.894  -5.625  1.00 17.49 ? 68   VAL A O   1 
ATOM   446 C CB  . VAL A 1 58 ? -7.865  -6.829  -3.402  1.00 18.93 ? 68   VAL A CB  1 
ATOM   447 C CG1 . VAL A 1 58 ? -8.875  -5.857  -2.808  1.00 19.45 ? 68   VAL A CG1 1 
ATOM   448 C CG2 . VAL A 1 58 ? -7.961  -8.190  -2.728  1.00 19.32 ? 68   VAL A CG2 1 
ATOM   449 N N   . ARG A 1 59 ? -9.348  -5.246  -6.037  1.00 17.47 ? 69   ARG A N   1 
ATOM   450 C CA  . ARG A 1 59 ? -9.560  -3.954  -6.672  1.00 17.05 ? 69   ARG A CA  1 
ATOM   451 C C   . ARG A 1 59 ? -9.121  -2.795  -5.774  1.00 16.43 ? 69   ARG A C   1 
ATOM   452 O O   . ARG A 1 59 ? -9.517  -2.723  -4.610  1.00 16.79 ? 69   ARG A O   1 
ATOM   453 C CB  . ARG A 1 59 ? -11.044 -3.803  -7.031  1.00 19.77 ? 69   ARG A CB  1 
ATOM   454 C CG  . ARG A 1 59 ? -11.427 -2.446  -7.596  1.00 21.97 ? 69   ARG A CG  1 
ATOM   455 C CD  . ARG A 1 59 ? -12.918 -2.390  -7.901  1.00 24.49 ? 69   ARG A CD  1 
ATOM   456 N NE  . ARG A 1 59 ? -13.351 -1.040  -8.243  1.00 26.49 ? 69   ARG A NE  1 
ATOM   457 C CZ  . ARG A 1 59 ? -14.608 -0.704  -8.516  1.00 28.50 ? 69   ARG A CZ  1 
ATOM   458 N NH1 . ARG A 1 59 ? -15.561 -1.626  -8.484  1.00 28.71 ? 69   ARG A NH1 1 
ATOM   459 N NH2 . ARG A 1 59 ? -14.911 0.553   -8.812  1.00 28.11 ? 69   ARG A NH2 1 
ATOM   460 N N   . GLY A 1 60 ? -8.291  -1.907  -6.324  1.00 14.88 ? 70   GLY A N   1 
ATOM   461 C CA  . GLY A 1 60 ? -7.812  -0.743  -5.596  1.00 15.10 ? 70   GLY A CA  1 
ATOM   462 C C   . GLY A 1 60 ? -6.604  -0.921  -4.686  1.00 14.16 ? 70   GLY A C   1 
ATOM   463 O O   . GLY A 1 60 ? -5.939  0.057   -4.347  1.00 15.16 ? 70   GLY A O   1 
ATOM   464 N N   . ALA A 1 61 ? -6.310  -2.160  -4.307  1.00 15.71 ? 71   ALA A N   1 
ATOM   465 C CA  . ALA A 1 61 ? -5.200  -2.450  -3.398  1.00 13.69 ? 71   ALA A CA  1 
ATOM   466 C C   . ALA A 1 61 ? -3.826  -1.994  -3.878  1.00 15.39 ? 71   ALA A C   1 
ATOM   467 O O   . ALA A 1 61 ? -3.160  -1.196  -3.211  1.00 14.82 ? 71   ALA A O   1 
ATOM   468 C CB  . ALA A 1 61 ? -5.169  -3.940  -3.079  1.00 14.81 ? 71   ALA A CB  1 
ATOM   469 N N   . VAL A 1 62 ? -3.392  -2.500  -5.026  1.00 14.81 ? 72   VAL A N   1 
ATOM   470 C CA  . VAL A 1 62 ? -2.086  -2.117  -5.546  1.00 15.14 ? 72   VAL A CA  1 
ATOM   471 C C   . VAL A 1 62 ? -2.066  -0.628  -5.889  1.00 14.96 ? 72   VAL A C   1 
ATOM   472 O O   . VAL A 1 62 ? -1.051  0.045   -5.705  1.00 16.07 ? 72   VAL A O   1 
ATOM   473 C CB  . VAL A 1 62 ? -1.711  -2.973  -6.784  1.00 14.75 ? 72   VAL A CB  1 
ATOM   474 C CG1 . VAL A 1 62 ? -0.324  -2.600  -7.283  1.00 16.69 ? 72   VAL A CG1 1 
ATOM   475 C CG2 . VAL A 1 62 ? -1.755  -4.454  -6.422  1.00 15.32 ? 72   VAL A CG2 1 
ATOM   476 N N   . GLU A 1 63 ? -3.196  -0.105  -6.364  1.00 15.10 ? 73   GLU A N   1 
ATOM   477 C CA  . GLU A 1 63 ? -3.283  1.311   -6.698  1.00 15.50 ? 73   GLU A CA  1 
ATOM   478 C C   . GLU A 1 63 ? -2.966  2.180   -5.483  1.00 14.59 ? 73   GLU A C   1 
ATOM   479 O O   . GLU A 1 63 ? -2.438  3.284   -5.626  1.00 15.68 ? 73   GLU A O   1 
ATOM   480 C CB  . GLU A 1 63 ? -4.680  1.663   -7.218  1.00 16.33 ? 73   GLU A CB  1 
ATOM   481 C CG  . GLU A 1 63 ? -4.989  1.150   -8.613  1.00 18.46 ? 73   GLU A CG  1 
ATOM   482 C CD  . GLU A 1 63 ? -5.330  -0.328  -8.654  1.00 19.44 ? 73   GLU A CD  1 
ATOM   483 O OE1 . GLU A 1 63 ? -5.420  -0.974  -7.587  1.00 18.41 ? 73   GLU A OE1 1 
ATOM   484 O OE2 . GLU A 1 63 ? -5.520  -0.846  -9.773  1.00 21.04 ? 73   GLU A OE2 1 
ATOM   485 N N   . CYS A 1 64 ? -3.292  1.691   -4.286  1.00 14.12 ? 74   CYS A N   1 
ATOM   486 C CA  . CYS A 1 64 ? -3.012  2.453   -3.071  1.00 14.01 ? 74   CYS A CA  1 
ATOM   487 C C   . CYS A 1 64 ? -1.508  2.549   -2.865  1.00 13.59 ? 74   CYS A C   1 
ATOM   488 O O   . CYS A 1 64 ? -1.000  3.580   -2.439  1.00 13.43 ? 74   CYS A O   1 
ATOM   489 C CB  . CYS A 1 64 ? -3.665  1.800   -1.849  1.00 13.32 ? 74   CYS A CB  1 
ATOM   490 S SG  . CYS A 1 64 ? -5.448  2.120   -1.699  1.00 15.79 ? 74   CYS A SG  1 
ATOM   491 N N   . LEU A 1 65 ? -0.797  1.469   -3.171  1.00 13.84 ? 75   LEU A N   1 
ATOM   492 C CA  . LEU A 1 65 ? 0.654   1.472   -3.038  1.00 13.49 ? 75   LEU A CA  1 
ATOM   493 C C   . LEU A 1 65 ? 1.256   2.474   -4.016  1.00 13.23 ? 75   LEU A C   1 
ATOM   494 O O   . LEU A 1 65 ? 2.234   3.153   -3.696  1.00 12.98 ? 75   LEU A O   1 
ATOM   495 C CB  . LEU A 1 65 ? 1.222   0.076   -3.308  1.00 13.91 ? 75   LEU A CB  1 
ATOM   496 C CG  . LEU A 1 65 ? 0.943   -0.972  -2.229  1.00 12.68 ? 75   LEU A CG  1 
ATOM   497 C CD1 . LEU A 1 65 ? 1.421   -2.341  -2.693  1.00 13.67 ? 75   LEU A CD1 1 
ATOM   498 C CD2 . LEU A 1 65 ? 1.657   -0.566  -0.940  1.00 13.67 ? 75   LEU A CD2 1 
ATOM   499 N N   . PHE A 1 66 ? 0.676   2.575   -5.211  1.00 13.82 ? 76   PHE A N   1 
ATOM   500 C CA  . PHE A 1 66 ? 1.201   3.521   -6.184  1.00 14.91 ? 76   PHE A CA  1 
ATOM   501 C C   . PHE A 1 66 ? 0.974   4.942   -5.694  1.00 13.64 ? 76   PHE A C   1 
ATOM   502 O O   . PHE A 1 66 ? 1.854   5.793   -5.819  1.00 15.85 ? 76   PHE A O   1 
ATOM   503 C CB  . PHE A 1 66 ? 0.559   3.315   -7.562  1.00 14.09 ? 76   PHE A CB  1 
ATOM   504 C CG  . PHE A 1 66 ? 0.881   1.983   -8.186  1.00 14.66 ? 76   PHE A CG  1 
ATOM   505 C CD1 . PHE A 1 66 ? 2.138   1.404   -8.014  1.00 17.23 ? 76   PHE A CD1 1 
ATOM   506 C CD2 . PHE A 1 66 ? -0.063  1.311   -8.952  1.00 18.10 ? 76   PHE A CD2 1 
ATOM   507 C CE1 . PHE A 1 66 ? 2.444   0.169   -8.597  1.00 18.54 ? 76   PHE A CE1 1 
ATOM   508 C CE2 . PHE A 1 66 ? 0.233   0.080   -9.537  1.00 18.33 ? 76   PHE A CE2 1 
ATOM   509 C CZ  . PHE A 1 66 ? 1.489   -0.491  -9.359  1.00 18.86 ? 76   PHE A CZ  1 
ATOM   510 N N   . GLU A 1 67 ? -0.201  5.203   -5.125  1.00 14.32 ? 77   GLU A N   1 
ATOM   511 C CA  . GLU A 1 67 ? -0.477  6.536   -4.610  1.00 14.24 ? 77   GLU A CA  1 
ATOM   512 C C   . GLU A 1 67 ? 0.460   6.871   -3.450  1.00 13.62 ? 77   GLU A C   1 
ATOM   513 O O   . GLU A 1 67 ? 0.815   8.031   -3.243  1.00 15.82 ? 77   GLU A O   1 
ATOM   514 C CB  . GLU A 1 67 ? -1.945  6.662   -4.174  1.00 15.52 ? 77   GLU A CB  1 
ATOM   515 C CG  . GLU A 1 67 ? -2.879  6.977   -5.337  1.00 18.69 ? 77   GLU A CG  1 
ATOM   516 C CD  . GLU A 1 67 ? -4.250  7.456   -4.889  1.00 19.93 ? 77   GLU A CD  1 
ATOM   517 O OE1 . GLU A 1 67 ? -4.342  8.078   -3.811  1.00 21.12 ? 77   GLU A OE1 1 
ATOM   518 O OE2 . GLU A 1 67 ? -5.229  7.225   -5.625  1.00 23.39 ? 77   GLU A OE2 1 
ATOM   519 N N   . MET A 1 68 ? 0.867   5.854   -2.696  1.00 13.45 ? 78   MET A N   1 
ATOM   520 C CA  . MET A 1 68 ? 1.783   6.071   -1.581  1.00 13.16 ? 78   MET A CA  1 
ATOM   521 C C   . MET A 1 68 ? 3.154   6.491   -2.087  1.00 13.52 ? 78   MET A C   1 
ATOM   522 O O   . MET A 1 68 ? 3.882   7.208   -1.402  1.00 15.21 ? 78   MET A O   1 
ATOM   523 C CB  . MET A 1 68 ? 1.965   4.797   -0.760  1.00 12.96 ? 78   MET A CB  1 
ATOM   524 C CG  . MET A 1 68 ? 0.754   4.345   0.019   1.00 14.56 ? 78   MET A CG  1 
ATOM   525 S SD  . MET A 1 68 ? 1.188   2.827   0.882   1.00 15.46 ? 78   MET A SD  1 
ATOM   526 C CE  . MET A 1 68 ? -0.246  2.587   1.902   1.00 14.61 ? 78   MET A CE  1 
ATOM   527 N N   . GLY A 1 69 ? 3.513   6.015   -3.277  1.00 15.17 ? 79   GLY A N   1 
ATOM   528 C CA  . GLY A 1 69 ? 4.811   6.347   -3.837  1.00 13.80 ? 79   GLY A CA  1 
ATOM   529 C C   . GLY A 1 69 ? 5.548   5.153   -4.424  1.00 14.04 ? 79   GLY A C   1 
ATOM   530 O O   . GLY A 1 69 ? 6.620   5.318   -5.008  1.00 15.01 ? 79   GLY A O   1 
ATOM   531 N N   . PHE A 1 70 ? 4.999   3.952   -4.264  1.00 12.86 ? 80   PHE A N   1 
ATOM   532 C CA  . PHE A 1 70 ? 5.641   2.758   -4.824  1.00 13.49 ? 80   PHE A CA  1 
ATOM   533 C C   . PHE A 1 70 ? 5.563   2.752   -6.346  1.00 14.61 ? 80   PHE A C   1 
ATOM   534 O O   . PHE A 1 70 ? 4.618   3.281   -6.934  1.00 14.78 ? 80   PHE A O   1 
ATOM   535 C CB  . PHE A 1 70 ? 4.973   1.477   -4.318  1.00 12.83 ? 80   PHE A CB  1 
ATOM   536 C CG  . PHE A 1 70 ? 5.325   1.114   -2.905  1.00 13.24 ? 80   PHE A CG  1 
ATOM   537 C CD1 . PHE A 1 70 ? 4.643   1.684   -1.831  1.00 13.40 ? 80   PHE A CD1 1 
ATOM   538 C CD2 . PHE A 1 70 ? 6.326   0.180   -2.646  1.00 13.31 ? 80   PHE A CD2 1 
ATOM   539 C CE1 . PHE A 1 70 ? 4.948   1.326   -0.520  1.00 12.86 ? 80   PHE A CE1 1 
ATOM   540 C CE2 . PHE A 1 70 ? 6.639   -0.186  -1.334  1.00 14.46 ? 80   PHE A CE2 1 
ATOM   541 C CZ  . PHE A 1 70 ? 5.947   0.388   -0.273  1.00 12.42 ? 80   PHE A CZ  1 
ATOM   542 N N   . GLU A 1 71 ? 6.561   2.143   -6.978  1.00 14.34 ? 81   GLU A N   1 
ATOM   543 C CA  . GLU A 1 71 ? 6.599   2.027   -8.433  1.00 14.52 ? 81   GLU A CA  1 
ATOM   544 C C   . GLU A 1 71 ? 6.771   0.555   -8.773  1.00 14.99 ? 81   GLU A C   1 
ATOM   545 O O   . GLU A 1 71 ? 7.534   -0.156  -8.110  1.00 14.41 ? 81   GLU A O   1 
ATOM   546 C CB  . GLU A 1 71 ? 7.757   2.838   -9.007  1.00 15.75 ? 81   GLU A CB  1 
ATOM   547 C CG  . GLU A 1 71 ? 7.584   4.329   -8.817  1.00 19.89 ? 81   GLU A CG  1 
ATOM   548 C CD  . GLU A 1 71 ? 8.740   5.120   -9.377  1.00 24.60 ? 81   GLU A CD  1 
ATOM   549 O OE1 . GLU A 1 71 ? 9.261   4.732   -10.443 1.00 29.26 ? 81   GLU A OE1 1 
ATOM   550 O OE2 . GLU A 1 71 ? 9.118   6.135   -8.757  1.00 27.89 ? 81   GLU A OE2 1 
ATOM   551 N N   . GLU A 1 72 ? 6.070   0.099   -9.807  1.00 14.72 ? 82   GLU A N   1 
ATOM   552 C CA  . GLU A 1 72 ? 6.143   -1.303  -10.190 1.00 15.30 ? 82   GLU A CA  1 
ATOM   553 C C   . GLU A 1 72 ? 7.288   -1.670  -11.111 1.00 16.21 ? 82   GLU A C   1 
ATOM   554 O O   . GLU A 1 72 ? 7.492   -1.042  -12.151 1.00 16.53 ? 82   GLU A O   1 
ATOM   555 C CB  . GLU A 1 72 ? 4.838   -1.762  -10.842 1.00 16.35 ? 82   GLU A CB  1 
ATOM   556 C CG  . GLU A 1 72 ? 4.836   -3.265  -11.115 1.00 18.02 ? 82   GLU A CG  1 
ATOM   557 C CD  . GLU A 1 72 ? 3.529   -3.772  -11.668 1.00 20.70 ? 82   GLU A CD  1 
ATOM   558 O OE1 . GLU A 1 72 ? 2.472   -3.243  -11.269 1.00 22.10 ? 82   GLU A OE1 1 
ATOM   559 O OE2 . GLU A 1 72 ? 3.556   -4.715  -12.489 1.00 19.85 ? 82   GLU A OE2 1 
ATOM   560 N N   . GLY A 1 73 ? 8.024   -2.702  -10.714 1.00 15.82 ? 83   GLY A N   1 
ATOM   561 C CA  . GLY A 1 73 ? 9.130   -3.188  -11.511 1.00 17.92 ? 83   GLY A CA  1 
ATOM   562 C C   . GLY A 1 73 ? 8.780   -4.575  -12.021 1.00 16.49 ? 83   GLY A C   1 
ATOM   563 O O   . GLY A 1 73 ? 7.645   -5.028  -11.881 1.00 18.31 ? 83   GLY A O   1 
ATOM   564 N N   . GLU A 1 74 ? 9.752   -5.261  -12.605 1.00 16.82 ? 84   GLU A N   1 
ATOM   565 C CA  . GLU A 1 74 ? 9.515   -6.595  -13.135 1.00 17.70 ? 84   GLU A CA  1 
ATOM   566 C C   . GLU A 1 74 ? 9.185   -7.644  -12.076 1.00 16.51 ? 84   GLU A C   1 
ATOM   567 O O   . GLU A 1 74 ? 8.357   -8.530  -12.311 1.00 17.60 ? 84   GLU A O   1 
ATOM   568 C CB  . GLU A 1 74 ? 10.731  -7.053  -13.942 1.00 20.91 ? 84   GLU A CB  1 
ATOM   569 C CG  . GLU A 1 74 ? 10.832  -6.381  -15.298 1.00 27.86 ? 84   GLU A CG  1 
ATOM   570 C CD  . GLU A 1 74 ? 12.194  -6.541  -15.933 1.00 32.41 ? 84   GLU A CD  1 
ATOM   571 O OE1 . GLU A 1 74 ? 12.740  -7.664  -15.903 1.00 34.06 ? 84   GLU A OE1 1 
ATOM   572 O OE2 . GLU A 1 74 ? 12.714  -5.541  -16.469 1.00 35.05 ? 84   GLU A OE2 1 
ATOM   573 N N   . THR A 1 75 ? 9.824   -7.543  -10.914 1.00 15.12 ? 85   THR A N   1 
ATOM   574 C CA  . THR A 1 75 ? 9.608   -8.516  -9.850  1.00 15.18 ? 85   THR A CA  1 
ATOM   575 C C   . THR A 1 75 ? 9.250   -7.915  -8.495  1.00 14.91 ? 85   THR A C   1 
ATOM   576 O O   . THR A 1 75 ? 8.818   -8.639  -7.594  1.00 13.96 ? 85   THR A O   1 
ATOM   577 C CB  . THR A 1 75 ? 10.858  -9.393  -9.662  1.00 17.02 ? 85   THR A CB  1 
ATOM   578 O OG1 . THR A 1 75 ? 11.981  -8.564  -9.343  1.00 18.77 ? 85   THR A OG1 1 
ATOM   579 C CG2 . THR A 1 75 ? 11.154  -10.170 -10.938 1.00 19.90 ? 85   THR A CG2 1 
ATOM   580 N N   . HIS A 1 76 ? 9.425   -6.603  -8.351  1.00 13.96 ? 86   HIS A N   1 
ATOM   581 C CA  . HIS A 1 76 ? 9.133   -5.933  -7.083  1.00 14.10 ? 86   HIS A CA  1 
ATOM   582 C C   . HIS A 1 76 ? 8.453   -4.585  -7.252  1.00 13.59 ? 86   HIS A C   1 
ATOM   583 O O   . HIS A 1 76 ? 8.546   -3.951  -8.305  1.00 15.96 ? 86   HIS A O   1 
ATOM   584 C CB  . HIS A 1 76 ? 10.419  -5.625  -6.300  1.00 14.55 ? 86   HIS A CB  1 
ATOM   585 C CG  . HIS A 1 76 ? 11.232  -6.822  -5.929  1.00 16.01 ? 86   HIS A CG  1 
ATOM   586 N ND1 . HIS A 1 76 ? 11.944  -7.554  -6.853  1.00 18.92 ? 86   HIS A ND1 1 
ATOM   587 C CD2 . HIS A 1 76 ? 11.493  -7.378  -4.723  1.00 18.15 ? 86   HIS A CD2 1 
ATOM   588 C CE1 . HIS A 1 76 ? 12.614  -8.510  -6.231  1.00 17.91 ? 86   HIS A CE1 1 
ATOM   589 N NE2 . HIS A 1 76 ? 12.358  -8.424  -4.939  1.00 17.22 ? 86   HIS A NE2 1 
ATOM   590 N N   . LEU A 1 77 ? 7.778   -4.156  -6.191  1.00 13.79 ? 87   LEU A N   1 
ATOM   591 C CA  . LEU A 1 77 ? 7.196   -2.825  -6.144  1.00 13.86 ? 87   LEU A CA  1 
ATOM   592 C C   . LEU A 1 77 ? 8.267   -2.133  -5.303  1.00 14.77 ? 87   LEU A C   1 
ATOM   593 O O   . LEU A 1 77 ? 8.672   -2.651  -4.255  1.00 15.26 ? 87   LEU A O   1 
ATOM   594 C CB  . LEU A 1 77 ? 5.849   -2.818  -5.420  1.00 14.45 ? 87   LEU A CB  1 
ATOM   595 C CG  . LEU A 1 77 ? 4.671   -2.618  -6.377  1.00 18.43 ? 87   LEU A CG  1 
ATOM   596 C CD1 . LEU A 1 77 ? 4.545   -3.835  -7.278  1.00 17.49 ? 87   LEU A CD1 1 
ATOM   597 C CD2 . LEU A 1 77 ? 3.392   -2.399  -5.592  1.00 18.69 ? 87   LEU A CD2 1 
ATOM   598 N N   . ILE A 1 78 ? 8.744   -0.984  -5.767  1.00 13.71 ? 88   ILE A N   1 
ATOM   599 C CA  . ILE A 1 78 ? 9.813   -0.268  -5.083  1.00 14.44 ? 88   ILE A CA  1 
ATOM   600 C C   . ILE A 1 78 ? 9.422   1.134   -4.633  1.00 14.36 ? 88   ILE A C   1 
ATOM   601 O O   . ILE A 1 78 ? 8.811   1.887   -5.390  1.00 15.24 ? 88   ILE A O   1 
ATOM   602 C CB  . ILE A 1 78 ? 11.043  -0.123  -6.016  1.00 16.00 ? 88   ILE A CB  1 
ATOM   603 C CG1 . ILE A 1 78 ? 11.500  -1.499  -6.517  1.00 17.72 ? 88   ILE A CG1 1 
ATOM   604 C CG2 . ILE A 1 78 ? 12.170  0.604   -5.286  1.00 16.88 ? 88   ILE A CG2 1 
ATOM   605 C CD1 . ILE A 1 78 ? 12.166  -2.355  -5.473  1.00 19.96 ? 88   ILE A CD1 1 
ATOM   606 N N   . PHE A 1 79 ? 9.789   1.483   -3.402  1.00 14.26 ? 89   PHE A N   1 
ATOM   607 C CA  . PHE A 1 79 ? 9.519   2.822   -2.880  1.00 13.94 ? 89   PHE A CA  1 
ATOM   608 C C   . PHE A 1 79 ? 10.874  3.521   -2.989  1.00 14.70 ? 89   PHE A C   1 
ATOM   609 O O   . PHE A 1 79 ? 11.766  3.289   -2.172  1.00 14.63 ? 89   PHE A O   1 
ATOM   610 C CB  . PHE A 1 79 ? 9.071   2.755   -1.417  1.00 13.11 ? 89   PHE A CB  1 
ATOM   611 C CG  . PHE A 1 79 ? 8.573   4.067   -0.871  1.00 14.65 ? 89   PHE A CG  1 
ATOM   612 C CD1 . PHE A 1 79 ? 7.304   4.536   -1.197  1.00 15.24 ? 89   PHE A CD1 1 
ATOM   613 C CD2 . PHE A 1 79 ? 9.376   4.834   -0.033  1.00 14.91 ? 89   PHE A CD2 1 
ATOM   614 C CE1 . PHE A 1 79 ? 6.842   5.755   -0.692  1.00 15.19 ? 89   PHE A CE1 1 
ATOM   615 C CE2 . PHE A 1 79 ? 8.927   6.050   0.475   1.00 14.79 ? 89   PHE A CE2 1 
ATOM   616 C CZ  . PHE A 1 79 ? 7.657   6.511   0.146   1.00 16.26 ? 89   PHE A CZ  1 
ATOM   617 N N   . PRO A 1 80 ? 11.048  4.374   -4.013  1.00 14.73 ? 90   PRO A N   1 
ATOM   618 C CA  . PRO A 1 80 ? 12.293  5.112   -4.259  1.00 16.27 ? 90   PRO A CA  1 
ATOM   619 C C   . PRO A 1 80 ? 12.794  5.898   -3.059  1.00 17.68 ? 90   PRO A C   1 
ATOM   620 O O   . PRO A 1 80 ? 12.006  6.333   -2.223  1.00 18.52 ? 90   PRO A O   1 
ATOM   621 C CB  . PRO A 1 80 ? 11.928  6.037   -5.417  1.00 16.95 ? 90   PRO A CB  1 
ATOM   622 C CG  . PRO A 1 80 ? 10.824  5.312   -6.115  1.00 19.03 ? 90   PRO A CG  1 
ATOM   623 C CD  . PRO A 1 80 ? 10.007  4.772   -4.977  1.00 16.16 ? 90   PRO A CD  1 
ATOM   624 N N   . LYS A 1 81 ? 14.108  6.089   -2.981  1.00 19.05 ? 91   LYS A N   1 
ATOM   625 C CA  . LYS A 1 81 ? 14.687  6.850   -1.882  1.00 21.17 ? 91   LYS A CA  1 
ATOM   626 C C   . LYS A 1 81 ? 14.209  8.298   -1.944  1.00 21.73 ? 91   LYS A C   1 
ATOM   627 O O   . LYS A 1 81 ? 14.135  8.978   -0.921  1.00 23.46 ? 91   LYS A O   1 
ATOM   628 C CB  . LYS A 1 81 ? 16.219  6.815   -1.948  1.00 23.65 ? 91   LYS A CB  1 
ATOM   629 C CG  . LYS A 1 81 ? 16.830  5.451   -1.671  1.00 26.47 ? 91   LYS A CG  1 
ATOM   630 C CD  . LYS A 1 81 ? 18.351  5.514   -1.715  1.00 30.61 ? 91   LYS A CD  1 
ATOM   631 C CE  . LYS A 1 81 ? 18.971  4.152   -1.446  1.00 31.73 ? 91   LYS A CE  1 
ATOM   632 N NZ  . LYS A 1 81 ? 20.458  4.193   -1.501  1.00 34.73 ? 91   LYS A NZ  1 
ATOM   633 N N   . LYS A 1 82 ? 13.876  8.759   -3.147  1.00 20.11 ? 92   LYS A N   1 
ATOM   634 C CA  . LYS A 1 82 ? 13.411  10.130  -3.358  1.00 21.30 ? 92   LYS A CA  1 
ATOM   635 C C   . LYS A 1 82 ? 11.932  10.326  -3.032  1.00 22.19 ? 92   LYS A C   1 
ATOM   636 O O   . LYS A 1 82 ? 11.477  11.459  -2.860  1.00 22.98 ? 92   LYS A O   1 
ATOM   637 C CB  . LYS A 1 82 ? 13.637  10.542  -4.812  1.00 24.34 ? 92   LYS A CB  1 
ATOM   638 C CG  . LYS A 1 82 ? 12.806  9.732   -5.794  1.00 25.19 ? 92   LYS A CG  1 
ATOM   639 C CD  . LYS A 1 82 ? 13.037  10.157  -7.230  1.00 29.14 ? 92   LYS A CD  1 
ATOM   640 C CE  . LYS A 1 82 ? 12.278  9.246   -8.183  1.00 31.06 ? 92   LYS A CE  1 
ATOM   641 N NZ  . LYS A 1 82 ? 12.480  9.622   -9.610  1.00 35.03 ? 92   LYS A NZ  1 
ATOM   642 N N   . ALA A 1 83 ? 11.183  9.230   -2.959  1.00 19.72 ? 93   ALA A N   1 
ATOM   643 C CA  . ALA A 1 83 ? 9.752   9.300   -2.685  1.00 20.05 ? 93   ALA A CA  1 
ATOM   644 C C   . ALA A 1 83 ? 9.441   10.017  -1.376  1.00 19.74 ? 93   ALA A C   1 
ATOM   645 O O   . ALA A 1 83 ? 10.110  9.817   -0.369  1.00 20.26 ? 93   ALA A O   1 
ATOM   646 C CB  . ALA A 1 83 ? 9.152   7.896   -2.673  1.00 19.16 ? 93   ALA A CB  1 
ATOM   647 N N   . SER A 1 84 ? 8.406   10.849  -1.408  1.00 19.36 ? 94   SER A N   1 
ATOM   648 C CA  . SER A 1 84 ? 7.983   11.627  -0.251  1.00 19.10 ? 94   SER A CA  1 
ATOM   649 C C   . SER A 1 84 ? 7.354   10.810  0.873   1.00 17.07 ? 94   SER A C   1 
ATOM   650 O O   . SER A 1 84 ? 6.365   10.116  0.660   1.00 16.63 ? 94   SER A O   1 
ATOM   651 C CB  . SER A 1 84 ? 6.980   12.692  -0.695  1.00 19.06 ? 94   SER A CB  1 
ATOM   652 O OG  . SER A 1 84 ? 6.316   13.262  0.416   1.00 21.18 ? 94   SER A OG  1 
ATOM   653 N N   . VAL A 1 85 ? 7.919   10.908  2.071   1.00 17.60 ? 95   VAL A N   1 
ATOM   654 C CA  . VAL A 1 85 ? 7.358   10.187  3.206   1.00 18.86 ? 95   VAL A CA  1 
ATOM   655 C C   . VAL A 1 85 ? 6.057   10.862  3.629   1.00 17.85 ? 95   VAL A C   1 
ATOM   656 O O   . VAL A 1 85 ? 5.174   10.216  4.194   1.00 16.26 ? 95   VAL A O   1 
ATOM   657 C CB  . VAL A 1 85 ? 8.332   10.142  4.399   1.00 22.14 ? 95   VAL A CB  1 
ATOM   658 C CG1 . VAL A 1 85 ? 9.550   9.303   4.035   1.00 24.32 ? 95   VAL A CG1 1 
ATOM   659 C CG2 . VAL A 1 85 ? 8.747   11.542  4.785   1.00 24.65 ? 95   VAL A CG2 1 
ATOM   660 N N   . GLU A 1 86 ? 5.931   12.161  3.353   1.00 18.40 ? 96   GLU A N   1 
ATOM   661 C CA  . GLU A 1 86 ? 4.701   12.872  3.697   1.00 18.59 ? 96   GLU A CA  1 
ATOM   662 C C   . GLU A 1 86 ? 3.551   12.299  2.872   1.00 16.17 ? 96   GLU A C   1 
ATOM   663 O O   . GLU A 1 86 ? 2.454   12.096  3.389   1.00 16.30 ? 96   GLU A O   1 
ATOM   664 C CB  . GLU A 1 86 ? 4.821   14.373  3.408   1.00 21.29 ? 96   GLU A CB  1 
ATOM   665 C CG  . GLU A 1 86 ? 5.889   15.081  4.205   1.00 26.69 ? 96   GLU A CG  1 
ATOM   666 C CD  . GLU A 1 86 ? 7.177   15.248  3.428   1.00 29.10 ? 96   GLU A CD  1 
ATOM   667 O OE1 . GLU A 1 86 ? 7.781   14.226  3.040   1.00 28.87 ? 96   GLU A OE1 1 
ATOM   668 O OE2 . GLU A 1 86 ? 7.581   16.409  3.204   1.00 31.59 ? 96   GLU A OE2 1 
ATOM   669 N N   . GLN A 1 87 ? 3.801   12.048  1.590   1.00 16.36 ? 97   GLN A N   1 
ATOM   670 C CA  . GLN A 1 87 ? 2.776   11.486  0.710   1.00 14.63 ? 97   GLN A CA  1 
ATOM   671 C C   . GLN A 1 87 ? 2.401   10.084  1.185   1.00 14.45 ? 97   GLN A C   1 
ATOM   672 O O   . GLN A 1 87 ? 1.232   9.695   1.152   1.00 13.99 ? 97   GLN A O   1 
ATOM   673 C CB  . GLN A 1 87 ? 3.277   11.426  -0.737  1.00 16.02 ? 97   GLN A CB  1 
ATOM   674 C CG  . GLN A 1 87 ? 2.342   10.696  -1.692  1.00 15.49 ? 97   GLN A CG  1 
ATOM   675 C CD  . GLN A 1 87 ? 1.008   11.400  -1.894  1.00 19.27 ? 97   GLN A CD  1 
ATOM   676 O OE1 . GLN A 1 87 ? 0.075   10.831  -2.464  1.00 21.22 ? 97   GLN A OE1 1 
ATOM   677 N NE2 . GLN A 1 87 ? 0.915   12.643  -1.436  1.00 19.83 ? 97   GLN A NE2 1 
ATOM   678 N N   . LEU A 1 88 ? 3.402   9.333   1.625   1.00 13.89 ? 98   LEU A N   1 
ATOM   679 C CA  . LEU A 1 88 ? 3.190   7.982   2.133   1.00 14.09 ? 98   LEU A CA  1 
ATOM   680 C C   . LEU A 1 88 ? 2.237   8.020   3.333   1.00 14.52 ? 98   LEU A C   1 
ATOM   681 O O   . LEU A 1 88 ? 1.292   7.228   3.422   1.00 14.84 ? 98   LEU A O   1 
ATOM   682 C CB  . LEU A 1 88 ? 4.533   7.376   2.554   1.00 13.70 ? 98   LEU A CB  1 
ATOM   683 C CG  . LEU A 1 88 ? 4.506   6.022   3.271   1.00 13.53 ? 98   LEU A CG  1 
ATOM   684 C CD1 . LEU A 1 88 ? 3.868   4.966   2.378   1.00 14.52 ? 98   LEU A CD1 1 
ATOM   685 C CD2 . LEU A 1 88 ? 5.937   5.626   3.643   1.00 13.61 ? 98   LEU A CD2 1 
ATOM   686 N N   . GLN A 1 89 ? 2.490   8.955   4.243   1.00 15.65 ? 99   GLN A N   1 
ATOM   687 C CA  . GLN A 1 89 ? 1.673   9.119   5.443   1.00 16.34 ? 99   GLN A CA  1 
ATOM   688 C C   . GLN A 1 89 ? 0.261   9.580   5.089   1.00 16.38 ? 99   GLN A C   1 
ATOM   689 O O   . GLN A 1 89 ? -0.707  9.166   5.722   1.00 13.58 ? 99   GLN A O   1 
ATOM   690 C CB  . GLN A 1 89 ? 2.331   10.135  6.384   1.00 19.24 ? 99   GLN A CB  1 
ATOM   691 C CG  . GLN A 1 89 ? 1.563   10.433  7.670   1.00 22.05 ? 99   GLN A CG  1 
ATOM   692 C CD  . GLN A 1 89 ? 1.659   9.328   8.709   1.00 23.61 ? 99   GLN A CD  1 
ATOM   693 O OE1 . GLN A 1 89 ? 2.755   8.915   9.098   1.00 26.58 ? 99   GLN A OE1 1 
ATOM   694 N NE2 . GLN A 1 89 ? 0.509   8.857   9.181   1.00 23.53 ? 99   GLN A NE2 1 
ATOM   695 N N   . LYS A 1 90 ? 0.148   10.431  4.075   1.00 16.05 ? 100  LYS A N   1 
ATOM   696 C CA  . LYS A 1 90 ? -1.157  10.937  3.652   1.00 16.38 ? 100  LYS A CA  1 
ATOM   697 C C   . LYS A 1 90 ? -2.090  9.803   3.231   1.00 15.65 ? 100  LYS A C   1 
ATOM   698 O O   . LYS A 1 90 ? -3.241  9.729   3.667   1.00 16.42 ? 100  LYS A O   1 
ATOM   699 C CB  . LYS A 1 90 ? -0.996  11.919  2.484   1.00 18.12 ? 100  LYS A CB  1 
ATOM   700 C CG  . LYS A 1 90 ? -2.315  12.375  1.886   1.00 23.99 ? 100  LYS A CG  1 
ATOM   701 C CD  . LYS A 1 90 ? -2.124  13.307  0.695   1.00 26.67 ? 100  LYS A CD  1 
ATOM   702 C CE  . LYS A 1 90 ? -3.471  13.663  0.076   1.00 30.48 ? 100  LYS A CE  1 
ATOM   703 N NZ  . LYS A 1 90 ? -3.354  14.613  -1.067  1.00 32.07 ? 100  LYS A NZ  1 
ATOM   704 N N   . ILE A 1 91 ? -1.585  8.915   2.381   1.00 14.25 ? 101  ILE A N   1 
ATOM   705 C CA  . ILE A 1 91 ? -2.383  7.798   1.896   1.00 13.98 ? 101  ILE A CA  1 
ATOM   706 C C   . ILE A 1 91 ? -2.626  6.792   3.018   1.00 13.52 ? 101  ILE A C   1 
ATOM   707 O O   . ILE A 1 91 ? -3.699  6.192   3.110   1.00 12.31 ? 101  ILE A O   1 
ATOM   708 C CB  . ILE A 1 91 ? -1.679  7.122   0.694   1.00 14.83 ? 101  ILE A CB  1 
ATOM   709 C CG1 . ILE A 1 91 ? -1.416  8.170   -0.396  1.00 15.72 ? 101  ILE A CG1 1 
ATOM   710 C CG2 . ILE A 1 91 ? -2.530  5.987   0.152   1.00 14.09 ? 101  ILE A CG2 1 
ATOM   711 C CD1 . ILE A 1 91 ? -2.659  8.952   -0.828  1.00 16.74 ? 101  ILE A CD1 1 
ATOM   712 N N   . ARG A 1 92 ? -1.631  6.631   3.881   1.00 12.58 ? 102  ARG A N   1 
ATOM   713 C CA  . ARG A 1 92 ? -1.739  5.727   5.017   1.00 13.20 ? 102  ARG A CA  1 
ATOM   714 C C   . ARG A 1 92 ? -2.950  6.143   5.858   1.00 15.31 ? 102  ARG A C   1 
ATOM   715 O O   . ARG A 1 92 ? -3.776  5.303   6.231   1.00 14.21 ? 102  ARG A O   1 
ATOM   716 C CB  . ARG A 1 92 ? -0.444  5.797   5.842   1.00 15.49 ? 102  ARG A CB  1 
ATOM   717 C CG  . ARG A 1 92 ? -0.263  4.704   6.890   1.00 16.72 ? 102  ARG A CG  1 
ATOM   718 C CD  . ARG A 1 92 ? -0.980  5.021   8.189   1.00 17.90 ? 102  ARG A CD  1 
ATOM   719 N NE  . ARG A 1 92 ? -0.758  3.967   9.179   1.00 19.28 ? 102  ARG A NE  1 
ATOM   720 C CZ  . ARG A 1 92 ? -1.554  3.730   10.216  1.00 19.91 ? 102  ARG A CZ  1 
ATOM   721 N NH1 . ARG A 1 92 ? -2.637  4.476   10.412  1.00 20.97 ? 102  ARG A NH1 1 
ATOM   722 N NH2 . ARG A 1 92 ? -1.279  2.734   11.047  1.00 21.53 ? 102  ARG A NH2 1 
ATOM   723 N N   . ASP A 1 93 ? -3.065  7.441   6.136   1.00 13.93 ? 103  ASP A N   1 
ATOM   724 C CA  . ASP A 1 93 ? -4.183  7.954   6.928   1.00 16.34 ? 103  ASP A CA  1 
ATOM   725 C C   . ASP A 1 93 ? -5.526  7.783   6.226   1.00 14.71 ? 103  ASP A C   1 
ATOM   726 O O   . ASP A 1 93 ? -6.519  7.426   6.863   1.00 15.73 ? 103  ASP A O   1 
ATOM   727 C CB  . ASP A 1 93 ? -4.000  9.445   7.247   1.00 19.37 ? 103  ASP A CB  1 
ATOM   728 C CG  . ASP A 1 93 ? -2.880  9.712   8.238   1.00 23.26 ? 103  ASP A CG  1 
ATOM   729 O OD1 . ASP A 1 93 ? -2.430  8.771   8.920   1.00 24.19 ? 103  ASP A OD1 1 
ATOM   730 O OD2 . ASP A 1 93 ? -2.464  10.887  8.341   1.00 27.53 ? 103  ASP A OD2 1 
ATOM   731 N N   . LEU A 1 94 ? -5.561  8.043   4.921   1.00 13.05 ? 104  LEU A N   1 
ATOM   732 C CA  . LEU A 1 94 ? -6.808  7.929   4.167   1.00 14.53 ? 104  LEU A CA  1 
ATOM   733 C C   . LEU A 1 94 ? -7.335  6.501   4.137   1.00 13.59 ? 104  LEU A C   1 
ATOM   734 O O   . LEU A 1 94 ? -8.536  6.273   3.998   1.00 12.97 ? 104  LEU A O   1 
ATOM   735 C CB  . LEU A 1 94 ? -6.618  8.473   2.750   1.00 15.62 ? 104  LEU A CB  1 
ATOM   736 C CG  . LEU A 1 94 ? -6.403  9.991   2.708   1.00 16.07 ? 104  LEU A CG  1 
ATOM   737 C CD1 . LEU A 1 94 ? -6.107  10.433  1.280   1.00 17.59 ? 104  LEU A CD1 1 
ATOM   738 C CD2 . LEU A 1 94 ? -7.644  10.703  3.249   1.00 16.47 ? 104  LEU A CD2 1 
ATOM   739 N N   . ILE A 1 95 ? -6.430  5.537   4.264   1.00 13.23 ? 105  ILE A N   1 
ATOM   740 C CA  . ILE A 1 95 ? -6.829  4.135   4.300   1.00 12.26 ? 105  ILE A CA  1 
ATOM   741 C C   . ILE A 1 95 ? -7.337  3.813   5.704   1.00 12.70 ? 105  ILE A C   1 
ATOM   742 O O   . ILE A 1 95 ? -8.413  3.239   5.877   1.00 12.79 ? 105  ILE A O   1 
ATOM   743 C CB  . ILE A 1 95 ? -5.639  3.202   3.994   1.00 12.02 ? 105  ILE A CB  1 
ATOM   744 C CG1 . ILE A 1 95 ? -5.221  3.353   2.532   1.00 11.92 ? 105  ILE A CG1 1 
ATOM   745 C CG2 . ILE A 1 95 ? -6.016  1.749   4.297   1.00 12.73 ? 105  ILE A CG2 1 
ATOM   746 C CD1 . ILE A 1 95 ? -3.863  2.761   2.233   1.00 12.95 ? 105  ILE A CD1 1 
ATOM   747 N N   . ALA A 1 96 ? -6.558  4.205   6.706   1.00 13.32 ? 106  ALA A N   1 
ATOM   748 C CA  . ALA A 1 96 ? -6.889  3.935   8.100   1.00 13.98 ? 106  ALA A CA  1 
ATOM   749 C C   . ALA A 1 96 ? -8.264  4.418   8.555   1.00 13.39 ? 106  ALA A C   1 
ATOM   750 O O   . ALA A 1 96 ? -8.966  3.707   9.274   1.00 14.40 ? 106  ALA A O   1 
ATOM   751 C CB  . ALA A 1 96 ? -5.809  4.521   9.005   1.00 14.20 ? 106  ALA A CB  1 
ATOM   752 N N   . ILE A 1 97 ? -8.658  5.614   8.136   1.00 14.38 ? 107  ILE A N   1 
ATOM   753 C CA  . ILE A 1 97 ? -9.949  6.144   8.558   1.00 14.72 ? 107  ILE A CA  1 
ATOM   754 C C   . ILE A 1 97 ? -11.144 5.404   7.966   1.00 16.01 ? 107  ILE A C   1 
ATOM   755 O O   . ILE A 1 97 ? -12.281 5.649   8.374   1.00 16.76 ? 107  ILE A O   1 
ATOM   756 C CB  . ILE A 1 97 ? -10.092 7.653   8.224   1.00 14.86 ? 107  ILE A CB  1 
ATOM   757 C CG1 . ILE A 1 97 ? -10.046 7.861   6.709   1.00 16.39 ? 107  ILE A CG1 1 
ATOM   758 C CG2 . ILE A 1 97 ? -8.996  8.446   8.930   1.00 16.44 ? 107  ILE A CG2 1 
ATOM   759 C CD1 . ILE A 1 97 ? -10.406 9.260   6.265   1.00 16.72 ? 107  ILE A CD1 1 
ATOM   760 N N   . GLU A 1 98 ? -10.902 4.497   7.020   1.00 15.28 ? 108  GLU A N   1 
ATOM   761 C CA  . GLU A 1 98 ? -12.001 3.758   6.399   1.00 16.37 ? 108  GLU A CA  1 
ATOM   762 C C   . GLU A 1 98 ? -12.202 2.356   6.976   1.00 16.60 ? 108  GLU A C   1 
ATOM   763 O O   . GLU A 1 98 ? -13.145 1.661   6.597   1.00 17.37 ? 108  GLU A O   1 
ATOM   764 C CB  . GLU A 1 98 ? -11.794 3.645   4.885   1.00 17.72 ? 108  GLU A CB  1 
ATOM   765 C CG  . GLU A 1 98 ? -11.723 4.966   4.137   1.00 19.31 ? 108  GLU A CG  1 
ATOM   766 C CD  . GLU A 1 98 ? -12.943 5.855   4.345   1.00 22.37 ? 108  GLU A CD  1 
ATOM   767 O OE1 . GLU A 1 98 ? -14.043 5.328   4.612   1.00 23.39 ? 108  GLU A OE1 1 
ATOM   768 O OE2 . GLU A 1 98 ? -12.800 7.090   4.220   1.00 22.80 ? 108  GLU A OE2 1 
ATOM   769 N N   . ARG A 1 99 ? -11.324 1.940   7.884   1.00 16.15 ? 109  ARG A N   1 
ATOM   770 C CA  . ARG A 1 99 ? -11.444 0.615   8.488   1.00 16.88 ? 109  ARG A CA  1 
ATOM   771 C C   . ARG A 1 99 ? -12.537 0.605   9.553   1.00 18.81 ? 109  ARG A C   1 
ATOM   772 O O   . ARG A 1 99 ? -13.036 1.700   9.892   1.00 18.43 ? 109  ARG A O   1 
ATOM   773 C CB  . ARG A 1 99 ? -10.114 0.186   9.121   1.00 17.34 ? 109  ARG A CB  1 
ATOM   774 C CG  . ARG A 1 99 ? -8.937  0.193   8.156   1.00 20.26 ? 109  ARG A CG  1 
ATOM   775 C CD  . ARG A 1 99 ? -7.739  -0.555  8.721   1.00 22.69 ? 109  ARG A CD  1 
ATOM   776 N NE  . ARG A 1 99 ? -7.794  -1.980  8.399   1.00 28.33 ? 109  ARG A NE  1 
ATOM   777 C CZ  . ARG A 1 99 ? -7.736  -2.956  9.298   1.00 26.14 ? 109  ARG A CZ  1 
ATOM   778 N NH1 . ARG A 1 99 ? -7.622  -2.670  10.587  1.00 29.42 ? 109  ARG A NH1 1 
ATOM   779 N NH2 . ARG A 1 99 ? -7.794  -4.221  8.907   1.00 30.53 ? 109  ARG A NH2 1 
ATOM   780 O OXT . ARG A 1 99 ? -12.876 -0.497  10.042  1.00 18.81 ? 109  ARG A OXT 1 
HETATM 781 C C1  . GOL B 2 .  ? -14.563 0.514   3.829   1.00 46.24 ? 1110 GOL A C1  1 
HETATM 782 O O1  . GOL B 2 .  ? -14.905 1.290   2.592   1.00 46.75 ? 1110 GOL A O1  1 
HETATM 783 C C2  . GOL B 2 .  ? -15.507 -0.643  3.994   1.00 46.65 ? 1110 GOL A C2  1 
HETATM 784 O O2  . GOL B 2 .  ? -16.829 -0.025  4.343   1.00 46.82 ? 1110 GOL A O2  1 
HETATM 785 C C3  . GOL B 2 .  ? -15.263 -1.673  5.061   1.00 46.59 ? 1110 GOL A C3  1 
HETATM 786 O O3  . GOL B 2 .  ? -15.045 -1.007  6.391   1.00 47.17 ? 1110 GOL A O3  1 
HETATM 787 C C1  . GOL C 2 .  ? -1.522  1.280   -13.481 1.00 53.65 ? 1111 GOL A C1  1 
HETATM 788 O O1  . GOL C 2 .  ? -1.754  1.700   -14.901 1.00 53.70 ? 1111 GOL A O1  1 
HETATM 789 C C2  . GOL C 2 .  ? -2.752  0.619   -12.934 1.00 53.54 ? 1111 GOL A C2  1 
HETATM 790 O O2  . GOL C 2 .  ? -3.778  1.714   -12.849 1.00 54.35 ? 1111 GOL A O2  1 
HETATM 791 C C3  . GOL C 2 .  ? -2.727  0.001   -11.567 1.00 53.45 ? 1111 GOL A C3  1 
HETATM 792 O O3  . GOL C 2 .  ? -1.913  -1.261  -11.584 1.00 52.84 ? 1111 GOL A O3  1 
HETATM 793 C C1  . GOL D 2 .  ? -7.647  -6.246  -8.914  1.00 48.28 ? 1112 GOL A C1  1 
HETATM 794 O O1  . GOL D 2 .  ? -8.410  -5.302  -9.798  1.00 47.70 ? 1112 GOL A O1  1 
HETATM 795 C C2  . GOL D 2 .  ? -7.110  -7.402  -9.710  1.00 48.23 ? 1112 GOL A C2  1 
HETATM 796 O O2  . GOL D 2 .  ? -6.070  -6.813  -10.617 1.00 47.43 ? 1112 GOL A O2  1 
HETATM 797 C C3  . GOL D 2 .  ? -8.014  -8.196  -10.607 1.00 48.46 ? 1112 GOL A C3  1 
HETATM 798 O O3  . GOL D 2 .  ? -7.367  -9.503  -10.951 1.00 49.00 ? 1112 GOL A O3  1 
HETATM 799 O O   . HOH E 3 .  ? 0.377   3.729   -11.849 1.00 47.05 ? 2001 HOH A O   1 
HETATM 800 O O   . HOH E 3 .  ? -11.255 10.659  2.623   1.00 24.51 ? 2002 HOH A O   1 
HETATM 801 O O   . HOH E 3 .  ? -11.277 10.182  -4.910  1.00 42.46 ? 2003 HOH A O   1 
HETATM 802 O O   . HOH E 3 .  ? -14.088 11.098  3.074   1.00 37.02 ? 2004 HOH A O   1 
HETATM 803 O O   . HOH E 3 .  ? -11.576 5.813   -7.710  1.00 32.99 ? 2005 HOH A O   1 
HETATM 804 O O   . HOH E 3 .  ? -12.338 9.050   -7.140  1.00 48.68 ? 2006 HOH A O   1 
HETATM 805 O O   . HOH E 3 .  ? -7.237  4.763   -8.700  1.00 35.84 ? 2007 HOH A O   1 
HETATM 806 O O   . HOH E 3 .  ? -9.819  5.505   -9.918  1.00 36.80 ? 2008 HOH A O   1 
HETATM 807 O O   . HOH E 3 .  ? -15.978 3.884   -3.514  1.00 37.63 ? 2009 HOH A O   1 
HETATM 808 O O   . HOH E 3 .  ? -14.079 5.189   -7.723  1.00 50.95 ? 2010 HOH A O   1 
HETATM 809 O O   . HOH E 3 .  ? -16.274 -7.459  -4.303  1.00 31.53 ? 2011 HOH A O   1 
HETATM 810 O O   . HOH E 3 .  ? -12.656 -9.192  8.817   1.00 40.19 ? 2012 HOH A O   1 
HETATM 811 O O   . HOH E 3 .  ? -5.826  -9.753  7.890   1.00 30.55 ? 2013 HOH A O   1 
HETATM 812 O O   . HOH E 3 .  ? -14.423 -7.486  -2.416  1.00 20.51 ? 2014 HOH A O   1 
HETATM 813 O O   . HOH E 3 .  ? -11.667 -6.947  -5.580  1.00 26.36 ? 2015 HOH A O   1 
HETATM 814 O O   . HOH E 3 .  ? -14.779 -10.082 1.989   1.00 28.22 ? 2016 HOH A O   1 
HETATM 815 O O   . HOH E 3 .  ? -10.448 -9.569  7.286   1.00 28.33 ? 2017 HOH A O   1 
HETATM 816 O O   . HOH E 3 .  ? 4.116   -6.813  11.012  1.00 38.05 ? 2018 HOH A O   1 
HETATM 817 O O   . HOH E 3 .  ? 16.427  1.733   -0.760  1.00 35.61 ? 2019 HOH A O   1 
HETATM 818 O O   . HOH E 3 .  ? 11.584  -8.187  3.677   1.00 46.62 ? 2020 HOH A O   1 
HETATM 819 O O   . HOH E 3 .  ? -6.787  -12.039 6.678   1.00 38.27 ? 2021 HOH A O   1 
HETATM 820 O O   . HOH E 3 .  ? -3.664  -8.746  5.970   1.00 17.38 ? 2022 HOH A O   1 
HETATM 821 O O   . HOH E 3 .  ? -7.480  -13.553 0.667   1.00 49.72 ? 2023 HOH A O   1 
HETATM 822 O O   . HOH E 3 .  ? -8.260  -8.341  8.405   1.00 30.12 ? 2024 HOH A O   1 
HETATM 823 O O   . HOH E 3 .  ? 4.553   -13.449 -9.485  1.00 48.79 ? 2025 HOH A O   1 
HETATM 824 O O   . HOH E 3 .  ? -1.678  -2.954  9.894   1.00 19.31 ? 2026 HOH A O   1 
HETATM 825 O O   . HOH E 3 .  ? -3.977  -11.965 -9.508  1.00 39.39 ? 2027 HOH A O   1 
HETATM 826 O O   . HOH E 3 .  ? -0.885  -4.804  11.568  1.00 41.88 ? 2028 HOH A O   1 
HETATM 827 O O   . HOH E 3 .  ? 2.084   -2.826  11.481  1.00 40.51 ? 2029 HOH A O   1 
HETATM 828 O O   . HOH E 3 .  ? 4.620   -9.087  2.533   1.00 20.29 ? 2030 HOH A O   1 
HETATM 829 O O   . HOH E 3 .  ? -0.551  6.873   -8.588  1.00 38.25 ? 2031 HOH A O   1 
HETATM 830 O O   . HOH E 3 .  ? 5.601   7.943   -8.050  1.00 38.08 ? 2032 HOH A O   1 
HETATM 831 O O   . HOH E 3 .  ? 3.107   4.696   11.213  1.00 26.78 ? 2033 HOH A O   1 
HETATM 832 O O   . HOH E 3 .  ? 5.248   3.187   11.923  1.00 34.86 ? 2034 HOH A O   1 
HETATM 833 O O   . HOH E 3 .  ? 0.253   -1.154  10.823  1.00 32.51 ? 2035 HOH A O   1 
HETATM 834 O O   . HOH E 3 .  ? 1.953   0.770   13.298  1.00 41.37 ? 2036 HOH A O   1 
HETATM 835 O O   . HOH E 3 .  ? -5.217  12.099  -6.087  1.00 46.85 ? 2037 HOH A O   1 
HETATM 836 O O   . HOH E 3 .  ? 5.375   10.393  -4.069  1.00 39.63 ? 2038 HOH A O   1 
HETATM 837 O O   . HOH E 3 .  ? 5.923   -6.366  9.094   1.00 37.20 ? 2039 HOH A O   1 
HETATM 838 O O   . HOH E 3 .  ? 7.566   -4.041  4.652   1.00 24.37 ? 2040 HOH A O   1 
HETATM 839 O O   . HOH E 3 .  ? 4.520   -2.250  10.707  1.00 36.28 ? 2041 HOH A O   1 
HETATM 840 O O   . HOH E 3 .  ? 2.231   1.401   -12.505 1.00 31.51 ? 2042 HOH A O   1 
HETATM 841 O O   . HOH E 3 .  ? 7.040   -12.327 -9.902  1.00 37.47 ? 2043 HOH A O   1 
HETATM 842 O O   . HOH E 3 .  ? 8.161   6.863   12.673  1.00 34.05 ? 2044 HOH A O   1 
HETATM 843 O O   . HOH E 3 .  ? 14.317  5.315   12.108  1.00 27.10 ? 2045 HOH A O   1 
HETATM 844 O O   . HOH E 3 .  ? 10.864  5.154   14.259  1.00 38.67 ? 2046 HOH A O   1 
HETATM 845 O O   . HOH E 3 .  ? 10.311  -0.732  10.574  1.00 46.44 ? 2047 HOH A O   1 
HETATM 846 O O   . HOH E 3 .  ? 4.093   12.456  7.202   1.00 33.23 ? 2048 HOH A O   1 
HETATM 847 O O   . HOH E 3 .  ? 16.373  5.092   2.324   1.00 29.36 ? 2049 HOH A O   1 
HETATM 848 O O   . HOH E 3 .  ? 18.785  5.447   9.685   1.00 50.14 ? 2050 HOH A O   1 
HETATM 849 O O   . HOH E 3 .  ? 15.841  4.036   9.484   1.00 39.43 ? 2051 HOH A O   1 
HETATM 850 O O   . HOH E 3 .  ? 18.938  4.441   2.823   1.00 48.26 ? 2052 HOH A O   1 
HETATM 851 O O   . HOH E 3 .  ? 18.186  -4.233  5.586   1.00 49.32 ? 2053 HOH A O   1 
HETATM 852 O O   . HOH E 3 .  ? 15.242  -1.541  10.636  1.00 47.99 ? 2054 HOH A O   1 
HETATM 853 O O   . HOH E 3 .  ? 12.714  2.248   4.445   1.00 18.91 ? 2055 HOH A O   1 
HETATM 854 O O   . HOH E 3 .  ? 22.446  -2.776  3.097   1.00 44.97 ? 2056 HOH A O   1 
HETATM 855 O O   . HOH E 3 .  ? 19.345  -0.321  3.885   1.00 34.44 ? 2057 HOH A O   1 
HETATM 856 O O   . HOH E 3 .  ? 16.926  2.683   1.564   1.00 41.17 ? 2058 HOH A O   1 
HETATM 857 O O   . HOH E 3 .  ? 19.482  1.477   1.173   1.00 46.35 ? 2059 HOH A O   1 
HETATM 858 O O   . HOH E 3 .  ? 12.248  -6.757  1.512   1.00 35.36 ? 2060 HOH A O   1 
HETATM 859 O O   . HOH E 3 .  ? 7.074   -1.776  3.366   1.00 20.25 ? 2061 HOH A O   1 
HETATM 860 O O   . HOH E 3 .  ? 13.981  -0.749  -2.535  1.00 31.26 ? 2062 HOH A O   1 
HETATM 861 O O   . HOH E 3 .  ? 11.655  -7.779  -0.827  1.00 35.10 ? 2063 HOH A O   1 
HETATM 862 O O   . HOH E 3 .  ? 8.587   -5.976  1.977   1.00 30.51 ? 2064 HOH A O   1 
HETATM 863 O O   . HOH E 3 .  ? 8.848   -9.035  -0.293  1.00 20.37 ? 2065 HOH A O   1 
HETATM 864 O O   . HOH E 3 .  ? 10.024  -13.355 -7.249  1.00 31.30 ? 2066 HOH A O   1 
HETATM 865 O O   . HOH E 3 .  ? 9.104   -12.404 -0.161  1.00 34.57 ? 2067 HOH A O   1 
HETATM 866 O O   . HOH E 3 .  ? 7.065   -16.481 -1.945  1.00 17.26 ? 2068 HOH A O   1 
HETATM 867 O O   . HOH E 3 .  ? 2.366   -12.917 -8.082  1.00 31.88 ? 2069 HOH A O   1 
HETATM 868 O O   . HOH E 3 .  ? 4.472   -16.492 -5.596  1.00 41.00 ? 2070 HOH A O   1 
HETATM 869 O O   . HOH E 3 .  ? 7.251   -8.495  1.854   1.00 26.03 ? 2071 HOH A O   1 
HETATM 870 O O   . HOH E 3 .  ? 6.078   -12.319 3.818   1.00 24.45 ? 2072 HOH A O   1 
HETATM 871 O O   . HOH E 3 .  ? 3.955   -12.745 2.625   1.00 34.83 ? 2073 HOH A O   1 
HETATM 872 O O   . HOH E 3 .  ? -2.957  -13.500 -7.158  1.00 36.58 ? 2074 HOH A O   1 
HETATM 873 O O   . HOH E 3 .  ? -7.706  -11.985 -2.109  1.00 48.66 ? 2075 HOH A O   1 
HETATM 874 O O   . HOH E 3 .  ? -7.590  -9.129  0.566   1.00 24.47 ? 2076 HOH A O   1 
HETATM 875 O O   . HOH E 3 .  ? -1.485  -7.943  7.392   1.00 36.09 ? 2077 HOH A O   1 
HETATM 876 O O   . HOH E 3 .  ? -3.774  -5.309  -8.839  1.00 26.26 ? 2078 HOH A O   1 
HETATM 877 O O   . HOH E 3 .  ? -11.094 -9.509  -5.210  1.00 49.09 ? 2079 HOH A O   1 
HETATM 878 O O   . HOH E 3 .  ? -9.652  -10.947 -8.418  1.00 42.03 ? 2080 HOH A O   1 
HETATM 879 O O   . HOH E 3 .  ? -5.060  -3.721  -7.069  1.00 18.88 ? 2081 HOH A O   1 
HETATM 880 O O   . HOH E 3 .  ? -14.167 1.948   -11.494 1.00 48.07 ? 2082 HOH A O   1 
HETATM 881 O O   . HOH E 3 .  ? -15.725 -4.472  -7.429  1.00 45.87 ? 2083 HOH A O   1 
HETATM 882 O O   . HOH E 3 .  ? -5.828  0.234   -12.143 1.00 29.04 ? 2084 HOH A O   1 
HETATM 883 O O   . HOH E 3 .  ? -2.741  4.835   -8.133  1.00 25.59 ? 2085 HOH A O   1 
HETATM 884 O O   . HOH E 3 .  ? -7.908  -2.195  -9.165  1.00 26.30 ? 2086 HOH A O   1 
HETATM 885 O O   . HOH E 3 .  ? 2.221   8.139   -7.600  1.00 44.84 ? 2087 HOH A O   1 
HETATM 886 O O   . HOH E 3 .  ? -5.085  6.307   -8.066  1.00 24.66 ? 2088 HOH A O   1 
HETATM 887 O O   . HOH E 3 .  ? -4.614  10.741  -3.619  1.00 38.94 ? 2089 HOH A O   1 
HETATM 888 O O   . HOH E 3 .  ? 5.684   9.086   -1.745  1.00 20.83 ? 2090 HOH A O   1 
HETATM 889 O O   . HOH E 3 .  ? 7.518   7.493   -6.478  1.00 26.75 ? 2091 HOH A O   1 
HETATM 890 O O   . HOH E 3 .  ? 3.888   5.679   -7.858  1.00 22.64 ? 2092 HOH A O   1 
HETATM 891 O O   . HOH E 3 .  ? 4.545   1.900   -11.356 1.00 23.35 ? 2093 HOH A O   1 
HETATM 892 O O   . HOH E 3 .  ? 7.318   1.585   -12.955 1.00 40.48 ? 2094 HOH A O   1 
HETATM 893 O O   . HOH E 3 .  ? 14.775  -4.168  -17.185 1.00 26.82 ? 2095 HOH A O   1 
HETATM 894 O O   . HOH E 3 .  ? 14.510  -6.463  -14.141 1.00 44.34 ? 2096 HOH A O   1 
HETATM 895 O O   . HOH E 3 .  ? 11.928  -10.107 -15.613 1.00 45.24 ? 2097 HOH A O   1 
HETATM 896 O O   . HOH E 3 .  ? 4.875   -9.255  -12.080 1.00 36.43 ? 2098 HOH A O   1 
HETATM 897 O O   . HOH E 3 .  ? 6.808   -8.758  -14.558 1.00 27.34 ? 2099 HOH A O   1 
HETATM 898 O O   . HOH E 3 .  ? 13.644  -7.458  -11.132 1.00 38.99 ? 2100 HOH A O   1 
HETATM 899 O O   . HOH E 3 .  ? 8.252   -11.384 -7.677  1.00 17.10 ? 2101 HOH A O   1 
HETATM 900 O O   . HOH E 3 .  ? 15.439  -7.687  -8.869  1.00 37.84 ? 2102 HOH A O   1 
HETATM 901 O O   . HOH E 3 .  ? 14.681  -5.435  -6.033  1.00 45.42 ? 2103 HOH A O   1 
HETATM 902 O O   . HOH E 3 .  ? 13.493  -9.612  -2.391  1.00 45.66 ? 2104 HOH A O   1 
HETATM 903 O O   . HOH E 3 .  ? 14.343  2.106   -2.373  1.00 24.26 ? 2105 HOH A O   1 
HETATM 904 O O   . HOH E 3 .  ? 20.911  6.155   -3.231  1.00 34.21 ? 2106 HOH A O   1 
HETATM 905 O O   . HOH E 3 .  ? 11.413  13.934  -4.685  1.00 46.98 ? 2107 HOH A O   1 
HETATM 906 O O   . HOH E 3 .  ? 9.704   13.484  -2.803  1.00 42.23 ? 2108 HOH A O   1 
HETATM 907 O O   . HOH E 3 .  ? 11.974  8.330   0.657   1.00 29.31 ? 2109 HOH A O   1 
HETATM 908 O O   . HOH E 3 .  ? 10.675  11.675  1.752   1.00 30.13 ? 2110 HOH A O   1 
HETATM 909 O O   . HOH E 3 .  ? 4.590   15.399  -0.722  1.00 52.01 ? 2111 HOH A O   1 
HETATM 910 O O   . HOH E 3 .  ? 7.551   11.821  -4.014  1.00 34.49 ? 2112 HOH A O   1 
HETATM 911 O O   . HOH E 3 .  ? 7.460   19.469  2.280   1.00 48.63 ? 2113 HOH A O   1 
HETATM 912 O O   . HOH E 3 .  ? 1.812   13.755  5.691   1.00 40.36 ? 2114 HOH A O   1 
HETATM 913 O O   . HOH E 3 .  ? 6.603   17.979  5.076   1.00 43.85 ? 2115 HOH A O   1 
HETATM 914 O O   . HOH E 3 .  ? 2.014   14.796  -0.098  1.00 42.70 ? 2116 HOH A O   1 
HETATM 915 O O   . HOH E 3 .  ? -2.389  12.225  -3.134  1.00 32.95 ? 2117 HOH A O   1 
HETATM 916 O O   . HOH E 3 .  ? 5.018   10.395  9.285   1.00 29.12 ? 2118 HOH A O   1 
HETATM 917 O O   . HOH E 3 .  ? 3.822   7.230   11.361  1.00 36.98 ? 2119 HOH A O   1 
HETATM 918 O O   . HOH E 3 .  ? 0.331   6.972   11.677  1.00 40.68 ? 2120 HOH A O   1 
HETATM 919 O O   . HOH E 3 .  ? -0.926  14.525  -2.031  1.00 48.39 ? 2121 HOH A O   1 
HETATM 920 O O   . HOH E 3 .  ? -0.411  12.936  8.453   1.00 35.57 ? 2122 HOH A O   1 
HETATM 921 O O   . HOH E 3 .  ? -8.546  2.546   11.709  1.00 42.15 ? 2123 HOH A O   1 
HETATM 922 O O   . HOH E 3 .  ? -13.158 7.853   10.291  1.00 27.93 ? 2124 HOH A O   1 
HETATM 923 O O   . HOH E 3 .  ? -16.462 6.550   5.686   1.00 45.87 ? 2125 HOH A O   1 
HETATM 924 O O   . HOH E 3 .  ? -14.280 8.992   5.291   1.00 45.09 ? 2126 HOH A O   1 
HETATM 925 O O   . HOH E 3 .  ? -11.288 3.464   10.911  1.00 23.65 ? 2127 HOH A O   1 
HETATM 926 O O   . HOH E 3 .  ? -8.326  -6.472  10.375  1.00 35.51 ? 2128 HOH A O   1 
HETATM 927 O O   . HOH E 3 .  ? -4.354  -2.347  10.693  1.00 27.24 ? 2129 HOH A O   1 
HETATM 928 O O   . HOH E 3 .  ? -12.454 -3.011  11.223  1.00 43.81 ? 2130 HOH A O   1 
HETATM 929 O O   . HOH E 3 .  ? -14.612 -2.783  8.425   1.00 48.09 ? 2131 HOH A O   1 
HETATM 930 O O   . HOH E 3 .  ? -1.776  -3.609  -10.099 1.00 33.51 ? 2132 HOH A O   1 
HETATM 931 O O   . HOH E 3 .  ? -2.284  3.598   -10.638 1.00 34.39 ? 2133 HOH A O   1 
HETATM 932 O O   . HOH E 3 .  ? -9.171  -3.154  -11.126 1.00 40.86 ? 2134 HOH A O   1 
# 
